data_1IIB
# 
_entry.id   1IIB 
# 
_audit_conform.dict_name       mmcif_pdbx.dic 
_audit_conform.dict_version    5.386 
_audit_conform.dict_location   http://mmcif.pdb.org/dictionaries/ascii/mmcif_pdbx.dic 
# 
loop_
_database_2.database_id 
_database_2.database_code 
_database_2.pdbx_database_accession 
_database_2.pdbx_DOI 
PDB   1IIB         pdb_00001iib 10.2210/pdb1iib/pdb 
WWPDB D_1000174166 ?            ?                   
# 
loop_
_pdbx_audit_revision_history.ordinal 
_pdbx_audit_revision_history.data_content_type 
_pdbx_audit_revision_history.major_revision 
_pdbx_audit_revision_history.minor_revision 
_pdbx_audit_revision_history.revision_date 
1 'Structure model' 1 0 1997-12-24 
2 'Structure model' 1 1 2008-03-05 
3 'Structure model' 1 2 2011-07-13 
4 'Structure model' 1 3 2021-11-03 
5 'Structure model' 1 4 2024-02-07 
# 
_pdbx_audit_revision_details.ordinal             1 
_pdbx_audit_revision_details.revision_ordinal    1 
_pdbx_audit_revision_details.data_content_type   'Structure model' 
_pdbx_audit_revision_details.provider            repository 
_pdbx_audit_revision_details.type                'Initial release' 
_pdbx_audit_revision_details.description         ? 
_pdbx_audit_revision_details.details             ? 
# 
loop_
_pdbx_audit_revision_group.ordinal 
_pdbx_audit_revision_group.revision_ordinal 
_pdbx_audit_revision_group.data_content_type 
_pdbx_audit_revision_group.group 
1 2 'Structure model' 'Version format compliance' 
2 3 'Structure model' 'Source and taxonomy'       
3 3 'Structure model' 'Version format compliance' 
4 4 'Structure model' 'Data collection'           
5 4 'Structure model' 'Database references'       
6 4 'Structure model' Other                       
7 5 'Structure model' 'Data collection'           
# 
loop_
_pdbx_audit_revision_category.ordinal 
_pdbx_audit_revision_category.revision_ordinal 
_pdbx_audit_revision_category.data_content_type 
_pdbx_audit_revision_category.category 
1 4 'Structure model' database_2           
2 4 'Structure model' diffrn_source        
3 4 'Structure model' pdbx_database_status 
4 4 'Structure model' struct_ref_seq_dif   
5 5 'Structure model' chem_comp_atom       
6 5 'Structure model' chem_comp_bond       
# 
loop_
_pdbx_audit_revision_item.ordinal 
_pdbx_audit_revision_item.revision_ordinal 
_pdbx_audit_revision_item.data_content_type 
_pdbx_audit_revision_item.item 
1 4 'Structure model' '_database_2.pdbx_DOI'                 
2 4 'Structure model' '_database_2.pdbx_database_accession'  
3 4 'Structure model' '_diffrn_source.pdbx_synchrotron_site' 
4 4 'Structure model' '_pdbx_database_status.process_site'   
5 4 'Structure model' '_struct_ref_seq_dif.details'          
# 
_pdbx_database_status.status_code                     REL 
_pdbx_database_status.entry_id                        1IIB 
_pdbx_database_status.recvd_initial_deposition_date   1996-12-23 
_pdbx_database_status.deposit_site                    ? 
_pdbx_database_status.process_site                    BNL 
_pdbx_database_status.SG_entry                        . 
_pdbx_database_status.pdb_format_compatible           Y 
_pdbx_database_status.status_code_mr                  ? 
_pdbx_database_status.status_code_sf                  ? 
_pdbx_database_status.status_code_cs                  ? 
_pdbx_database_status.status_code_nmr_data            ? 
_pdbx_database_status.methods_development_category    ? 
# 
loop_
_audit_author.name 
_audit_author.pdbx_ordinal 
'Van Montfort, R.L.M.' 1 
'Pijning, T.'          2 
'Kalk, K.H.'           3 
'Reizer, J.'           4 
'Saier, M.H.'          5 
'Thunnissen, M.M.G.M.' 6 
'Robillard, G.T.'      7 
'Dijkstra, B.W.'       8 
# 
_citation.id                        primary 
_citation.title                     
;The structure of an energy-coupling protein from bacteria, IIBcellobiose, reveals similarity to eukaryotic protein tyrosine phosphatases.
;
_citation.journal_abbrev            Structure 
_citation.journal_volume            5 
_citation.page_first                217 
_citation.page_last                 225 
_citation.year                      1997 
_citation.journal_id_ASTM           STRUE6 
_citation.country                   UK 
_citation.journal_id_ISSN           0969-2126 
_citation.journal_id_CSD            2005 
_citation.book_publisher            ? 
_citation.pdbx_database_id_PubMed   9032081 
_citation.pdbx_database_id_DOI      '10.1016/S0969-2126(97)00180-9' 
# 
loop_
_citation_author.citation_id 
_citation_author.name 
_citation_author.ordinal 
_citation_author.identifier_ORCID 
primary 'van Montfort, R.L.' 1 ? 
primary 'Pijning, T.'        2 ? 
primary 'Kalk, K.H.'         3 ? 
primary 'Reizer, J.'         4 ? 
primary 'Saier Jr., M.H.'    5 ? 
primary 'Thunnissen, M.M.'   6 ? 
primary 'Robillard, G.T.'    7 ? 
primary 'Dijkstra, B.W.'     8 ? 
# 
loop_
_entity.id 
_entity.type 
_entity.src_method 
_entity.pdbx_description 
_entity.formula_weight 
_entity.pdbx_number_of_molecules 
_entity.pdbx_ec 
_entity.pdbx_mutation 
_entity.pdbx_fragment 
_entity.details 
1 polymer man 'ENZYME IIB OF THE CELLOBIOSE-SPECIFIC PHOSPHOTRANSFERASE SYSTEM' 11423.449 2   2.7.1.69 C10S 'ENZYME IIB' ? 
2 water   nat water                                                             18.015    128 ?        ?    ?            ? 
# 
_entity_poly.entity_id                      1 
_entity_poly.type                           'polypeptide(L)' 
_entity_poly.nstd_linkage                   no 
_entity_poly.nstd_monomer                   no 
_entity_poly.pdbx_seq_one_letter_code       
;MEKKHIYLFSSAGMSTSLLVSKMRAQAEKYEVPVIIEAFPETLAGEKGQNADVVLLGPQIAYMLPEIQRLLPNKPVEVID
SLLYGKVDGLGVLKAAVAAIKKAAAN
;
_entity_poly.pdbx_seq_one_letter_code_can   
;MEKKHIYLFSSAGMSTSLLVSKMRAQAEKYEVPVIIEAFPETLAGEKGQNADVVLLGPQIAYMLPEIQRLLPNKPVEVID
SLLYGKVDGLGVLKAAVAAIKKAAAN
;
_entity_poly.pdbx_strand_id                 A,B 
_entity_poly.pdbx_target_identifier         ? 
# 
_pdbx_entity_nonpoly.entity_id   2 
_pdbx_entity_nonpoly.name        water 
_pdbx_entity_nonpoly.comp_id     HOH 
# 
loop_
_entity_poly_seq.entity_id 
_entity_poly_seq.num 
_entity_poly_seq.mon_id 
_entity_poly_seq.hetero 
1 1   MET n 
1 2   GLU n 
1 3   LYS n 
1 4   LYS n 
1 5   HIS n 
1 6   ILE n 
1 7   TYR n 
1 8   LEU n 
1 9   PHE n 
1 10  SER n 
1 11  SER n 
1 12  ALA n 
1 13  GLY n 
1 14  MET n 
1 15  SER n 
1 16  THR n 
1 17  SER n 
1 18  LEU n 
1 19  LEU n 
1 20  VAL n 
1 21  SER n 
1 22  LYS n 
1 23  MET n 
1 24  ARG n 
1 25  ALA n 
1 26  GLN n 
1 27  ALA n 
1 28  GLU n 
1 29  LYS n 
1 30  TYR n 
1 31  GLU n 
1 32  VAL n 
1 33  PRO n 
1 34  VAL n 
1 35  ILE n 
1 36  ILE n 
1 37  GLU n 
1 38  ALA n 
1 39  PHE n 
1 40  PRO n 
1 41  GLU n 
1 42  THR n 
1 43  LEU n 
1 44  ALA n 
1 45  GLY n 
1 46  GLU n 
1 47  LYS n 
1 48  GLY n 
1 49  GLN n 
1 50  ASN n 
1 51  ALA n 
1 52  ASP n 
1 53  VAL n 
1 54  VAL n 
1 55  LEU n 
1 56  LEU n 
1 57  GLY n 
1 58  PRO n 
1 59  GLN n 
1 60  ILE n 
1 61  ALA n 
1 62  TYR n 
1 63  MET n 
1 64  LEU n 
1 65  PRO n 
1 66  GLU n 
1 67  ILE n 
1 68  GLN n 
1 69  ARG n 
1 70  LEU n 
1 71  LEU n 
1 72  PRO n 
1 73  ASN n 
1 74  LYS n 
1 75  PRO n 
1 76  VAL n 
1 77  GLU n 
1 78  VAL n 
1 79  ILE n 
1 80  ASP n 
1 81  SER n 
1 82  LEU n 
1 83  LEU n 
1 84  TYR n 
1 85  GLY n 
1 86  LYS n 
1 87  VAL n 
1 88  ASP n 
1 89  GLY n 
1 90  LEU n 
1 91  GLY n 
1 92  VAL n 
1 93  LEU n 
1 94  LYS n 
1 95  ALA n 
1 96  ALA n 
1 97  VAL n 
1 98  ALA n 
1 99  ALA n 
1 100 ILE n 
1 101 LYS n 
1 102 LYS n 
1 103 ALA n 
1 104 ALA n 
1 105 ALA n 
1 106 ASN n 
# 
_entity_src_gen.entity_id                          1 
_entity_src_gen.pdbx_src_id                        1 
_entity_src_gen.pdbx_alt_source_flag               sample 
_entity_src_gen.pdbx_seq_type                      ? 
_entity_src_gen.pdbx_beg_seq_num                   ? 
_entity_src_gen.pdbx_end_seq_num                   ? 
_entity_src_gen.gene_src_common_name               ? 
_entity_src_gen.gene_src_genus                     Escherichia 
_entity_src_gen.pdbx_gene_src_gene                 CELA 
_entity_src_gen.gene_src_species                   'Escherichia coli' 
_entity_src_gen.gene_src_strain                    K12 
_entity_src_gen.gene_src_tissue                    ? 
_entity_src_gen.gene_src_tissue_fraction           ? 
_entity_src_gen.gene_src_details                   ? 
_entity_src_gen.pdbx_gene_src_fragment             ? 
_entity_src_gen.pdbx_gene_src_scientific_name      'Escherichia coli' 
_entity_src_gen.pdbx_gene_src_ncbi_taxonomy_id     83333 
_entity_src_gen.pdbx_gene_src_variant              ? 
_entity_src_gen.pdbx_gene_src_cell_line            ? 
_entity_src_gen.pdbx_gene_src_atcc                 ? 
_entity_src_gen.pdbx_gene_src_organ                ? 
_entity_src_gen.pdbx_gene_src_organelle            ? 
_entity_src_gen.pdbx_gene_src_cell                 ? 
_entity_src_gen.pdbx_gene_src_cellular_location    CYTOPLASM 
_entity_src_gen.host_org_common_name               ? 
_entity_src_gen.pdbx_host_org_scientific_name      'Escherichia coli str. K12 substr. W3110' 
_entity_src_gen.pdbx_host_org_ncbi_taxonomy_id     316407 
_entity_src_gen.host_org_genus                     Escherichia 
_entity_src_gen.pdbx_host_org_gene                 ? 
_entity_src_gen.pdbx_host_org_organ                ? 
_entity_src_gen.host_org_species                   'Escherichia coli' 
_entity_src_gen.pdbx_host_org_tissue               ? 
_entity_src_gen.pdbx_host_org_tissue_fraction      ? 
_entity_src_gen.pdbx_host_org_strain               W3110 
_entity_src_gen.pdbx_host_org_variant              ? 
_entity_src_gen.pdbx_host_org_cell_line            ? 
_entity_src_gen.pdbx_host_org_atcc                 ? 
_entity_src_gen.pdbx_host_org_culture_collection   ? 
_entity_src_gen.pdbx_host_org_cell                 ? 
_entity_src_gen.pdbx_host_org_organelle            ? 
_entity_src_gen.pdbx_host_org_cellular_location    ? 
_entity_src_gen.pdbx_host_org_vector_type          ? 
_entity_src_gen.pdbx_host_org_vector               ? 
_entity_src_gen.host_org_details                   ? 
_entity_src_gen.expression_system_id               ? 
_entity_src_gen.plasmid_name                       ? 
_entity_src_gen.plasmid_details                    ? 
_entity_src_gen.pdbx_description                   ? 
# 
loop_
_chem_comp.id 
_chem_comp.type 
_chem_comp.mon_nstd_flag 
_chem_comp.name 
_chem_comp.pdbx_synonyms 
_chem_comp.formula 
_chem_comp.formula_weight 
ALA 'L-peptide linking' y ALANINE         ? 'C3 H7 N O2'     89.093  
ARG 'L-peptide linking' y ARGININE        ? 'C6 H15 N4 O2 1' 175.209 
ASN 'L-peptide linking' y ASPARAGINE      ? 'C4 H8 N2 O3'    132.118 
ASP 'L-peptide linking' y 'ASPARTIC ACID' ? 'C4 H7 N O4'     133.103 
CYS 'L-peptide linking' y CYSTEINE        ? 'C3 H7 N O2 S'   121.158 
GLN 'L-peptide linking' y GLUTAMINE       ? 'C5 H10 N2 O3'   146.144 
GLU 'L-peptide linking' y 'GLUTAMIC ACID' ? 'C5 H9 N O4'     147.129 
GLY 'peptide linking'   y GLYCINE         ? 'C2 H5 N O2'     75.067  
HIS 'L-peptide linking' y HISTIDINE       ? 'C6 H10 N3 O2 1' 156.162 
HOH non-polymer         . WATER           ? 'H2 O'           18.015  
ILE 'L-peptide linking' y ISOLEUCINE      ? 'C6 H13 N O2'    131.173 
LEU 'L-peptide linking' y LEUCINE         ? 'C6 H13 N O2'    131.173 
LYS 'L-peptide linking' y LYSINE          ? 'C6 H15 N2 O2 1' 147.195 
MET 'L-peptide linking' y METHIONINE      ? 'C5 H11 N O2 S'  149.211 
PHE 'L-peptide linking' y PHENYLALANINE   ? 'C9 H11 N O2'    165.189 
PRO 'L-peptide linking' y PROLINE         ? 'C5 H9 N O2'     115.130 
SER 'L-peptide linking' y SERINE          ? 'C3 H7 N O3'     105.093 
THR 'L-peptide linking' y THREONINE       ? 'C4 H9 N O3'     119.119 
TYR 'L-peptide linking' y TYROSINE        ? 'C9 H11 N O3'    181.189 
VAL 'L-peptide linking' y VALINE          ? 'C5 H11 N O2'    117.146 
# 
loop_
_pdbx_poly_seq_scheme.asym_id 
_pdbx_poly_seq_scheme.entity_id 
_pdbx_poly_seq_scheme.seq_id 
_pdbx_poly_seq_scheme.mon_id 
_pdbx_poly_seq_scheme.ndb_seq_num 
_pdbx_poly_seq_scheme.pdb_seq_num 
_pdbx_poly_seq_scheme.auth_seq_num 
_pdbx_poly_seq_scheme.pdb_mon_id 
_pdbx_poly_seq_scheme.auth_mon_id 
_pdbx_poly_seq_scheme.pdb_strand_id 
_pdbx_poly_seq_scheme.pdb_ins_code 
_pdbx_poly_seq_scheme.hetero 
A 1 1   MET 1   1   ?   ?   ?   A . n 
A 1 2   GLU 2   2   ?   ?   ?   A . n 
A 1 3   LYS 3   3   3   LYS LYS A . n 
A 1 4   LYS 4   4   4   LYS LYS A . n 
A 1 5   HIS 5   5   5   HIS HIS A . n 
A 1 6   ILE 6   6   6   ILE ILE A . n 
A 1 7   TYR 7   7   7   TYR TYR A . n 
A 1 8   LEU 8   8   8   LEU LEU A . n 
A 1 9   PHE 9   9   9   PHE PHE A . n 
A 1 10  SER 10  10  10  SER SER A . n 
A 1 11  SER 11  11  11  SER SER A . n 
A 1 12  ALA 12  12  12  ALA ALA A . n 
A 1 13  GLY 13  13  13  GLY GLY A . n 
A 1 14  MET 14  14  14  MET MET A . n 
A 1 15  SER 15  15  15  SER SER A . n 
A 1 16  THR 16  16  16  THR THR A . n 
A 1 17  SER 17  17  17  SER SER A . n 
A 1 18  LEU 18  18  18  LEU LEU A . n 
A 1 19  LEU 19  19  19  LEU LEU A . n 
A 1 20  VAL 20  20  20  VAL VAL A . n 
A 1 21  SER 21  21  21  SER SER A . n 
A 1 22  LYS 22  22  22  LYS LYS A . n 
A 1 23  MET 23  23  23  MET MET A . n 
A 1 24  ARG 24  24  24  ARG ARG A . n 
A 1 25  ALA 25  25  25  ALA ALA A . n 
A 1 26  GLN 26  26  26  GLN GLN A . n 
A 1 27  ALA 27  27  27  ALA ALA A . n 
A 1 28  GLU 28  28  28  GLU GLU A . n 
A 1 29  LYS 29  29  29  LYS LYS A . n 
A 1 30  TYR 30  30  30  TYR TYR A . n 
A 1 31  GLU 31  31  31  GLU GLU A . n 
A 1 32  VAL 32  32  32  VAL VAL A . n 
A 1 33  PRO 33  33  33  PRO PRO A . n 
A 1 34  VAL 34  34  34  VAL VAL A . n 
A 1 35  ILE 35  35  35  ILE ILE A . n 
A 1 36  ILE 36  36  36  ILE ILE A . n 
A 1 37  GLU 37  37  37  GLU GLU A . n 
A 1 38  ALA 38  38  38  ALA ALA A . n 
A 1 39  PHE 39  39  39  PHE PHE A . n 
A 1 40  PRO 40  40  40  PRO PRO A . n 
A 1 41  GLU 41  41  41  GLU GLU A . n 
A 1 42  THR 42  42  42  THR THR A . n 
A 1 43  LEU 43  43  43  LEU LEU A . n 
A 1 44  ALA 44  44  44  ALA ALA A . n 
A 1 45  GLY 45  45  45  GLY GLY A . n 
A 1 46  GLU 46  46  46  GLU GLU A . n 
A 1 47  LYS 47  47  47  LYS LYS A . n 
A 1 48  GLY 48  48  48  GLY GLY A . n 
A 1 49  GLN 49  49  49  GLN GLN A . n 
A 1 50  ASN 50  50  50  ASN ASN A . n 
A 1 51  ALA 51  51  51  ALA ALA A . n 
A 1 52  ASP 52  52  52  ASP ASP A . n 
A 1 53  VAL 53  53  53  VAL VAL A . n 
A 1 54  VAL 54  54  54  VAL VAL A . n 
A 1 55  LEU 55  55  55  LEU LEU A . n 
A 1 56  LEU 56  56  56  LEU LEU A . n 
A 1 57  GLY 57  57  57  GLY GLY A . n 
A 1 58  PRO 58  58  58  PRO PRO A . n 
A 1 59  GLN 59  59  59  GLN GLN A . n 
A 1 60  ILE 60  60  60  ILE ILE A . n 
A 1 61  ALA 61  61  61  ALA ALA A . n 
A 1 62  TYR 62  62  62  TYR TYR A . n 
A 1 63  MET 63  63  63  MET MET A . n 
A 1 64  LEU 64  64  64  LEU LEU A . n 
A 1 65  PRO 65  65  65  PRO PRO A . n 
A 1 66  GLU 66  66  66  GLU GLU A . n 
A 1 67  ILE 67  67  67  ILE ILE A . n 
A 1 68  GLN 68  68  68  GLN GLN A . n 
A 1 69  ARG 69  69  69  ARG ARG A . n 
A 1 70  LEU 70  70  70  LEU LEU A . n 
A 1 71  LEU 71  71  71  LEU LEU A . n 
A 1 72  PRO 72  72  72  PRO PRO A . n 
A 1 73  ASN 73  73  73  ASN ASN A . n 
A 1 74  LYS 74  74  74  LYS LYS A . n 
A 1 75  PRO 75  75  75  PRO PRO A . n 
A 1 76  VAL 76  76  76  VAL VAL A . n 
A 1 77  GLU 77  77  77  GLU GLU A . n 
A 1 78  VAL 78  78  78  VAL VAL A . n 
A 1 79  ILE 79  79  79  ILE ILE A . n 
A 1 80  ASP 80  80  80  ASP ASP A . n 
A 1 81  SER 81  81  81  SER SER A . n 
A 1 82  LEU 82  82  82  LEU LEU A . n 
A 1 83  LEU 83  83  83  LEU LEU A . n 
A 1 84  TYR 84  84  84  TYR TYR A . n 
A 1 85  GLY 85  85  85  GLY GLY A . n 
A 1 86  LYS 86  86  86  LYS LYS A . n 
A 1 87  VAL 87  87  87  VAL VAL A . n 
A 1 88  ASP 88  88  88  ASP ASP A . n 
A 1 89  GLY 89  89  89  GLY GLY A . n 
A 1 90  LEU 90  90  90  LEU LEU A . n 
A 1 91  GLY 91  91  91  GLY GLY A . n 
A 1 92  VAL 92  92  92  VAL VAL A . n 
A 1 93  LEU 93  93  93  LEU LEU A . n 
A 1 94  LYS 94  94  94  LYS LYS A . n 
A 1 95  ALA 95  95  95  ALA ALA A . n 
A 1 96  ALA 96  96  96  ALA ALA A . n 
A 1 97  VAL 97  97  97  VAL VAL A . n 
A 1 98  ALA 98  98  98  ALA ALA A . n 
A 1 99  ALA 99  99  99  ALA ALA A . n 
A 1 100 ILE 100 100 100 ILE ILE A . n 
A 1 101 LYS 101 101 101 LYS LYS A . n 
A 1 102 LYS 102 102 102 LYS LYS A . n 
A 1 103 ALA 103 103 103 ALA ALA A . n 
A 1 104 ALA 104 104 104 ALA ALA A . n 
A 1 105 ALA 105 105 105 ALA ALA A . n 
A 1 106 ASN 106 106 ?   ?   ?   A . n 
B 1 1   MET 1   1   ?   ?   ?   B . n 
B 1 2   GLU 2   2   ?   ?   ?   B . n 
B 1 3   LYS 3   3   3   LYS LYS B . n 
B 1 4   LYS 4   4   4   LYS LYS B . n 
B 1 5   HIS 5   5   5   HIS HIS B . n 
B 1 6   ILE 6   6   6   ILE ILE B . n 
B 1 7   TYR 7   7   7   TYR TYR B . n 
B 1 8   LEU 8   8   8   LEU LEU B . n 
B 1 9   PHE 9   9   9   PHE PHE B . n 
B 1 10  SER 10  10  10  SER SER B . n 
B 1 11  SER 11  11  11  SER SER B . n 
B 1 12  ALA 12  12  12  ALA ALA B . n 
B 1 13  GLY 13  13  13  GLY GLY B . n 
B 1 14  MET 14  14  14  MET MET B . n 
B 1 15  SER 15  15  15  SER SER B . n 
B 1 16  THR 16  16  16  THR THR B . n 
B 1 17  SER 17  17  17  SER SER B . n 
B 1 18  LEU 18  18  18  LEU LEU B . n 
B 1 19  LEU 19  19  19  LEU LEU B . n 
B 1 20  VAL 20  20  20  VAL VAL B . n 
B 1 21  SER 21  21  21  SER SER B . n 
B 1 22  LYS 22  22  22  LYS LYS B . n 
B 1 23  MET 23  23  23  MET MET B . n 
B 1 24  ARG 24  24  24  ARG ARG B . n 
B 1 25  ALA 25  25  25  ALA ALA B . n 
B 1 26  GLN 26  26  26  GLN GLN B . n 
B 1 27  ALA 27  27  27  ALA ALA B . n 
B 1 28  GLU 28  28  28  GLU GLU B . n 
B 1 29  LYS 29  29  29  LYS LYS B . n 
B 1 30  TYR 30  30  30  TYR TYR B . n 
B 1 31  GLU 31  31  31  GLU GLU B . n 
B 1 32  VAL 32  32  32  VAL VAL B . n 
B 1 33  PRO 33  33  33  PRO PRO B . n 
B 1 34  VAL 34  34  34  VAL VAL B . n 
B 1 35  ILE 35  35  35  ILE ILE B . n 
B 1 36  ILE 36  36  36  ILE ILE B . n 
B 1 37  GLU 37  37  37  GLU GLU B . n 
B 1 38  ALA 38  38  38  ALA ALA B . n 
B 1 39  PHE 39  39  39  PHE PHE B . n 
B 1 40  PRO 40  40  40  PRO PRO B . n 
B 1 41  GLU 41  41  41  GLU GLU B . n 
B 1 42  THR 42  42  42  THR THR B . n 
B 1 43  LEU 43  43  43  LEU LEU B . n 
B 1 44  ALA 44  44  44  ALA ALA B . n 
B 1 45  GLY 45  45  45  GLY GLY B . n 
B 1 46  GLU 46  46  46  GLU GLU B . n 
B 1 47  LYS 47  47  47  LYS LYS B . n 
B 1 48  GLY 48  48  48  GLY GLY B . n 
B 1 49  GLN 49  49  49  GLN GLN B . n 
B 1 50  ASN 50  50  50  ASN ASN B . n 
B 1 51  ALA 51  51  51  ALA ALA B . n 
B 1 52  ASP 52  52  52  ASP ASP B . n 
B 1 53  VAL 53  53  53  VAL VAL B . n 
B 1 54  VAL 54  54  54  VAL VAL B . n 
B 1 55  LEU 55  55  55  LEU LEU B . n 
B 1 56  LEU 56  56  56  LEU LEU B . n 
B 1 57  GLY 57  57  57  GLY GLY B . n 
B 1 58  PRO 58  58  58  PRO PRO B . n 
B 1 59  GLN 59  59  59  GLN GLN B . n 
B 1 60  ILE 60  60  60  ILE ILE B . n 
B 1 61  ALA 61  61  61  ALA ALA B . n 
B 1 62  TYR 62  62  62  TYR TYR B . n 
B 1 63  MET 63  63  63  MET MET B . n 
B 1 64  LEU 64  64  64  LEU LEU B . n 
B 1 65  PRO 65  65  65  PRO PRO B . n 
B 1 66  GLU 66  66  66  GLU GLU B . n 
B 1 67  ILE 67  67  67  ILE ILE B . n 
B 1 68  GLN 68  68  68  GLN GLN B . n 
B 1 69  ARG 69  69  69  ARG ARG B . n 
B 1 70  LEU 70  70  70  LEU LEU B . n 
B 1 71  LEU 71  71  71  LEU LEU B . n 
B 1 72  PRO 72  72  72  PRO PRO B . n 
B 1 73  ASN 73  73  73  ASN ASN B . n 
B 1 74  LYS 74  74  74  LYS LYS B . n 
B 1 75  PRO 75  75  75  PRO PRO B . n 
B 1 76  VAL 76  76  76  VAL VAL B . n 
B 1 77  GLU 77  77  77  GLU GLU B . n 
B 1 78  VAL 78  78  78  VAL VAL B . n 
B 1 79  ILE 79  79  79  ILE ILE B . n 
B 1 80  ASP 80  80  80  ASP ASP B . n 
B 1 81  SER 81  81  81  SER SER B . n 
B 1 82  LEU 82  82  82  LEU LEU B . n 
B 1 83  LEU 83  83  83  LEU LEU B . n 
B 1 84  TYR 84  84  84  TYR TYR B . n 
B 1 85  GLY 85  85  85  GLY GLY B . n 
B 1 86  LYS 86  86  86  LYS LYS B . n 
B 1 87  VAL 87  87  87  VAL VAL B . n 
B 1 88  ASP 88  88  88  ASP ASP B . n 
B 1 89  GLY 89  89  89  GLY GLY B . n 
B 1 90  LEU 90  90  90  LEU LEU B . n 
B 1 91  GLY 91  91  91  GLY GLY B . n 
B 1 92  VAL 92  92  92  VAL VAL B . n 
B 1 93  LEU 93  93  93  LEU LEU B . n 
B 1 94  LYS 94  94  94  LYS LYS B . n 
B 1 95  ALA 95  95  95  ALA ALA B . n 
B 1 96  ALA 96  96  96  ALA ALA B . n 
B 1 97  VAL 97  97  97  VAL VAL B . n 
B 1 98  ALA 98  98  98  ALA ALA B . n 
B 1 99  ALA 99  99  99  ALA ALA B . n 
B 1 100 ILE 100 100 100 ILE ILE B . n 
B 1 101 LYS 101 101 101 LYS LYS B . n 
B 1 102 LYS 102 102 102 LYS LYS B . n 
B 1 103 ALA 103 103 103 ALA ALA B . n 
B 1 104 ALA 104 104 104 ALA ALA B . n 
B 1 105 ALA 105 105 105 ALA ALA B . n 
B 1 106 ASN 106 106 ?   ?   ?   B . n 
# 
loop_
_pdbx_nonpoly_scheme.asym_id 
_pdbx_nonpoly_scheme.entity_id 
_pdbx_nonpoly_scheme.mon_id 
_pdbx_nonpoly_scheme.ndb_seq_num 
_pdbx_nonpoly_scheme.pdb_seq_num 
_pdbx_nonpoly_scheme.auth_seq_num 
_pdbx_nonpoly_scheme.pdb_mon_id 
_pdbx_nonpoly_scheme.auth_mon_id 
_pdbx_nonpoly_scheme.pdb_strand_id 
_pdbx_nonpoly_scheme.pdb_ins_code 
C 2 HOH 1  107 1   HOH HOH A . 
C 2 HOH 2  108 9   HOH HOH A . 
C 2 HOH 3  109 10  HOH HOH A . 
C 2 HOH 4  110 11  HOH HOH A . 
C 2 HOH 5  111 12  HOH HOH A . 
C 2 HOH 6  112 13  HOH HOH A . 
C 2 HOH 7  113 14  HOH HOH A . 
C 2 HOH 8  114 15  HOH HOH A . 
C 2 HOH 9  115 17  HOH HOH A . 
C 2 HOH 10 116 18  HOH HOH A . 
C 2 HOH 11 117 20  HOH HOH A . 
C 2 HOH 12 118 24  HOH HOH A . 
C 2 HOH 13 119 25  HOH HOH A . 
C 2 HOH 14 120 26  HOH HOH A . 
C 2 HOH 15 121 29  HOH HOH A . 
C 2 HOH 16 122 37  HOH HOH A . 
C 2 HOH 17 123 42  HOH HOH A . 
C 2 HOH 18 124 44  HOH HOH A . 
C 2 HOH 19 125 45  HOH HOH A . 
C 2 HOH 20 126 47  HOH HOH A . 
C 2 HOH 21 127 48  HOH HOH A . 
C 2 HOH 22 128 49  HOH HOH A . 
C 2 HOH 23 129 50  HOH HOH A . 
C 2 HOH 24 130 51  HOH HOH A . 
C 2 HOH 25 131 52  HOH HOH A . 
C 2 HOH 26 132 56  HOH HOH A . 
C 2 HOH 27 133 57  HOH HOH A . 
C 2 HOH 28 134 58  HOH HOH A . 
C 2 HOH 29 135 59  HOH HOH A . 
C 2 HOH 30 136 62  HOH HOH A . 
C 2 HOH 31 137 64  HOH HOH A . 
C 2 HOH 32 138 68  HOH HOH A . 
C 2 HOH 33 139 72  HOH HOH A . 
C 2 HOH 34 140 73  HOH HOH A . 
C 2 HOH 35 141 77  HOH HOH A . 
C 2 HOH 36 142 78  HOH HOH A . 
C 2 HOH 37 143 79  HOH HOH A . 
C 2 HOH 38 144 80  HOH HOH A . 
C 2 HOH 39 145 81  HOH HOH A . 
C 2 HOH 40 146 84  HOH HOH A . 
C 2 HOH 41 147 86  HOH HOH A . 
C 2 HOH 42 148 89  HOH HOH A . 
C 2 HOH 43 149 91  HOH HOH A . 
C 2 HOH 44 150 92  HOH HOH A . 
C 2 HOH 45 151 95  HOH HOH A . 
C 2 HOH 46 152 98  HOH HOH A . 
C 2 HOH 47 153 103 HOH HOH A . 
C 2 HOH 48 154 106 HOH HOH A . 
C 2 HOH 49 155 107 HOH HOH A . 
C 2 HOH 50 156 108 HOH HOH A . 
C 2 HOH 51 157 110 HOH HOH A . 
C 2 HOH 52 158 111 HOH HOH A . 
C 2 HOH 53 159 112 HOH HOH A . 
C 2 HOH 54 160 113 HOH HOH A . 
C 2 HOH 55 161 114 HOH HOH A . 
C 2 HOH 56 162 116 HOH HOH A . 
C 2 HOH 57 163 120 HOH HOH A . 
C 2 HOH 58 164 121 HOH HOH A . 
C 2 HOH 59 165 122 HOH HOH A . 
C 2 HOH 60 166 123 HOH HOH A . 
C 2 HOH 61 167 124 HOH HOH A . 
C 2 HOH 62 168 125 HOH HOH A . 
C 2 HOH 63 169 127 HOH HOH A . 
C 2 HOH 64 170 128 HOH HOH A . 
D 2 HOH 1  107 2   HOH HOH B . 
D 2 HOH 2  108 3   HOH HOH B . 
D 2 HOH 3  109 4   HOH HOH B . 
D 2 HOH 4  110 5   HOH HOH B . 
D 2 HOH 5  111 6   HOH HOH B . 
D 2 HOH 6  112 7   HOH HOH B . 
D 2 HOH 7  113 8   HOH HOH B . 
D 2 HOH 8  114 16  HOH HOH B . 
D 2 HOH 9  115 19  HOH HOH B . 
D 2 HOH 10 116 21  HOH HOH B . 
D 2 HOH 11 117 22  HOH HOH B . 
D 2 HOH 12 118 23  HOH HOH B . 
D 2 HOH 13 119 27  HOH HOH B . 
D 2 HOH 14 120 28  HOH HOH B . 
D 2 HOH 15 121 30  HOH HOH B . 
D 2 HOH 16 122 31  HOH HOH B . 
D 2 HOH 17 123 32  HOH HOH B . 
D 2 HOH 18 124 33  HOH HOH B . 
D 2 HOH 19 125 34  HOH HOH B . 
D 2 HOH 20 126 35  HOH HOH B . 
D 2 HOH 21 127 36  HOH HOH B . 
D 2 HOH 22 128 38  HOH HOH B . 
D 2 HOH 23 129 39  HOH HOH B . 
D 2 HOH 24 130 40  HOH HOH B . 
D 2 HOH 25 131 41  HOH HOH B . 
D 2 HOH 26 132 43  HOH HOH B . 
D 2 HOH 27 133 46  HOH HOH B . 
D 2 HOH 28 134 53  HOH HOH B . 
D 2 HOH 29 135 54  HOH HOH B . 
D 2 HOH 30 136 55  HOH HOH B . 
D 2 HOH 31 137 60  HOH HOH B . 
D 2 HOH 32 138 61  HOH HOH B . 
D 2 HOH 33 139 63  HOH HOH B . 
D 2 HOH 34 140 65  HOH HOH B . 
D 2 HOH 35 141 66  HOH HOH B . 
D 2 HOH 36 142 67  HOH HOH B . 
D 2 HOH 37 143 69  HOH HOH B . 
D 2 HOH 38 144 70  HOH HOH B . 
D 2 HOH 39 145 71  HOH HOH B . 
D 2 HOH 40 146 74  HOH HOH B . 
D 2 HOH 41 147 75  HOH HOH B . 
D 2 HOH 42 148 76  HOH HOH B . 
D 2 HOH 43 149 82  HOH HOH B . 
D 2 HOH 44 150 83  HOH HOH B . 
D 2 HOH 45 151 85  HOH HOH B . 
D 2 HOH 46 152 87  HOH HOH B . 
D 2 HOH 47 153 88  HOH HOH B . 
D 2 HOH 48 154 90  HOH HOH B . 
D 2 HOH 49 155 93  HOH HOH B . 
D 2 HOH 50 156 94  HOH HOH B . 
D 2 HOH 51 157 96  HOH HOH B . 
D 2 HOH 52 158 97  HOH HOH B . 
D 2 HOH 53 159 99  HOH HOH B . 
D 2 HOH 54 160 100 HOH HOH B . 
D 2 HOH 55 161 101 HOH HOH B . 
D 2 HOH 56 162 102 HOH HOH B . 
D 2 HOH 57 163 104 HOH HOH B . 
D 2 HOH 58 164 105 HOH HOH B . 
D 2 HOH 59 165 109 HOH HOH B . 
D 2 HOH 60 166 115 HOH HOH B . 
D 2 HOH 61 167 117 HOH HOH B . 
D 2 HOH 62 168 118 HOH HOH B . 
D 2 HOH 63 169 119 HOH HOH B . 
D 2 HOH 64 170 126 HOH HOH B . 
# 
loop_
_software.name 
_software.classification 
_software.version 
_software.citation_id 
_software.pdbx_ordinal 
X-PLOR 'model building' 3.1 ? 1 
X-PLOR refinement       3.1 ? 2 
XDS    'data reduction' .   ? 3 
BIOMOL 'data scaling'   .   ? 4 
X-PLOR phasing          3.1 ? 5 
# 
_cell.entry_id           1IIB 
_cell.length_a           53.791 
_cell.length_b           31.782 
_cell.length_c           60.253 
_cell.angle_alpha        90.00 
_cell.angle_beta         101.70 
_cell.angle_gamma        90.00 
_cell.Z_PDB              4 
_cell.pdbx_unique_axis   ? 
# 
_symmetry.entry_id                         1IIB 
_symmetry.space_group_name_H-M             'P 1 21 1' 
_symmetry.pdbx_full_space_group_name_H-M   ? 
_symmetry.cell_setting                     ? 
_symmetry.Int_Tables_number                4 
# 
_exptl.entry_id          1IIB 
_exptl.method            'X-RAY DIFFRACTION' 
_exptl.crystals_number   1 
# 
_exptl_crystal.id                    1 
_exptl_crystal.density_meas          ? 
_exptl_crystal.density_Matthews      2.20 
_exptl_crystal.density_percent_sol   44. 
_exptl_crystal.description           
;THE NATIVE DATASET USED WAS OBTAINED BY MERGING OF A 2.6 ANGSTROM IN HOUSE DATA SET WITH A 1.8 ANGSTROM X31 DATASET. THE STATISTICS OF THE X-31 DATASET ARE GIVEN ABOVE.
;
# 
_exptl_crystal_grow.crystal_id      1 
_exptl_crystal_grow.method          ? 
_exptl_crystal_grow.temp            ? 
_exptl_crystal_grow.temp_details    ? 
_exptl_crystal_grow.pH              6.5 
_exptl_crystal_grow.pdbx_pH_range   ? 
_exptl_crystal_grow.pdbx_details    'pH 6.5' 
# 
_diffrn.id                     1 
_diffrn.ambient_temp           293 
_diffrn.ambient_temp_details   ? 
_diffrn.crystal_id             1 
# 
_diffrn_detector.diffrn_id              1 
_diffrn_detector.detector               'IMAGE PLATE' 
_diffrn_detector.type                   MARRESEARCH 
_diffrn_detector.pdbx_collection_date   1995-05 
_diffrn_detector.details                ? 
# 
_diffrn_radiation.diffrn_id                        1 
_diffrn_radiation.wavelength_id                    1 
_diffrn_radiation.pdbx_monochromatic_or_laue_m_l   M 
_diffrn_radiation.monochromator                    ? 
_diffrn_radiation.pdbx_diffrn_protocol             ? 
_diffrn_radiation.pdbx_scattering_type             x-ray 
# 
_diffrn_radiation_wavelength.id           1 
_diffrn_radiation_wavelength.wavelength   0.92 
_diffrn_radiation_wavelength.wt           1.0 
# 
_diffrn_source.diffrn_id                   1 
_diffrn_source.source                      SYNCHROTRON 
_diffrn_source.type                        'EMBL/DESY, HAMBURG BEAMLINE X31' 
_diffrn_source.pdbx_synchrotron_site       'EMBL/DESY, HAMBURG' 
_diffrn_source.pdbx_synchrotron_beamline   X31 
_diffrn_source.pdbx_wavelength             0.92 
_diffrn_source.pdbx_wavelength_list        ? 
# 
_reflns.entry_id                     1IIB 
_reflns.observed_criterion_sigma_I   3. 
_reflns.observed_criterion_sigma_F   ? 
_reflns.d_resolution_low             30.0 
_reflns.d_resolution_high            1.8 
_reflns.number_obs                   16165 
_reflns.number_all                   ? 
_reflns.percent_possible_obs         82.8 
_reflns.pdbx_Rmerge_I_obs            0.0610000 
_reflns.pdbx_Rsym_value              ? 
_reflns.pdbx_netI_over_sigmaI        ? 
_reflns.B_iso_Wilson_estimate        ? 
_reflns.pdbx_redundancy              3.7 
_reflns.pdbx_ordinal                 1 
_reflns.pdbx_diffrn_id               1 
# 
_reflns_shell.d_res_high             1.80 
_reflns_shell.d_res_low              1.83 
_reflns_shell.percent_possible_all   74.1 
_reflns_shell.Rmerge_I_obs           0.1220000 
_reflns_shell.pdbx_Rsym_value        ? 
_reflns_shell.meanI_over_sigI_obs    ? 
_reflns_shell.pdbx_redundancy        ? 
_reflns_shell.pdbx_ordinal           1 
_reflns_shell.pdbx_diffrn_id         1 
# 
_refine.entry_id                                 1IIB 
_refine.ls_number_reflns_obs                     16419 
_refine.ls_number_reflns_all                     ? 
_refine.pdbx_ls_sigma_I                          ? 
_refine.pdbx_ls_sigma_F                          ? 
_refine.pdbx_data_cutoff_high_absF               ? 
_refine.pdbx_data_cutoff_low_absF                ? 
_refine.pdbx_data_cutoff_high_rms_absF           ? 
_refine.ls_d_res_low                             10.0 
_refine.ls_d_res_high                            1.8 
_refine.ls_percent_reflns_obs                    87.3 
_refine.ls_R_factor_obs                          0.1870000 
_refine.ls_R_factor_all                          ? 
_refine.ls_R_factor_R_work                       0.1870000 
_refine.ls_R_factor_R_free                       0.2410000 
_refine.ls_R_factor_R_free_error                 ? 
_refine.ls_R_factor_R_free_error_details         ? 
_refine.ls_percent_reflns_R_free                 10. 
_refine.ls_number_reflns_R_free                  ? 
_refine.ls_number_parameters                     ? 
_refine.ls_number_restraints                     ? 
_refine.occupancy_min                            ? 
_refine.occupancy_max                            ? 
_refine.B_iso_mean                               21.9 
_refine.aniso_B[1][1]                            ? 
_refine.aniso_B[2][2]                            ? 
_refine.aniso_B[3][3]                            ? 
_refine.aniso_B[1][2]                            ? 
_refine.aniso_B[1][3]                            ? 
_refine.aniso_B[2][3]                            ? 
_refine.solvent_model_details                    ? 
_refine.solvent_model_param_ksol                 ? 
_refine.solvent_model_param_bsol                 ? 
_refine.pdbx_ls_cross_valid_method               THROUGHOUT 
_refine.details                                  'NCS-RESTRAINTS RELEASED AT 1.8 ANGSTROM RESOLUTION' 
_refine.pdbx_starting_model                      ? 
_refine.pdbx_method_to_determine_struct          MIR 
_refine.pdbx_isotropic_thermal_model             RESTRAINED 
_refine.pdbx_stereochemistry_target_values       ? 
_refine.pdbx_stereochem_target_val_spec_case     ? 
_refine.pdbx_R_Free_selection_details            RANDOM 
_refine.pdbx_overall_ESU_R                       ? 
_refine.pdbx_overall_ESU_R_Free                  ? 
_refine.overall_SU_ML                            ? 
_refine.overall_SU_B                             ? 
_refine.pdbx_refine_id                           'X-RAY DIFFRACTION' 
_refine.pdbx_diffrn_id                           1 
_refine.pdbx_TLS_residual_ADP_flag               ? 
_refine.correlation_coeff_Fo_to_Fc               ? 
_refine.correlation_coeff_Fo_to_Fc_free          ? 
_refine.pdbx_solvent_vdw_probe_radii             ? 
_refine.pdbx_solvent_ion_probe_radii             ? 
_refine.pdbx_solvent_shrinkage_radii             ? 
_refine.pdbx_overall_phase_error                 ? 
_refine.overall_SU_R_Cruickshank_DPI             ? 
_refine.pdbx_overall_SU_R_free_Cruickshank_DPI   ? 
_refine.pdbx_overall_SU_R_Blow_DPI               ? 
_refine.pdbx_overall_SU_R_free_Blow_DPI          ? 
# 
_refine_analyze.entry_id                        1IIB 
_refine_analyze.Luzzati_coordinate_error_obs    ? 
_refine_analyze.Luzzati_sigma_a_obs             0.22 
_refine_analyze.Luzzati_d_res_low_obs           10.0 
_refine_analyze.Luzzati_coordinate_error_free   ? 
_refine_analyze.Luzzati_sigma_a_free            ? 
_refine_analyze.Luzzati_d_res_low_free          ? 
_refine_analyze.number_disordered_residues      ? 
_refine_analyze.occupancy_sum_hydrogen          ? 
_refine_analyze.occupancy_sum_non_hydrogen      ? 
_refine_analyze.pdbx_refine_id                  'X-RAY DIFFRACTION' 
# 
_refine_hist.pdbx_refine_id                   'X-RAY DIFFRACTION' 
_refine_hist.cycle_id                         LAST 
_refine_hist.pdbx_number_atoms_protein        1550 
_refine_hist.pdbx_number_atoms_nucleic_acid   0 
_refine_hist.pdbx_number_atoms_ligand         0 
_refine_hist.number_atoms_solvent             128 
_refine_hist.number_atoms_total               1678 
_refine_hist.d_res_high                       1.8 
_refine_hist.d_res_low                        10.0 
# 
loop_
_refine_ls_restr.type 
_refine_ls_restr.dev_ideal 
_refine_ls_restr.dev_ideal_target 
_refine_ls_restr.weight 
_refine_ls_restr.number 
_refine_ls_restr.pdbx_refine_id 
_refine_ls_restr.pdbx_restraint_function 
x_bond_d                0.009 ? ? ? 'X-RAY DIFFRACTION' ? 
x_bond_d_na             ?     ? ? ? 'X-RAY DIFFRACTION' ? 
x_bond_d_prot           ?     ? ? ? 'X-RAY DIFFRACTION' ? 
x_angle_d               ?     ? ? ? 'X-RAY DIFFRACTION' ? 
x_angle_d_na            ?     ? ? ? 'X-RAY DIFFRACTION' ? 
x_angle_d_prot          ?     ? ? ? 'X-RAY DIFFRACTION' ? 
x_angle_deg             1.68  ? ? ? 'X-RAY DIFFRACTION' ? 
x_angle_deg_na          ?     ? ? ? 'X-RAY DIFFRACTION' ? 
x_angle_deg_prot        ?     ? ? ? 'X-RAY DIFFRACTION' ? 
x_dihedral_angle_d      21.4  ? ? ? 'X-RAY DIFFRACTION' ? 
x_dihedral_angle_d_na   ?     ? ? ? 'X-RAY DIFFRACTION' ? 
x_dihedral_angle_d_prot ?     ? ? ? 'X-RAY DIFFRACTION' ? 
x_improper_angle_d      1.37  ? ? ? 'X-RAY DIFFRACTION' ? 
x_improper_angle_d_na   ?     ? ? ? 'X-RAY DIFFRACTION' ? 
x_improper_angle_d_prot ?     ? ? ? 'X-RAY DIFFRACTION' ? 
x_mcbond_it             1.5   ? ? ? 'X-RAY DIFFRACTION' ? 
x_mcangle_it            2.0   ? ? ? 'X-RAY DIFFRACTION' ? 
x_scbond_it             2.0   ? ? ? 'X-RAY DIFFRACTION' ? 
x_scangle_it            2.5   ? ? ? 'X-RAY DIFFRACTION' ? 
# 
loop_
_pdbx_xplor_file.serial_no 
_pdbx_xplor_file.param_file 
_pdbx_xplor_file.topol_file 
_pdbx_xplor_file.pdbx_refine_id 
1 PARHCSDX_1996.PRO TOPHCSDX.PRO 'X-RAY DIFFRACTION' 
2 ?                 ?            'X-RAY DIFFRACTION' 
# 
_struct_ncs_oper.id             1 
_struct_ncs_oper.code           given 
_struct_ncs_oper.details        ? 
_struct_ncs_oper.matrix[1][1]   0.48201756 
_struct_ncs_oper.matrix[1][2]   -0.54302324 
_struct_ncs_oper.matrix[1][3]   0.68759288 
_struct_ncs_oper.matrix[2][1]   -0.54604593 
_struct_ncs_oper.matrix[2][2]   -0.79991488 
_struct_ncs_oper.matrix[2][3]   -0.24893771 
_struct_ncs_oper.matrix[3][1]   0.68519518 
_struct_ncs_oper.matrix[3][2]   -0.25546439 
_struct_ncs_oper.matrix[3][3]   -0.68208867 
_struct_ncs_oper.vector[1]      29.47041 
_struct_ncs_oper.vector[2]      -10.83740 
_struct_ncs_oper.vector[3]      13.70349 
# 
_struct.entry_id                  1IIB 
_struct.title                     'CRYSTAL STRUCTURE OF IIBCELLOBIOSE FROM ESCHERICHIA COLI' 
_struct.pdbx_model_details        ? 
_struct.pdbx_CASP_flag            ? 
_struct.pdbx_model_type_details   ? 
# 
_struct_keywords.entry_id        1IIB 
_struct_keywords.pdbx_keywords   PHOSPHOTRANSFERASE 
_struct_keywords.text            
'PHOSPHOENOLPYRUVATE DEPENDENT PHOSPHOTRANSFERASE SYSTEM, IIB ENZYMES, CYSTEINE PHOSPHORYLATION, PHOSPHOTRANSFERASE' 
# 
loop_
_struct_asym.id 
_struct_asym.pdbx_blank_PDB_chainid_flag 
_struct_asym.pdbx_modified 
_struct_asym.entity_id 
_struct_asym.details 
A N N 1 ? 
B N N 1 ? 
C N N 2 ? 
D N N 2 ? 
# 
_struct_ref.id                         1 
_struct_ref.db_name                    UNP 
_struct_ref.db_code                    PTQB_ECOLI 
_struct_ref.entity_id                  1 
_struct_ref.pdbx_db_accession          P69795 
_struct_ref.pdbx_align_begin           1 
_struct_ref.pdbx_seq_one_letter_code   
;MEKKHIYLFCSAGMSTSLLVSKMRAQAEKYEVPVIIEAFPETLAGEKGQNADVVLLGPQIAYMLPEIQRLLPNKPVEVID
SLLYGKVDGLGVLKAAVAAIKKAAAN
;
_struct_ref.pdbx_db_isoform            ? 
# 
loop_
_struct_ref_seq.align_id 
_struct_ref_seq.ref_id 
_struct_ref_seq.pdbx_PDB_id_code 
_struct_ref_seq.pdbx_strand_id 
_struct_ref_seq.seq_align_beg 
_struct_ref_seq.pdbx_seq_align_beg_ins_code 
_struct_ref_seq.seq_align_end 
_struct_ref_seq.pdbx_seq_align_end_ins_code 
_struct_ref_seq.pdbx_db_accession 
_struct_ref_seq.db_align_beg 
_struct_ref_seq.pdbx_db_align_beg_ins_code 
_struct_ref_seq.db_align_end 
_struct_ref_seq.pdbx_db_align_end_ins_code 
_struct_ref_seq.pdbx_auth_seq_align_beg 
_struct_ref_seq.pdbx_auth_seq_align_end 
1 1 1IIB A 1 ? 106 ? P69795 1 ? 106 ? 1 106 
2 1 1IIB B 1 ? 106 ? P69795 1 ? 106 ? 1 106 
# 
loop_
_struct_ref_seq_dif.align_id 
_struct_ref_seq_dif.pdbx_pdb_id_code 
_struct_ref_seq_dif.mon_id 
_struct_ref_seq_dif.pdbx_pdb_strand_id 
_struct_ref_seq_dif.seq_num 
_struct_ref_seq_dif.pdbx_pdb_ins_code 
_struct_ref_seq_dif.pdbx_seq_db_name 
_struct_ref_seq_dif.pdbx_seq_db_accession_code 
_struct_ref_seq_dif.db_mon_id 
_struct_ref_seq_dif.pdbx_seq_db_seq_num 
_struct_ref_seq_dif.details 
_struct_ref_seq_dif.pdbx_auth_seq_num 
_struct_ref_seq_dif.pdbx_ordinal 
1 1IIB SER A 10 ? UNP P69795 CYS 10 'engineered mutation' 10 1 
2 1IIB SER B 10 ? UNP P69795 CYS 10 'engineered mutation' 10 2 
# 
loop_
_pdbx_struct_assembly.id 
_pdbx_struct_assembly.details 
_pdbx_struct_assembly.method_details 
_pdbx_struct_assembly.oligomeric_details 
_pdbx_struct_assembly.oligomeric_count 
1 author_defined_assembly ? monomeric 1 
2 author_defined_assembly ? monomeric 1 
# 
loop_
_pdbx_struct_assembly_gen.assembly_id 
_pdbx_struct_assembly_gen.oper_expression 
_pdbx_struct_assembly_gen.asym_id_list 
1 1 A,C 
2 1 B,D 
# 
_pdbx_struct_oper_list.id                   1 
_pdbx_struct_oper_list.type                 'identity operation' 
_pdbx_struct_oper_list.name                 1_555 
_pdbx_struct_oper_list.symmetry_operation   x,y,z 
_pdbx_struct_oper_list.matrix[1][1]         1.0000000000 
_pdbx_struct_oper_list.matrix[1][2]         0.0000000000 
_pdbx_struct_oper_list.matrix[1][3]         0.0000000000 
_pdbx_struct_oper_list.vector[1]            0.0000000000 
_pdbx_struct_oper_list.matrix[2][1]         0.0000000000 
_pdbx_struct_oper_list.matrix[2][2]         1.0000000000 
_pdbx_struct_oper_list.matrix[2][3]         0.0000000000 
_pdbx_struct_oper_list.vector[2]            0.0000000000 
_pdbx_struct_oper_list.matrix[3][1]         0.0000000000 
_pdbx_struct_oper_list.matrix[3][2]         0.0000000000 
_pdbx_struct_oper_list.matrix[3][3]         1.0000000000 
_pdbx_struct_oper_list.vector[3]            0.0000000000 
# 
loop_
_struct_biol.id 
1 
2 
# 
loop_
_struct_conf.conf_type_id 
_struct_conf.id 
_struct_conf.pdbx_PDB_helix_id 
_struct_conf.beg_label_comp_id 
_struct_conf.beg_label_asym_id 
_struct_conf.beg_label_seq_id 
_struct_conf.pdbx_beg_PDB_ins_code 
_struct_conf.end_label_comp_id 
_struct_conf.end_label_asym_id 
_struct_conf.end_label_seq_id 
_struct_conf.pdbx_end_PDB_ins_code 
_struct_conf.beg_auth_comp_id 
_struct_conf.beg_auth_asym_id 
_struct_conf.beg_auth_seq_id 
_struct_conf.end_auth_comp_id 
_struct_conf.end_auth_asym_id 
_struct_conf.end_auth_seq_id 
_struct_conf.pdbx_PDB_helix_class 
_struct_conf.details 
_struct_conf.pdbx_PDB_helix_length 
HELX_P HELX_P1  1  GLY A 13 ? LYS A 29  ? GLY A 13 LYS A 29  1 ? 17 
HELX_P HELX_P2  2  GLU A 41 ? ASN A 50  ? GLU A 41 ASN A 50  5 ? 10 
HELX_P HELX_P3  3  PRO A 58 ? LEU A 70  ? PRO A 58 LEU A 70  5 ? 13 
HELX_P HELX_P4  4  SER A 81 ? GLY A 85  ? SER A 81 GLY A 85  1 ? 5  
HELX_P HELX_P5  5  GLY A 89 ? ALA A 104 ? GLY A 89 ALA A 104 1 ? 16 
HELX_P HELX_P6  6  GLY B 13 ? LYS B 29  ? GLY B 13 LYS B 29  1 ? 17 
HELX_P HELX_P7  7  GLU B 41 ? LEU B 43  ? GLU B 41 LEU B 43  5 ? 3  
HELX_P HELX_P8  8  GLY B 48 ? ASN B 50  ? GLY B 48 ASN B 50  5 ? 3  
HELX_P HELX_P9  9  PRO B 58 ? LEU B 70  ? PRO B 58 LEU B 70  5 ? 13 
HELX_P HELX_P10 10 SER B 81 ? GLY B 85  ? SER B 81 GLY B 85  1 ? 5  
HELX_P HELX_P11 11 GLY B 89 ? ALA B 103 ? GLY B 89 ALA B 103 1 ? 15 
# 
_struct_conf_type.id          HELX_P 
_struct_conf_type.criteria    ? 
_struct_conf_type.reference   ? 
# 
loop_
_struct_sheet.id 
_struct_sheet.type 
_struct_sheet.number_strands 
_struct_sheet.details 
A ? 4 ? 
B ? 4 ? 
# 
loop_
_struct_sheet_order.sheet_id 
_struct_sheet_order.range_id_1 
_struct_sheet_order.range_id_2 
_struct_sheet_order.offset 
_struct_sheet_order.sense 
A 1 2 ? parallel 
A 2 3 ? parallel 
A 3 4 ? parallel 
B 1 2 ? parallel 
B 2 3 ? parallel 
B 3 4 ? parallel 
# 
loop_
_struct_sheet_range.sheet_id 
_struct_sheet_range.id 
_struct_sheet_range.beg_label_comp_id 
_struct_sheet_range.beg_label_asym_id 
_struct_sheet_range.beg_label_seq_id 
_struct_sheet_range.pdbx_beg_PDB_ins_code 
_struct_sheet_range.end_label_comp_id 
_struct_sheet_range.end_label_asym_id 
_struct_sheet_range.end_label_seq_id 
_struct_sheet_range.pdbx_end_PDB_ins_code 
_struct_sheet_range.beg_auth_comp_id 
_struct_sheet_range.beg_auth_asym_id 
_struct_sheet_range.beg_auth_seq_id 
_struct_sheet_range.end_auth_comp_id 
_struct_sheet_range.end_auth_asym_id 
_struct_sheet_range.end_auth_seq_id 
A 1 VAL A 34 ? PRO A 40 ? VAL A 34 PRO A 40 
A 2 LYS A 4  ? SER A 10 ? LYS A 4  SER A 10 
A 3 VAL A 53 ? LEU A 56 ? VAL A 53 LEU A 56 
A 4 PRO A 75 ? VAL A 78 ? PRO A 75 VAL A 78 
B 1 VAL B 34 ? PRO B 40 ? VAL B 34 PRO B 40 
B 2 LYS B 4  ? SER B 10 ? LYS B 4  SER B 10 
B 3 VAL B 53 ? LEU B 56 ? VAL B 53 LEU B 56 
B 4 PRO B 75 ? VAL B 78 ? PRO B 75 VAL B 78 
# 
loop_
_pdbx_struct_sheet_hbond.sheet_id 
_pdbx_struct_sheet_hbond.range_id_1 
_pdbx_struct_sheet_hbond.range_id_2 
_pdbx_struct_sheet_hbond.range_1_label_atom_id 
_pdbx_struct_sheet_hbond.range_1_label_comp_id 
_pdbx_struct_sheet_hbond.range_1_label_asym_id 
_pdbx_struct_sheet_hbond.range_1_label_seq_id 
_pdbx_struct_sheet_hbond.range_1_PDB_ins_code 
_pdbx_struct_sheet_hbond.range_1_auth_atom_id 
_pdbx_struct_sheet_hbond.range_1_auth_comp_id 
_pdbx_struct_sheet_hbond.range_1_auth_asym_id 
_pdbx_struct_sheet_hbond.range_1_auth_seq_id 
_pdbx_struct_sheet_hbond.range_2_label_atom_id 
_pdbx_struct_sheet_hbond.range_2_label_comp_id 
_pdbx_struct_sheet_hbond.range_2_label_asym_id 
_pdbx_struct_sheet_hbond.range_2_label_seq_id 
_pdbx_struct_sheet_hbond.range_2_PDB_ins_code 
_pdbx_struct_sheet_hbond.range_2_auth_atom_id 
_pdbx_struct_sheet_hbond.range_2_auth_comp_id 
_pdbx_struct_sheet_hbond.range_2_auth_asym_id 
_pdbx_struct_sheet_hbond.range_2_auth_seq_id 
A 1 2 O ILE A 35 ? O ILE A 35 N LYS A 4  ? N LYS A 4  
A 2 3 O TYR A 7  ? O TYR A 7  N VAL A 53 ? N VAL A 53 
A 3 4 O VAL A 54 ? O VAL A 54 N PRO A 75 ? N PRO A 75 
B 1 2 O ILE B 35 ? O ILE B 35 N LYS B 4  ? N LYS B 4  
B 2 3 O TYR B 7  ? O TYR B 7  N VAL B 53 ? N VAL B 53 
B 3 4 O VAL B 54 ? O VAL B 54 N PRO B 75 ? N PRO B 75 
# 
_pdbx_validate_torsion.id              1 
_pdbx_validate_torsion.PDB_model_num   1 
_pdbx_validate_torsion.auth_comp_id    ALA 
_pdbx_validate_torsion.auth_asym_id    B 
_pdbx_validate_torsion.auth_seq_id     104 
_pdbx_validate_torsion.PDB_ins_code    ? 
_pdbx_validate_torsion.label_alt_id    ? 
_pdbx_validate_torsion.phi             -56.69 
_pdbx_validate_torsion.psi             -6.35 
# 
loop_
_pdbx_unobs_or_zero_occ_residues.id 
_pdbx_unobs_or_zero_occ_residues.PDB_model_num 
_pdbx_unobs_or_zero_occ_residues.polymer_flag 
_pdbx_unobs_or_zero_occ_residues.occupancy_flag 
_pdbx_unobs_or_zero_occ_residues.auth_asym_id 
_pdbx_unobs_or_zero_occ_residues.auth_comp_id 
_pdbx_unobs_or_zero_occ_residues.auth_seq_id 
_pdbx_unobs_or_zero_occ_residues.PDB_ins_code 
_pdbx_unobs_or_zero_occ_residues.label_asym_id 
_pdbx_unobs_or_zero_occ_residues.label_comp_id 
_pdbx_unobs_or_zero_occ_residues.label_seq_id 
1 1 Y 1 A MET 1   ? A MET 1   
2 1 Y 1 A GLU 2   ? A GLU 2   
3 1 Y 1 A ASN 106 ? A ASN 106 
4 1 Y 1 B MET 1   ? B MET 1   
5 1 Y 1 B GLU 2   ? B GLU 2   
6 1 Y 1 B ASN 106 ? B ASN 106 
# 
loop_
_chem_comp_atom.comp_id 
_chem_comp_atom.atom_id 
_chem_comp_atom.type_symbol 
_chem_comp_atom.pdbx_aromatic_flag 
_chem_comp_atom.pdbx_stereo_config 
_chem_comp_atom.pdbx_ordinal 
ALA N    N N N 1   
ALA CA   C N S 2   
ALA C    C N N 3   
ALA O    O N N 4   
ALA CB   C N N 5   
ALA OXT  O N N 6   
ALA H    H N N 7   
ALA H2   H N N 8   
ALA HA   H N N 9   
ALA HB1  H N N 10  
ALA HB2  H N N 11  
ALA HB3  H N N 12  
ALA HXT  H N N 13  
ARG N    N N N 14  
ARG CA   C N S 15  
ARG C    C N N 16  
ARG O    O N N 17  
ARG CB   C N N 18  
ARG CG   C N N 19  
ARG CD   C N N 20  
ARG NE   N N N 21  
ARG CZ   C N N 22  
ARG NH1  N N N 23  
ARG NH2  N N N 24  
ARG OXT  O N N 25  
ARG H    H N N 26  
ARG H2   H N N 27  
ARG HA   H N N 28  
ARG HB2  H N N 29  
ARG HB3  H N N 30  
ARG HG2  H N N 31  
ARG HG3  H N N 32  
ARG HD2  H N N 33  
ARG HD3  H N N 34  
ARG HE   H N N 35  
ARG HH11 H N N 36  
ARG HH12 H N N 37  
ARG HH21 H N N 38  
ARG HH22 H N N 39  
ARG HXT  H N N 40  
ASN N    N N N 41  
ASN CA   C N S 42  
ASN C    C N N 43  
ASN O    O N N 44  
ASN CB   C N N 45  
ASN CG   C N N 46  
ASN OD1  O N N 47  
ASN ND2  N N N 48  
ASN OXT  O N N 49  
ASN H    H N N 50  
ASN H2   H N N 51  
ASN HA   H N N 52  
ASN HB2  H N N 53  
ASN HB3  H N N 54  
ASN HD21 H N N 55  
ASN HD22 H N N 56  
ASN HXT  H N N 57  
ASP N    N N N 58  
ASP CA   C N S 59  
ASP C    C N N 60  
ASP O    O N N 61  
ASP CB   C N N 62  
ASP CG   C N N 63  
ASP OD1  O N N 64  
ASP OD2  O N N 65  
ASP OXT  O N N 66  
ASP H    H N N 67  
ASP H2   H N N 68  
ASP HA   H N N 69  
ASP HB2  H N N 70  
ASP HB3  H N N 71  
ASP HD2  H N N 72  
ASP HXT  H N N 73  
CYS N    N N N 74  
CYS CA   C N R 75  
CYS C    C N N 76  
CYS O    O N N 77  
CYS CB   C N N 78  
CYS SG   S N N 79  
CYS OXT  O N N 80  
CYS H    H N N 81  
CYS H2   H N N 82  
CYS HA   H N N 83  
CYS HB2  H N N 84  
CYS HB3  H N N 85  
CYS HG   H N N 86  
CYS HXT  H N N 87  
GLN N    N N N 88  
GLN CA   C N S 89  
GLN C    C N N 90  
GLN O    O N N 91  
GLN CB   C N N 92  
GLN CG   C N N 93  
GLN CD   C N N 94  
GLN OE1  O N N 95  
GLN NE2  N N N 96  
GLN OXT  O N N 97  
GLN H    H N N 98  
GLN H2   H N N 99  
GLN HA   H N N 100 
GLN HB2  H N N 101 
GLN HB3  H N N 102 
GLN HG2  H N N 103 
GLN HG3  H N N 104 
GLN HE21 H N N 105 
GLN HE22 H N N 106 
GLN HXT  H N N 107 
GLU N    N N N 108 
GLU CA   C N S 109 
GLU C    C N N 110 
GLU O    O N N 111 
GLU CB   C N N 112 
GLU CG   C N N 113 
GLU CD   C N N 114 
GLU OE1  O N N 115 
GLU OE2  O N N 116 
GLU OXT  O N N 117 
GLU H    H N N 118 
GLU H2   H N N 119 
GLU HA   H N N 120 
GLU HB2  H N N 121 
GLU HB3  H N N 122 
GLU HG2  H N N 123 
GLU HG3  H N N 124 
GLU HE2  H N N 125 
GLU HXT  H N N 126 
GLY N    N N N 127 
GLY CA   C N N 128 
GLY C    C N N 129 
GLY O    O N N 130 
GLY OXT  O N N 131 
GLY H    H N N 132 
GLY H2   H N N 133 
GLY HA2  H N N 134 
GLY HA3  H N N 135 
GLY HXT  H N N 136 
HIS N    N N N 137 
HIS CA   C N S 138 
HIS C    C N N 139 
HIS O    O N N 140 
HIS CB   C N N 141 
HIS CG   C Y N 142 
HIS ND1  N Y N 143 
HIS CD2  C Y N 144 
HIS CE1  C Y N 145 
HIS NE2  N Y N 146 
HIS OXT  O N N 147 
HIS H    H N N 148 
HIS H2   H N N 149 
HIS HA   H N N 150 
HIS HB2  H N N 151 
HIS HB3  H N N 152 
HIS HD1  H N N 153 
HIS HD2  H N N 154 
HIS HE1  H N N 155 
HIS HE2  H N N 156 
HIS HXT  H N N 157 
HOH O    O N N 158 
HOH H1   H N N 159 
HOH H2   H N N 160 
ILE N    N N N 161 
ILE CA   C N S 162 
ILE C    C N N 163 
ILE O    O N N 164 
ILE CB   C N S 165 
ILE CG1  C N N 166 
ILE CG2  C N N 167 
ILE CD1  C N N 168 
ILE OXT  O N N 169 
ILE H    H N N 170 
ILE H2   H N N 171 
ILE HA   H N N 172 
ILE HB   H N N 173 
ILE HG12 H N N 174 
ILE HG13 H N N 175 
ILE HG21 H N N 176 
ILE HG22 H N N 177 
ILE HG23 H N N 178 
ILE HD11 H N N 179 
ILE HD12 H N N 180 
ILE HD13 H N N 181 
ILE HXT  H N N 182 
LEU N    N N N 183 
LEU CA   C N S 184 
LEU C    C N N 185 
LEU O    O N N 186 
LEU CB   C N N 187 
LEU CG   C N N 188 
LEU CD1  C N N 189 
LEU CD2  C N N 190 
LEU OXT  O N N 191 
LEU H    H N N 192 
LEU H2   H N N 193 
LEU HA   H N N 194 
LEU HB2  H N N 195 
LEU HB3  H N N 196 
LEU HG   H N N 197 
LEU HD11 H N N 198 
LEU HD12 H N N 199 
LEU HD13 H N N 200 
LEU HD21 H N N 201 
LEU HD22 H N N 202 
LEU HD23 H N N 203 
LEU HXT  H N N 204 
LYS N    N N N 205 
LYS CA   C N S 206 
LYS C    C N N 207 
LYS O    O N N 208 
LYS CB   C N N 209 
LYS CG   C N N 210 
LYS CD   C N N 211 
LYS CE   C N N 212 
LYS NZ   N N N 213 
LYS OXT  O N N 214 
LYS H    H N N 215 
LYS H2   H N N 216 
LYS HA   H N N 217 
LYS HB2  H N N 218 
LYS HB3  H N N 219 
LYS HG2  H N N 220 
LYS HG3  H N N 221 
LYS HD2  H N N 222 
LYS HD3  H N N 223 
LYS HE2  H N N 224 
LYS HE3  H N N 225 
LYS HZ1  H N N 226 
LYS HZ2  H N N 227 
LYS HZ3  H N N 228 
LYS HXT  H N N 229 
MET N    N N N 230 
MET CA   C N S 231 
MET C    C N N 232 
MET O    O N N 233 
MET CB   C N N 234 
MET CG   C N N 235 
MET SD   S N N 236 
MET CE   C N N 237 
MET OXT  O N N 238 
MET H    H N N 239 
MET H2   H N N 240 
MET HA   H N N 241 
MET HB2  H N N 242 
MET HB3  H N N 243 
MET HG2  H N N 244 
MET HG3  H N N 245 
MET HE1  H N N 246 
MET HE2  H N N 247 
MET HE3  H N N 248 
MET HXT  H N N 249 
PHE N    N N N 250 
PHE CA   C N S 251 
PHE C    C N N 252 
PHE O    O N N 253 
PHE CB   C N N 254 
PHE CG   C Y N 255 
PHE CD1  C Y N 256 
PHE CD2  C Y N 257 
PHE CE1  C Y N 258 
PHE CE2  C Y N 259 
PHE CZ   C Y N 260 
PHE OXT  O N N 261 
PHE H    H N N 262 
PHE H2   H N N 263 
PHE HA   H N N 264 
PHE HB2  H N N 265 
PHE HB3  H N N 266 
PHE HD1  H N N 267 
PHE HD2  H N N 268 
PHE HE1  H N N 269 
PHE HE2  H N N 270 
PHE HZ   H N N 271 
PHE HXT  H N N 272 
PRO N    N N N 273 
PRO CA   C N S 274 
PRO C    C N N 275 
PRO O    O N N 276 
PRO CB   C N N 277 
PRO CG   C N N 278 
PRO CD   C N N 279 
PRO OXT  O N N 280 
PRO H    H N N 281 
PRO HA   H N N 282 
PRO HB2  H N N 283 
PRO HB3  H N N 284 
PRO HG2  H N N 285 
PRO HG3  H N N 286 
PRO HD2  H N N 287 
PRO HD3  H N N 288 
PRO HXT  H N N 289 
SER N    N N N 290 
SER CA   C N S 291 
SER C    C N N 292 
SER O    O N N 293 
SER CB   C N N 294 
SER OG   O N N 295 
SER OXT  O N N 296 
SER H    H N N 297 
SER H2   H N N 298 
SER HA   H N N 299 
SER HB2  H N N 300 
SER HB3  H N N 301 
SER HG   H N N 302 
SER HXT  H N N 303 
THR N    N N N 304 
THR CA   C N S 305 
THR C    C N N 306 
THR O    O N N 307 
THR CB   C N R 308 
THR OG1  O N N 309 
THR CG2  C N N 310 
THR OXT  O N N 311 
THR H    H N N 312 
THR H2   H N N 313 
THR HA   H N N 314 
THR HB   H N N 315 
THR HG1  H N N 316 
THR HG21 H N N 317 
THR HG22 H N N 318 
THR HG23 H N N 319 
THR HXT  H N N 320 
TYR N    N N N 321 
TYR CA   C N S 322 
TYR C    C N N 323 
TYR O    O N N 324 
TYR CB   C N N 325 
TYR CG   C Y N 326 
TYR CD1  C Y N 327 
TYR CD2  C Y N 328 
TYR CE1  C Y N 329 
TYR CE2  C Y N 330 
TYR CZ   C Y N 331 
TYR OH   O N N 332 
TYR OXT  O N N 333 
TYR H    H N N 334 
TYR H2   H N N 335 
TYR HA   H N N 336 
TYR HB2  H N N 337 
TYR HB3  H N N 338 
TYR HD1  H N N 339 
TYR HD2  H N N 340 
TYR HE1  H N N 341 
TYR HE2  H N N 342 
TYR HH   H N N 343 
TYR HXT  H N N 344 
VAL N    N N N 345 
VAL CA   C N S 346 
VAL C    C N N 347 
VAL O    O N N 348 
VAL CB   C N N 349 
VAL CG1  C N N 350 
VAL CG2  C N N 351 
VAL OXT  O N N 352 
VAL H    H N N 353 
VAL H2   H N N 354 
VAL HA   H N N 355 
VAL HB   H N N 356 
VAL HG11 H N N 357 
VAL HG12 H N N 358 
VAL HG13 H N N 359 
VAL HG21 H N N 360 
VAL HG22 H N N 361 
VAL HG23 H N N 362 
VAL HXT  H N N 363 
# 
loop_
_chem_comp_bond.comp_id 
_chem_comp_bond.atom_id_1 
_chem_comp_bond.atom_id_2 
_chem_comp_bond.value_order 
_chem_comp_bond.pdbx_aromatic_flag 
_chem_comp_bond.pdbx_stereo_config 
_chem_comp_bond.pdbx_ordinal 
ALA N   CA   sing N N 1   
ALA N   H    sing N N 2   
ALA N   H2   sing N N 3   
ALA CA  C    sing N N 4   
ALA CA  CB   sing N N 5   
ALA CA  HA   sing N N 6   
ALA C   O    doub N N 7   
ALA C   OXT  sing N N 8   
ALA CB  HB1  sing N N 9   
ALA CB  HB2  sing N N 10  
ALA CB  HB3  sing N N 11  
ALA OXT HXT  sing N N 12  
ARG N   CA   sing N N 13  
ARG N   H    sing N N 14  
ARG N   H2   sing N N 15  
ARG CA  C    sing N N 16  
ARG CA  CB   sing N N 17  
ARG CA  HA   sing N N 18  
ARG C   O    doub N N 19  
ARG C   OXT  sing N N 20  
ARG CB  CG   sing N N 21  
ARG CB  HB2  sing N N 22  
ARG CB  HB3  sing N N 23  
ARG CG  CD   sing N N 24  
ARG CG  HG2  sing N N 25  
ARG CG  HG3  sing N N 26  
ARG CD  NE   sing N N 27  
ARG CD  HD2  sing N N 28  
ARG CD  HD3  sing N N 29  
ARG NE  CZ   sing N N 30  
ARG NE  HE   sing N N 31  
ARG CZ  NH1  sing N N 32  
ARG CZ  NH2  doub N N 33  
ARG NH1 HH11 sing N N 34  
ARG NH1 HH12 sing N N 35  
ARG NH2 HH21 sing N N 36  
ARG NH2 HH22 sing N N 37  
ARG OXT HXT  sing N N 38  
ASN N   CA   sing N N 39  
ASN N   H    sing N N 40  
ASN N   H2   sing N N 41  
ASN CA  C    sing N N 42  
ASN CA  CB   sing N N 43  
ASN CA  HA   sing N N 44  
ASN C   O    doub N N 45  
ASN C   OXT  sing N N 46  
ASN CB  CG   sing N N 47  
ASN CB  HB2  sing N N 48  
ASN CB  HB3  sing N N 49  
ASN CG  OD1  doub N N 50  
ASN CG  ND2  sing N N 51  
ASN ND2 HD21 sing N N 52  
ASN ND2 HD22 sing N N 53  
ASN OXT HXT  sing N N 54  
ASP N   CA   sing N N 55  
ASP N   H    sing N N 56  
ASP N   H2   sing N N 57  
ASP CA  C    sing N N 58  
ASP CA  CB   sing N N 59  
ASP CA  HA   sing N N 60  
ASP C   O    doub N N 61  
ASP C   OXT  sing N N 62  
ASP CB  CG   sing N N 63  
ASP CB  HB2  sing N N 64  
ASP CB  HB3  sing N N 65  
ASP CG  OD1  doub N N 66  
ASP CG  OD2  sing N N 67  
ASP OD2 HD2  sing N N 68  
ASP OXT HXT  sing N N 69  
CYS N   CA   sing N N 70  
CYS N   H    sing N N 71  
CYS N   H2   sing N N 72  
CYS CA  C    sing N N 73  
CYS CA  CB   sing N N 74  
CYS CA  HA   sing N N 75  
CYS C   O    doub N N 76  
CYS C   OXT  sing N N 77  
CYS CB  SG   sing N N 78  
CYS CB  HB2  sing N N 79  
CYS CB  HB3  sing N N 80  
CYS SG  HG   sing N N 81  
CYS OXT HXT  sing N N 82  
GLN N   CA   sing N N 83  
GLN N   H    sing N N 84  
GLN N   H2   sing N N 85  
GLN CA  C    sing N N 86  
GLN CA  CB   sing N N 87  
GLN CA  HA   sing N N 88  
GLN C   O    doub N N 89  
GLN C   OXT  sing N N 90  
GLN CB  CG   sing N N 91  
GLN CB  HB2  sing N N 92  
GLN CB  HB3  sing N N 93  
GLN CG  CD   sing N N 94  
GLN CG  HG2  sing N N 95  
GLN CG  HG3  sing N N 96  
GLN CD  OE1  doub N N 97  
GLN CD  NE2  sing N N 98  
GLN NE2 HE21 sing N N 99  
GLN NE2 HE22 sing N N 100 
GLN OXT HXT  sing N N 101 
GLU N   CA   sing N N 102 
GLU N   H    sing N N 103 
GLU N   H2   sing N N 104 
GLU CA  C    sing N N 105 
GLU CA  CB   sing N N 106 
GLU CA  HA   sing N N 107 
GLU C   O    doub N N 108 
GLU C   OXT  sing N N 109 
GLU CB  CG   sing N N 110 
GLU CB  HB2  sing N N 111 
GLU CB  HB3  sing N N 112 
GLU CG  CD   sing N N 113 
GLU CG  HG2  sing N N 114 
GLU CG  HG3  sing N N 115 
GLU CD  OE1  doub N N 116 
GLU CD  OE2  sing N N 117 
GLU OE2 HE2  sing N N 118 
GLU OXT HXT  sing N N 119 
GLY N   CA   sing N N 120 
GLY N   H    sing N N 121 
GLY N   H2   sing N N 122 
GLY CA  C    sing N N 123 
GLY CA  HA2  sing N N 124 
GLY CA  HA3  sing N N 125 
GLY C   O    doub N N 126 
GLY C   OXT  sing N N 127 
GLY OXT HXT  sing N N 128 
HIS N   CA   sing N N 129 
HIS N   H    sing N N 130 
HIS N   H2   sing N N 131 
HIS CA  C    sing N N 132 
HIS CA  CB   sing N N 133 
HIS CA  HA   sing N N 134 
HIS C   O    doub N N 135 
HIS C   OXT  sing N N 136 
HIS CB  CG   sing N N 137 
HIS CB  HB2  sing N N 138 
HIS CB  HB3  sing N N 139 
HIS CG  ND1  sing Y N 140 
HIS CG  CD2  doub Y N 141 
HIS ND1 CE1  doub Y N 142 
HIS ND1 HD1  sing N N 143 
HIS CD2 NE2  sing Y N 144 
HIS CD2 HD2  sing N N 145 
HIS CE1 NE2  sing Y N 146 
HIS CE1 HE1  sing N N 147 
HIS NE2 HE2  sing N N 148 
HIS OXT HXT  sing N N 149 
HOH O   H1   sing N N 150 
HOH O   H2   sing N N 151 
ILE N   CA   sing N N 152 
ILE N   H    sing N N 153 
ILE N   H2   sing N N 154 
ILE CA  C    sing N N 155 
ILE CA  CB   sing N N 156 
ILE CA  HA   sing N N 157 
ILE C   O    doub N N 158 
ILE C   OXT  sing N N 159 
ILE CB  CG1  sing N N 160 
ILE CB  CG2  sing N N 161 
ILE CB  HB   sing N N 162 
ILE CG1 CD1  sing N N 163 
ILE CG1 HG12 sing N N 164 
ILE CG1 HG13 sing N N 165 
ILE CG2 HG21 sing N N 166 
ILE CG2 HG22 sing N N 167 
ILE CG2 HG23 sing N N 168 
ILE CD1 HD11 sing N N 169 
ILE CD1 HD12 sing N N 170 
ILE CD1 HD13 sing N N 171 
ILE OXT HXT  sing N N 172 
LEU N   CA   sing N N 173 
LEU N   H    sing N N 174 
LEU N   H2   sing N N 175 
LEU CA  C    sing N N 176 
LEU CA  CB   sing N N 177 
LEU CA  HA   sing N N 178 
LEU C   O    doub N N 179 
LEU C   OXT  sing N N 180 
LEU CB  CG   sing N N 181 
LEU CB  HB2  sing N N 182 
LEU CB  HB3  sing N N 183 
LEU CG  CD1  sing N N 184 
LEU CG  CD2  sing N N 185 
LEU CG  HG   sing N N 186 
LEU CD1 HD11 sing N N 187 
LEU CD1 HD12 sing N N 188 
LEU CD1 HD13 sing N N 189 
LEU CD2 HD21 sing N N 190 
LEU CD2 HD22 sing N N 191 
LEU CD2 HD23 sing N N 192 
LEU OXT HXT  sing N N 193 
LYS N   CA   sing N N 194 
LYS N   H    sing N N 195 
LYS N   H2   sing N N 196 
LYS CA  C    sing N N 197 
LYS CA  CB   sing N N 198 
LYS CA  HA   sing N N 199 
LYS C   O    doub N N 200 
LYS C   OXT  sing N N 201 
LYS CB  CG   sing N N 202 
LYS CB  HB2  sing N N 203 
LYS CB  HB3  sing N N 204 
LYS CG  CD   sing N N 205 
LYS CG  HG2  sing N N 206 
LYS CG  HG3  sing N N 207 
LYS CD  CE   sing N N 208 
LYS CD  HD2  sing N N 209 
LYS CD  HD3  sing N N 210 
LYS CE  NZ   sing N N 211 
LYS CE  HE2  sing N N 212 
LYS CE  HE3  sing N N 213 
LYS NZ  HZ1  sing N N 214 
LYS NZ  HZ2  sing N N 215 
LYS NZ  HZ3  sing N N 216 
LYS OXT HXT  sing N N 217 
MET N   CA   sing N N 218 
MET N   H    sing N N 219 
MET N   H2   sing N N 220 
MET CA  C    sing N N 221 
MET CA  CB   sing N N 222 
MET CA  HA   sing N N 223 
MET C   O    doub N N 224 
MET C   OXT  sing N N 225 
MET CB  CG   sing N N 226 
MET CB  HB2  sing N N 227 
MET CB  HB3  sing N N 228 
MET CG  SD   sing N N 229 
MET CG  HG2  sing N N 230 
MET CG  HG3  sing N N 231 
MET SD  CE   sing N N 232 
MET CE  HE1  sing N N 233 
MET CE  HE2  sing N N 234 
MET CE  HE3  sing N N 235 
MET OXT HXT  sing N N 236 
PHE N   CA   sing N N 237 
PHE N   H    sing N N 238 
PHE N   H2   sing N N 239 
PHE CA  C    sing N N 240 
PHE CA  CB   sing N N 241 
PHE CA  HA   sing N N 242 
PHE C   O    doub N N 243 
PHE C   OXT  sing N N 244 
PHE CB  CG   sing N N 245 
PHE CB  HB2  sing N N 246 
PHE CB  HB3  sing N N 247 
PHE CG  CD1  doub Y N 248 
PHE CG  CD2  sing Y N 249 
PHE CD1 CE1  sing Y N 250 
PHE CD1 HD1  sing N N 251 
PHE CD2 CE2  doub Y N 252 
PHE CD2 HD2  sing N N 253 
PHE CE1 CZ   doub Y N 254 
PHE CE1 HE1  sing N N 255 
PHE CE2 CZ   sing Y N 256 
PHE CE2 HE2  sing N N 257 
PHE CZ  HZ   sing N N 258 
PHE OXT HXT  sing N N 259 
PRO N   CA   sing N N 260 
PRO N   CD   sing N N 261 
PRO N   H    sing N N 262 
PRO CA  C    sing N N 263 
PRO CA  CB   sing N N 264 
PRO CA  HA   sing N N 265 
PRO C   O    doub N N 266 
PRO C   OXT  sing N N 267 
PRO CB  CG   sing N N 268 
PRO CB  HB2  sing N N 269 
PRO CB  HB3  sing N N 270 
PRO CG  CD   sing N N 271 
PRO CG  HG2  sing N N 272 
PRO CG  HG3  sing N N 273 
PRO CD  HD2  sing N N 274 
PRO CD  HD3  sing N N 275 
PRO OXT HXT  sing N N 276 
SER N   CA   sing N N 277 
SER N   H    sing N N 278 
SER N   H2   sing N N 279 
SER CA  C    sing N N 280 
SER CA  CB   sing N N 281 
SER CA  HA   sing N N 282 
SER C   O    doub N N 283 
SER C   OXT  sing N N 284 
SER CB  OG   sing N N 285 
SER CB  HB2  sing N N 286 
SER CB  HB3  sing N N 287 
SER OG  HG   sing N N 288 
SER OXT HXT  sing N N 289 
THR N   CA   sing N N 290 
THR N   H    sing N N 291 
THR N   H2   sing N N 292 
THR CA  C    sing N N 293 
THR CA  CB   sing N N 294 
THR CA  HA   sing N N 295 
THR C   O    doub N N 296 
THR C   OXT  sing N N 297 
THR CB  OG1  sing N N 298 
THR CB  CG2  sing N N 299 
THR CB  HB   sing N N 300 
THR OG1 HG1  sing N N 301 
THR CG2 HG21 sing N N 302 
THR CG2 HG22 sing N N 303 
THR CG2 HG23 sing N N 304 
THR OXT HXT  sing N N 305 
TYR N   CA   sing N N 306 
TYR N   H    sing N N 307 
TYR N   H2   sing N N 308 
TYR CA  C    sing N N 309 
TYR CA  CB   sing N N 310 
TYR CA  HA   sing N N 311 
TYR C   O    doub N N 312 
TYR C   OXT  sing N N 313 
TYR CB  CG   sing N N 314 
TYR CB  HB2  sing N N 315 
TYR CB  HB3  sing N N 316 
TYR CG  CD1  doub Y N 317 
TYR CG  CD2  sing Y N 318 
TYR CD1 CE1  sing Y N 319 
TYR CD1 HD1  sing N N 320 
TYR CD2 CE2  doub Y N 321 
TYR CD2 HD2  sing N N 322 
TYR CE1 CZ   doub Y N 323 
TYR CE1 HE1  sing N N 324 
TYR CE2 CZ   sing Y N 325 
TYR CE2 HE2  sing N N 326 
TYR CZ  OH   sing N N 327 
TYR OH  HH   sing N N 328 
TYR OXT HXT  sing N N 329 
VAL N   CA   sing N N 330 
VAL N   H    sing N N 331 
VAL N   H2   sing N N 332 
VAL CA  C    sing N N 333 
VAL CA  CB   sing N N 334 
VAL CA  HA   sing N N 335 
VAL C   O    doub N N 336 
VAL C   OXT  sing N N 337 
VAL CB  CG1  sing N N 338 
VAL CB  CG2  sing N N 339 
VAL CB  HB   sing N N 340 
VAL CG1 HG11 sing N N 341 
VAL CG1 HG12 sing N N 342 
VAL CG1 HG13 sing N N 343 
VAL CG2 HG21 sing N N 344 
VAL CG2 HG22 sing N N 345 
VAL CG2 HG23 sing N N 346 
VAL OXT HXT  sing N N 347 
# 
_atom_sites.entry_id                    1IIB 
_atom_sites.fract_transf_matrix[1][1]   -0.01745142 
_atom_sites.fract_transf_matrix[1][2]   0.00141771 
_atom_sites.fract_transf_matrix[1][3]   -0.00733817 
_atom_sites.fract_transf_matrix[2][1]   0.01176354 
_atom_sites.fract_transf_matrix[2][2]   -0.00446588 
_atom_sites.fract_transf_matrix[2][3]   -0.02883849 
_atom_sites.fract_transf_matrix[3][1]   -0.00520618 
_atom_sites.fract_transf_matrix[3][2]   -0.01612528 
_atom_sites.fract_transf_matrix[3][3]   0.00037347 
_atom_sites.fract_transf_vector[1]      0.529702 
_atom_sites.fract_transf_vector[2]      0.786942 
_atom_sites.fract_transf_vector[3]      0.760720 
# 
loop_
_atom_type.symbol 
C 
N 
O 
S 
# 
loop_
_atom_site.group_PDB 
_atom_site.id 
_atom_site.type_symbol 
_atom_site.label_atom_id 
_atom_site.label_alt_id 
_atom_site.label_comp_id 
_atom_site.label_asym_id 
_atom_site.label_entity_id 
_atom_site.label_seq_id 
_atom_site.pdbx_PDB_ins_code 
_atom_site.Cartn_x 
_atom_site.Cartn_y 
_atom_site.Cartn_z 
_atom_site.occupancy 
_atom_site.B_iso_or_equiv 
_atom_site.pdbx_formal_charge 
_atom_site.auth_seq_id 
_atom_site.auth_comp_id 
_atom_site.auth_asym_id 
_atom_site.auth_atom_id 
_atom_site.pdbx_PDB_model_num 
ATOM   1    N N   . LYS A 1 3   ? -4.514  4.780   -11.482 1.00 28.96 ? 3   LYS A N   1 
ATOM   2    C CA  . LYS A 1 3   ? -4.925  6.219   -11.536 1.00 33.22 ? 3   LYS A CA  1 
ATOM   3    C C   . LYS A 1 3   ? -5.968  6.549   -10.479 1.00 30.19 ? 3   LYS A C   1 
ATOM   4    O O   . LYS A 1 3   ? -7.056  5.972   -10.456 1.00 30.16 ? 3   LYS A O   1 
ATOM   5    C CB  . LYS A 1 3   ? -5.471  6.608   -12.917 1.00 35.99 ? 3   LYS A CB  1 
ATOM   6    C CG  . LYS A 1 3   ? -4.390  6.981   -13.919 1.00 40.90 ? 3   LYS A CG  1 
ATOM   7    C CD  . LYS A 1 3   ? -4.966  7.638   -15.166 1.00 45.18 ? 3   LYS A CD  1 
ATOM   8    C CE  . LYS A 1 3   ? -3.874  7.883   -16.201 1.00 47.57 ? 3   LYS A CE  1 
ATOM   9    N NZ  . LYS A 1 3   ? -4.273  8.869   -17.266 1.00 48.98 ? 3   LYS A NZ  1 
ATOM   10   N N   . LYS A 1 4   ? -5.626  7.483   -9.607  1.00 27.42 ? 4   LYS A N   1 
ATOM   11   C CA  . LYS A 1 4   ? -6.519  7.886   -8.539  1.00 25.10 ? 4   LYS A CA  1 
ATOM   12   C C   . LYS A 1 4   ? -7.522  8.938   -9.012  1.00 22.97 ? 4   LYS A C   1 
ATOM   13   O O   . LYS A 1 4   ? -7.207  9.779   -9.853  1.00 21.29 ? 4   LYS A O   1 
ATOM   14   C CB  . LYS A 1 4   ? -5.701  8.377   -7.339  1.00 25.75 ? 4   LYS A CB  1 
ATOM   15   C CG  . LYS A 1 4   ? -4.799  7.282   -6.765  1.00 33.30 ? 4   LYS A CG  1 
ATOM   16   C CD  . LYS A 1 4   ? -5.611  6.017   -6.447  1.00 36.84 ? 4   LYS A CD  1 
ATOM   17   C CE  . LYS A 1 4   ? -4.751  4.760   -6.340  1.00 42.68 ? 4   LYS A CE  1 
ATOM   18   N NZ  . LYS A 1 4   ? -3.781  4.825   -5.215  1.00 44.88 ? 4   LYS A NZ  1 
ATOM   19   N N   . HIS A 1 5   ? -8.727  8.883   -8.460  1.00 17.54 ? 5   HIS A N   1 
ATOM   20   C CA  . HIS A 1 5   ? -9.798  9.805   -8.817  1.00 16.50 ? 5   HIS A CA  1 
ATOM   21   C C   . HIS A 1 5   ? -9.944  10.929  -7.821  1.00 15.01 ? 5   HIS A C   1 
ATOM   22   O O   . HIS A 1 5   ? -10.224 10.692  -6.641  1.00 16.07 ? 5   HIS A O   1 
ATOM   23   C CB  . HIS A 1 5   ? -11.113 9.045   -8.926  1.00 17.10 ? 5   HIS A CB  1 
ATOM   24   C CG  . HIS A 1 5   ? -11.137 8.086   -10.069 1.00 26.97 ? 5   HIS A CG  1 
ATOM   25   N ND1 . HIS A 1 5   ? -12.197 8.005   -10.944 1.00 31.59 ? 5   HIS A ND1 1 
ATOM   26   C CD2 . HIS A 1 5   ? -10.185 7.249   -10.546 1.00 27.57 ? 5   HIS A CD2 1 
ATOM   27   C CE1 . HIS A 1 5   ? -11.892 7.166   -11.921 1.00 31.13 ? 5   HIS A CE1 1 
ATOM   28   N NE2 . HIS A 1 5   ? -10.677 6.697   -11.702 1.00 30.49 ? 5   HIS A NE2 1 
ATOM   29   N N   . ILE A 1 6   ? -9.714  12.149  -8.290  1.00 11.17 ? 6   ILE A N   1 
ATOM   30   C CA  . ILE A 1 6   ? -9.858  13.330  -7.459  1.00 9.53  ? 6   ILE A CA  1 
ATOM   31   C C   . ILE A 1 6   ? -11.124 14.039  -7.959  1.00 15.22 ? 6   ILE A C   1 
ATOM   32   O O   . ILE A 1 6   ? -11.168 14.498  -9.107  1.00 12.34 ? 6   ILE A O   1 
ATOM   33   C CB  . ILE A 1 6   ? -8.686  14.275  -7.658  1.00 10.96 ? 6   ILE A CB  1 
ATOM   34   C CG1 . ILE A 1 6   ? -7.375  13.571  -7.308  1.00 11.74 ? 6   ILE A CG1 1 
ATOM   35   C CG2 . ILE A 1 6   ? -8.884  15.533  -6.803  1.00 11.12 ? 6   ILE A CG2 1 
ATOM   36   C CD1 . ILE A 1 6   ? -6.157  14.395  -7.622  1.00 14.62 ? 6   ILE A CD1 1 
ATOM   37   N N   . TYR A 1 7   ? -12.154 14.087  -7.124  1.00 14.07 ? 7   TYR A N   1 
ATOM   38   C CA  . TYR A 1 7   ? -13.404 14.734  -7.484  1.00 12.02 ? 7   TYR A CA  1 
ATOM   39   C C   . TYR A 1 7   ? -13.624 15.997  -6.671  1.00 14.34 ? 7   TYR A C   1 
ATOM   40   O O   . TYR A 1 7   ? -13.522 15.964  -5.442  1.00 12.61 ? 7   TYR A O   1 
ATOM   41   C CB  . TYR A 1 7   ? -14.561 13.787  -7.240  1.00 12.32 ? 7   TYR A CB  1 
ATOM   42   C CG  . TYR A 1 7   ? -14.611 12.626  -8.191  1.00 12.20 ? 7   TYR A CG  1 
ATOM   43   C CD1 . TYR A 1 7   ? -13.751 12.554  -9.279  1.00 12.32 ? 7   TYR A CD1 1 
ATOM   44   C CD2 . TYR A 1 7   ? -15.552 11.617  -8.027  1.00 13.19 ? 7   TYR A CD2 1 
ATOM   45   C CE1 . TYR A 1 7   ? -13.835 11.505  -10.184 1.00 13.77 ? 7   TYR A CE1 1 
ATOM   46   C CE2 . TYR A 1 7   ? -15.635 10.563  -8.915  1.00 14.88 ? 7   TYR A CE2 1 
ATOM   47   C CZ  . TYR A 1 7   ? -14.780 10.513  -9.990  1.00 15.90 ? 7   TYR A CZ  1 
ATOM   48   O OH  . TYR A 1 7   ? -14.840 9.454   -10.870 1.00 20.56 ? 7   TYR A OH  1 
ATOM   49   N N   . LEU A 1 8   ? -13.900 17.108  -7.361  1.00 11.96 ? 8   LEU A N   1 
ATOM   50   C CA  . LEU A 1 8   ? -14.169 18.406  -6.723  1.00 14.39 ? 8   LEU A CA  1 
ATOM   51   C C   . LEU A 1 8   ? -15.674 18.652  -6.798  1.00 14.56 ? 8   LEU A C   1 
ATOM   52   O O   . LEU A 1 8   ? -16.291 18.399  -7.832  1.00 16.17 ? 8   LEU A O   1 
ATOM   53   C CB  . LEU A 1 8   ? -13.431 19.547  -7.436  1.00 12.24 ? 8   LEU A CB  1 
ATOM   54   C CG  . LEU A 1 8   ? -11.923 19.663  -7.175  1.00 14.71 ? 8   LEU A CG  1 
ATOM   55   C CD1 . LEU A 1 8   ? -11.164 18.527  -7.852  1.00 14.25 ? 8   LEU A CD1 1 
ATOM   56   C CD2 . LEU A 1 8   ? -11.400 21.007  -7.652  1.00 14.23 ? 8   LEU A CD2 1 
ATOM   57   N N   . PHE A 1 9   ? -16.264 19.116  -5.699  1.00 14.04 ? 9   PHE A N   1 
ATOM   58   C CA  . PHE A 1 9   ? -17.706 19.396  -5.636  1.00 11.95 ? 9   PHE A CA  1 
ATOM   59   C C   . PHE A 1 9   ? -17.900 20.827  -5.200  1.00 14.37 ? 9   PHE A C   1 
ATOM   60   O O   . PHE A 1 9   ? -17.340 21.245  -4.183  1.00 14.21 ? 9   PHE A O   1 
ATOM   61   C CB  . PHE A 1 9   ? -18.399 18.453  -4.652  1.00 10.89 ? 9   PHE A CB  1 
ATOM   62   C CG  . PHE A 1 9   ? -18.319 17.004  -5.060  1.00 13.85 ? 9   PHE A CG  1 
ATOM   63   C CD1 . PHE A 1 9   ? -19.288 16.441  -5.885  1.00 14.19 ? 9   PHE A CD1 1 
ATOM   64   C CD2 . PHE A 1 9   ? -17.259 16.204  -4.642  1.00 13.19 ? 9   PHE A CD2 1 
ATOM   65   C CE1 . PHE A 1 9   ? -19.199 15.095  -6.296  1.00 14.60 ? 9   PHE A CE1 1 
ATOM   66   C CE2 . PHE A 1 9   ? -17.167 14.869  -5.047  1.00 11.71 ? 9   PHE A CE2 1 
ATOM   67   C CZ  . PHE A 1 9   ? -18.135 14.314  -5.874  1.00 11.06 ? 9   PHE A CZ  1 
ATOM   68   N N   . SER A 1 10  ? -18.680 21.590  -5.962  1.00 15.10 ? 10  SER A N   1 
ATOM   69   C CA  . SER A 1 10  ? -18.906 22.987  -5.622  1.00 19.76 ? 10  SER A CA  1 
ATOM   70   C C   . SER A 1 10  ? -20.194 23.513  -6.246  1.00 21.71 ? 10  SER A C   1 
ATOM   71   O O   . SER A 1 10  ? -20.727 22.913  -7.188  1.00 22.18 ? 10  SER A O   1 
ATOM   72   C CB  . SER A 1 10  ? -17.728 23.833  -6.126  1.00 21.47 ? 10  SER A CB  1 
ATOM   73   O OG  . SER A 1 10  ? -17.865 25.196  -5.748  1.00 27.01 ? 10  SER A OG  1 
ATOM   74   N N   . SER A 1 11  ? -20.702 24.614  -5.691  1.00 21.88 ? 11  SER A N   1 
ATOM   75   C CA  . SER A 1 11  ? -21.898 25.263  -6.219  1.00 22.52 ? 11  SER A CA  1 
ATOM   76   C C   . SER A 1 11  ? -21.462 26.295  -7.287  1.00 22.91 ? 11  SER A C   1 
ATOM   77   O O   . SER A 1 11  ? -22.279 26.752  -8.090  1.00 25.49 ? 11  SER A O   1 
ATOM   78   C CB  . SER A 1 11  ? -22.689 25.927  -5.080  1.00 22.70 ? 11  SER A CB  1 
ATOM   79   O OG  . SER A 1 11  ? -21.870 26.825  -4.329  1.00 23.41 ? 11  SER A OG  1 
ATOM   80   N N   . ALA A 1 12  ? -20.162 26.602  -7.316  1.00 19.26 ? 12  ALA A N   1 
ATOM   81   C CA  . ALA A 1 12  ? -19.568 27.557  -8.262  1.00 17.58 ? 12  ALA A CA  1 
ATOM   82   C C   . ALA A 1 12  ? -18.968 26.824  -9.469  1.00 20.58 ? 12  ALA A C   1 
ATOM   83   O O   . ALA A 1 12  ? -17.757 26.605  -9.546  1.00 24.90 ? 12  ALA A O   1 
ATOM   84   C CB  . ALA A 1 12  ? -18.494 28.379  -7.562  1.00 15.51 ? 12  ALA A CB  1 
ATOM   85   N N   . GLY A 1 13  ? -19.828 26.452  -10.408 1.00 19.55 ? 13  GLY A N   1 
ATOM   86   C CA  . GLY A 1 13  ? -19.411 25.723  -11.593 1.00 17.91 ? 13  GLY A CA  1 
ATOM   87   C C   . GLY A 1 13  ? -18.226 26.214  -12.396 1.00 18.70 ? 13  GLY A C   1 
ATOM   88   O O   . GLY A 1 13  ? -17.286 25.454  -12.614 1.00 19.80 ? 13  GLY A O   1 
ATOM   89   N N   . MET A 1 14  ? -18.249 27.469  -12.832 1.00 19.94 ? 14  MET A N   1 
ATOM   90   C CA  . MET A 1 14  ? -17.161 28.007  -13.651 1.00 22.50 ? 14  MET A CA  1 
ATOM   91   C C   . MET A 1 14  ? -15.775 28.029  -13.002 1.00 20.98 ? 14  MET A C   1 
ATOM   92   O O   . MET A 1 14  ? -14.820 27.507  -13.589 1.00 21.24 ? 14  MET A O   1 
ATOM   93   C CB  . MET A 1 14  ? -17.502 29.412  -14.198 1.00 26.06 ? 14  MET A CB  1 
ATOM   94   C CG  . MET A 1 14  ? -18.509 29.444  -15.339 1.00 32.02 ? 14  MET A CG  1 
ATOM   95   S SD  . MET A 1 14  ? -17.955 28.715  -16.936 1.00 37.67 ? 14  MET A SD  1 
ATOM   96   C CE  . MET A 1 14  ? -17.145 30.119  -17.688 1.00 33.64 ? 14  MET A CE  1 
ATOM   97   N N   . SER A 1 15  ? -15.644 28.634  -11.821 1.00 17.83 ? 15  SER A N   1 
ATOM   98   C CA  . SER A 1 15  ? -14.329 28.698  -11.173 1.00 21.44 ? 15  SER A CA  1 
ATOM   99   C C   . SER A 1 15  ? -13.764 27.318  -10.828 1.00 18.90 ? 15  SER A C   1 
ATOM   100  O O   . SER A 1 15  ? -12.558 27.086  -10.942 1.00 19.09 ? 15  SER A O   1 
ATOM   101  C CB  . SER A 1 15  ? -14.341 29.623  -9.955  1.00 22.29 ? 15  SER A CB  1 
ATOM   102  O OG  . SER A 1 15  ? -15.577 29.533  -9.278  1.00 30.39 ? 15  SER A OG  1 
ATOM   103  N N   . THR A 1 16  ? -14.647 26.383  -10.488 1.00 17.36 ? 16  THR A N   1 
ATOM   104  C CA  . THR A 1 16  ? -14.234 25.020  -10.167 1.00 16.55 ? 16  THR A CA  1 
ATOM   105  C C   . THR A 1 16  ? -13.716 24.328  -11.428 1.00 17.79 ? 16  THR A C   1 
ATOM   106  O O   . THR A 1 16  ? -12.654 23.701  -11.377 1.00 16.53 ? 16  THR A O   1 
ATOM   107  C CB  . THR A 1 16  ? -15.390 24.208  -9.567  1.00 14.65 ? 16  THR A CB  1 
ATOM   108  O OG1 . THR A 1 16  ? -15.844 24.871  -8.379  1.00 15.30 ? 16  THR A OG1 1 
ATOM   109  C CG2 . THR A 1 16  ? -14.919 22.814  -9.201  1.00 16.43 ? 16  THR A CG2 1 
ATOM   110  N N   . SER A 1 17  ? -14.455 24.444  -12.544 1.00 15.78 ? 17  SER A N   1 
ATOM   111  C CA  . SER A 1 17  ? -14.040 23.846  -13.827 1.00 15.46 ? 17  SER A CA  1 
ATOM   112  C C   . SER A 1 17  ? -12.719 24.446  -14.321 1.00 14.89 ? 17  SER A C   1 
ATOM   113  O O   . SER A 1 17  ? -11.904 23.764  -14.954 1.00 15.05 ? 17  SER A O   1 
ATOM   114  C CB  . SER A 1 17  ? -15.122 24.021  -14.904 1.00 14.56 ? 17  SER A CB  1 
ATOM   115  O OG  . SER A 1 17  ? -16.249 23.194  -14.636 1.00 22.58 ? 17  SER A OG  1 
ATOM   116  N N   . LEU A 1 18  ? -12.523 25.731  -14.062 1.00 14.24 ? 18  LEU A N   1 
ATOM   117  C CA  . LEU A 1 18  ? -11.296 26.394  -14.455 1.00 15.51 ? 18  LEU A CA  1 
ATOM   118  C C   . LEU A 1 18  ? -10.131 25.839  -13.608 1.00 17.46 ? 18  LEU A C   1 
ATOM   119  O O   . LEU A 1 18  ? -9.032  25.606  -14.127 1.00 20.06 ? 18  LEU A O   1 
ATOM   120  C CB  . LEU A 1 18  ? -11.435 27.905  -14.279 1.00 17.42 ? 18  LEU A CB  1 
ATOM   121  C CG  . LEU A 1 18  ? -10.261 28.673  -14.874 1.00 21.40 ? 18  LEU A CG  1 
ATOM   122  C CD1 . LEU A 1 18  ? -10.181 28.421  -16.372 1.00 21.91 ? 18  LEU A CD1 1 
ATOM   123  C CD2 . LEU A 1 18  ? -10.416 30.148  -14.572 1.00 24.59 ? 18  LEU A CD2 1 
ATOM   124  N N   . LEU A 1 19  ? -10.372 25.612  -12.316 1.00 17.79 ? 19  LEU A N   1 
ATOM   125  C CA  . LEU A 1 19  ? -9.344  25.040  -11.424 1.00 16.51 ? 19  LEU A CA  1 
ATOM   126  C C   . LEU A 1 19  ? -9.012  23.602  -11.880 1.00 15.14 ? 19  LEU A C   1 
ATOM   127  O O   . LEU A 1 19  ? -7.841  23.228  -11.961 1.00 14.14 ? 19  LEU A O   1 
ATOM   128  C CB  . LEU A 1 19  ? -9.817  25.055  -9.963  1.00 15.20 ? 19  LEU A CB  1 
ATOM   129  C CG  . LEU A 1 19  ? -8.890  24.432  -8.903  1.00 15.89 ? 19  LEU A CG  1 
ATOM   130  C CD1 . LEU A 1 19  ? -7.525  25.093  -8.927  1.00 13.88 ? 19  LEU A CD1 1 
ATOM   131  C CD2 . LEU A 1 19  ? -9.537  24.568  -7.530  1.00 12.46 ? 19  LEU A CD2 1 
ATOM   132  N N   . VAL A 1 20  ? -10.040 22.825  -12.221 1.00 10.22 ? 20  VAL A N   1 
ATOM   133  C CA  . VAL A 1 20  ? -9.837  21.453  -12.704 1.00 12.78 ? 20  VAL A CA  1 
ATOM   134  C C   . VAL A 1 20  ? -8.958  21.432  -13.963 1.00 14.68 ? 20  VAL A C   1 
ATOM   135  O O   . VAL A 1 20  ? -8.038  20.620  -14.057 1.00 15.39 ? 20  VAL A O   1 
ATOM   136  C CB  . VAL A 1 20  ? -11.188 20.702  -12.969 1.00 11.54 ? 20  VAL A CB  1 
ATOM   137  C CG1 . VAL A 1 20  ? -10.976 19.470  -13.853 1.00 12.58 ? 20  VAL A CG1 1 
ATOM   138  C CG2 . VAL A 1 20  ? -11.813 20.278  -11.652 1.00 12.92 ? 20  VAL A CG2 1 
ATOM   139  N N   . SER A 1 21  ? -9.197  22.336  -14.917 1.00 14.89 ? 21  SER A N   1 
ATOM   140  C CA  . SER A 1 21  ? -8.368  22.347  -16.124 1.00 16.43 ? 21  SER A CA  1 
ATOM   141  C C   . SER A 1 21  ? -6.888  22.656  -15.806 1.00 18.81 ? 21  SER A C   1 
ATOM   142  O O   . SER A 1 21  ? -5.991  22.053  -16.404 1.00 19.14 ? 21  SER A O   1 
ATOM   143  C CB  . SER A 1 21  ? -8.925  23.286  -17.204 1.00 17.86 ? 21  SER A CB  1 
ATOM   144  O OG  . SER A 1 21  ? -8.835  24.639  -16.810 1.00 28.52 ? 21  SER A OG  1 
ATOM   145  N N   . LYS A 1 22  ? -6.626  23.556  -14.856 1.00 18.01 ? 22  LYS A N   1 
ATOM   146  C CA  . LYS A 1 22  ? -5.240  23.868  -14.476 1.00 19.63 ? 22  LYS A CA  1 
ATOM   147  C C   . LYS A 1 22  ? -4.606  22.698  -13.700 1.00 17.92 ? 22  LYS A C   1 
ATOM   148  O O   . LYS A 1 22  ? -3.413  22.436  -13.824 1.00 17.45 ? 22  LYS A O   1 
ATOM   149  C CB  . LYS A 1 22  ? -5.161  25.156  -13.645 1.00 21.33 ? 22  LYS A CB  1 
ATOM   150  C CG  . LYS A 1 22  ? -5.586  26.430  -14.384 1.00 31.10 ? 22  LYS A CG  1 
ATOM   151  C CD  . LYS A 1 22  ? -4.680  26.748  -15.574 1.00 37.19 ? 22  LYS A CD  1 
ATOM   152  C CE  . LYS A 1 22  ? -5.155  27.984  -16.361 1.00 40.34 ? 22  LYS A CE  1 
ATOM   153  N NZ  . LYS A 1 22  ? -5.162  29.238  -15.546 1.00 43.32 ? 22  LYS A NZ  1 
ATOM   154  N N   . MET A 1 23  ? -5.391  21.997  -12.896 1.00 15.48 ? 23  MET A N   1 
ATOM   155  C CA  . MET A 1 23  ? -4.844  20.854  -12.164 1.00 14.83 ? 23  MET A CA  1 
ATOM   156  C C   . MET A 1 23  ? -4.453  19.756  -13.170 1.00 14.47 ? 23  MET A C   1 
ATOM   157  O O   . MET A 1 23  ? -3.413  19.127  -13.019 1.00 17.08 ? 23  MET A O   1 
ATOM   158  C CB  . MET A 1 23  ? -5.852  20.296  -11.154 1.00 12.51 ? 23  MET A CB  1 
ATOM   159  C CG  . MET A 1 23  ? -6.139  21.180  -9.939  1.00 15.10 ? 23  MET A CG  1 
ATOM   160  S SD  . MET A 1 23  ? -7.527  20.514  -8.944  1.00 14.67 ? 23  MET A SD  1 
ATOM   161  C CE  . MET A 1 23  ? -6.805  19.026  -8.244  1.00 13.24 ? 23  MET A CE  1 
ATOM   162  N N   . ARG A 1 24  ? -5.286  19.516  -14.184 1.00 13.58 ? 24  ARG A N   1 
ATOM   163  C CA  . ARG A 1 24  ? -4.995  18.496  -15.193 1.00 14.57 ? 24  ARG A CA  1 
ATOM   164  C C   . ARG A 1 24  ? -3.698  18.813  -15.935 1.00 18.01 ? 24  ARG A C   1 
ATOM   165  O O   . ARG A 1 24  ? -2.955  17.895  -16.301 1.00 17.87 ? 24  ARG A O   1 
ATOM   166  C CB  . ARG A 1 24  ? -6.127  18.373  -16.218 1.00 15.59 ? 24  ARG A CB  1 
ATOM   167  C CG  . ARG A 1 24  ? -7.419  17.790  -15.671 1.00 15.25 ? 24  ARG A CG  1 
ATOM   168  C CD  . ARG A 1 24  ? -8.450  17.644  -16.770 1.00 16.19 ? 24  ARG A CD  1 
ATOM   169  N NE  . ARG A 1 24  ? -9.696  17.091  -16.253 1.00 17.21 ? 24  ARG A NE  1 
ATOM   170  C CZ  . ARG A 1 24  ? -10.882 17.265  -16.831 1.00 22.88 ? 24  ARG A CZ  1 
ATOM   171  N NH1 . ARG A 1 24  ? -10.979 17.967  -17.957 1.00 23.13 ? 24  ARG A NH1 1 
ATOM   172  N NH2 . ARG A 1 24  ? -11.973 16.734  -16.290 1.00 19.17 ? 24  ARG A NH2 1 
ATOM   173  N N   . ALA A 1 25  ? -3.453  20.101  -16.188 1.00 16.96 ? 25  ALA A N   1 
ATOM   174  C CA  . ALA A 1 25  ? -2.245  20.533  -16.890 1.00 19.25 ? 25  ALA A CA  1 
ATOM   175  C C   . ALA A 1 25  ? -1.023  20.175  -16.047 1.00 21.18 ? 25  ALA A C   1 
ATOM   176  O O   . ALA A 1 25  ? -0.054  19.604  -16.550 1.00 22.80 ? 25  ALA A O   1 
ATOM   177  C CB  . ALA A 1 25  ? -2.283  22.029  -17.155 1.00 15.86 ? 25  ALA A CB  1 
ATOM   178  N N   . GLN A 1 26  ? -1.105  20.464  -14.754 1.00 21.18 ? 26  GLN A N   1 
ATOM   179  C CA  . GLN A 1 26  ? -0.030  20.180  -13.821 1.00 21.15 ? 26  GLN A CA  1 
ATOM   180  C C   . GLN A 1 26  ? 0.213   18.696  -13.665 1.00 23.47 ? 26  GLN A C   1 
ATOM   181  O O   . GLN A 1 26  ? 1.363   18.255  -13.642 1.00 24.50 ? 26  GLN A O   1 
ATOM   182  C CB  . GLN A 1 26  ? -0.346  20.791  -12.469 1.00 23.50 ? 26  GLN A CB  1 
ATOM   183  C CG  . GLN A 1 26  ? -0.277  22.288  -12.493 1.00 24.84 ? 26  GLN A CG  1 
ATOM   184  C CD  . GLN A 1 26  ? 1.077   22.766  -12.946 1.00 28.44 ? 26  GLN A CD  1 
ATOM   185  O OE1 . GLN A 1 26  ? 2.083   22.124  -12.682 1.00 31.16 ? 26  GLN A OE1 1 
ATOM   186  N NE2 . GLN A 1 26  ? 1.113   23.899  -13.623 1.00 30.48 ? 26  GLN A NE2 1 
ATOM   187  N N   . ALA A 1 27  ? -0.865  17.923  -13.572 1.00 19.28 ? 27  ALA A N   1 
ATOM   188  C CA  . ALA A 1 27  ? -0.743  16.480  -13.425 1.00 19.94 ? 27  ALA A CA  1 
ATOM   189  C C   . ALA A 1 27  ? -0.033  15.879  -14.638 1.00 21.79 ? 27  ALA A C   1 
ATOM   190  O O   . ALA A 1 27  ? 0.698   14.898  -14.510 1.00 23.12 ? 27  ALA A O   1 
ATOM   191  C CB  . ALA A 1 27  ? -2.121  15.836  -13.231 1.00 16.70 ? 27  ALA A CB  1 
ATOM   192  N N   . GLU A 1 28  ? -0.239  16.468  -15.813 1.00 23.88 ? 28  GLU A N   1 
ATOM   193  C CA  . GLU A 1 28  ? 0.385   15.982  -17.042 1.00 26.59 ? 28  GLU A CA  1 
ATOM   194  C C   . GLU A 1 28  ? 1.864   16.350  -17.058 1.00 26.96 ? 28  GLU A C   1 
ATOM   195  O O   . GLU A 1 28  ? 2.722   15.524  -17.373 1.00 26.69 ? 28  GLU A O   1 
ATOM   196  C CB  . GLU A 1 28  ? -0.322  16.586  -18.253 1.00 29.98 ? 28  GLU A CB  1 
ATOM   197  C CG  . GLU A 1 28  ? -0.016  15.903  -19.572 1.00 36.24 ? 28  GLU A CG  1 
ATOM   198  C CD  . GLU A 1 28  ? -0.411  14.425  -19.619 1.00 38.45 ? 28  GLU A CD  1 
ATOM   199  O OE1 . GLU A 1 28  ? -1.428  14.016  -19.009 1.00 38.85 ? 28  GLU A OE1 1 
ATOM   200  O OE2 . GLU A 1 28  ? 0.301   13.670  -20.311 1.00 44.01 ? 28  GLU A OE2 1 
ATOM   201  N N   . LYS A 1 29  ? 2.152   17.586  -16.674 1.00 27.45 ? 29  LYS A N   1 
ATOM   202  C CA  . LYS A 1 29  ? 3.511   18.088  -16.631 1.00 30.24 ? 29  LYS A CA  1 
ATOM   203  C C   . LYS A 1 29  ? 4.403   17.234  -15.720 1.00 32.00 ? 29  LYS A C   1 
ATOM   204  O O   . LYS A 1 29  ? 5.560   16.969  -16.060 1.00 34.40 ? 29  LYS A O   1 
ATOM   205  C CB  . LYS A 1 29  ? 3.518   19.545  -16.178 1.00 27.57 ? 29  LYS A CB  1 
ATOM   206  C CG  . LYS A 1 29  ? 4.897   20.176  -16.161 1.00 36.63 ? 29  LYS A CG  1 
ATOM   207  C CD  . LYS A 1 29  ? 4.836   21.670  -15.830 1.00 42.29 ? 29  LYS A CD  1 
ATOM   208  C CE  . LYS A 1 29  ? 6.220   22.251  -15.510 1.00 42.88 ? 29  LYS A CE  1 
ATOM   209  N NZ  . LYS A 1 29  ? 7.207   21.963  -16.596 1.00 45.63 ? 29  LYS A NZ  1 
ATOM   210  N N   . TYR A 1 30  ? 3.877   16.795  -14.573 1.00 31.62 ? 30  TYR A N   1 
ATOM   211  C CA  . TYR A 1 30  ? 4.658   15.965  -13.631 1.00 28.85 ? 30  TYR A CA  1 
ATOM   212  C C   . TYR A 1 30  ? 4.325   14.474  -13.617 1.00 28.24 ? 30  TYR A C   1 
ATOM   213  O O   . TYR A 1 30  ? 4.706   13.764  -12.685 1.00 29.98 ? 30  TYR A O   1 
ATOM   214  C CB  . TYR A 1 30  ? 4.579   16.520  -12.200 1.00 28.06 ? 30  TYR A CB  1 
ATOM   215  C CG  . TYR A 1 30  ? 5.094   17.927  -12.082 1.00 27.35 ? 30  TYR A CG  1 
ATOM   216  C CD1 . TYR A 1 30  ? 6.446   18.190  -11.890 1.00 29.59 ? 30  TYR A CD1 1 
ATOM   217  C CD2 . TYR A 1 30  ? 4.238   19.001  -12.242 1.00 27.98 ? 30  TYR A CD2 1 
ATOM   218  C CE1 . TYR A 1 30  ? 6.922   19.490  -11.870 1.00 29.41 ? 30  TYR A CE1 1 
ATOM   219  C CE2 . TYR A 1 30  ? 4.704   20.296  -12.223 1.00 28.20 ? 30  TYR A CE2 1 
ATOM   220  C CZ  . TYR A 1 30  ? 6.040   20.539  -12.038 1.00 29.99 ? 30  TYR A CZ  1 
ATOM   221  O OH  . TYR A 1 30  ? 6.475   21.837  -12.025 1.00 32.30 ? 30  TYR A OH  1 
ATOM   222  N N   . GLU A 1 31  ? 3.599   14.010  -14.632 1.00 27.75 ? 31  GLU A N   1 
ATOM   223  C CA  . GLU A 1 31  ? 3.217   12.598  -14.759 1.00 28.78 ? 31  GLU A CA  1 
ATOM   224  C C   . GLU A 1 31  ? 2.526   11.975  -13.541 1.00 26.73 ? 31  GLU A C   1 
ATOM   225  O O   . GLU A 1 31  ? 2.771   10.824  -13.203 1.00 28.36 ? 31  GLU A O   1 
ATOM   226  C CB  . GLU A 1 31  ? 4.429   11.762  -15.177 1.00 32.51 ? 31  GLU A CB  1 
ATOM   227  C CG  . GLU A 1 31  ? 4.949   12.132  -16.559 1.00 40.50 ? 31  GLU A CG  1 
ATOM   228  C CD  . GLU A 1 31  ? 6.290   11.499  -16.880 1.00 43.35 ? 31  GLU A CD  1 
ATOM   229  O OE1 . GLU A 1 31  ? 6.383   10.249  -16.886 1.00 44.30 ? 31  GLU A OE1 1 
ATOM   230  O OE2 . GLU A 1 31  ? 7.248   12.260  -17.132 1.00 43.24 ? 31  GLU A OE2 1 
ATOM   231  N N   . VAL A 1 32  ? 1.648   12.733  -12.896 1.00 25.39 ? 32  VAL A N   1 
ATOM   232  C CA  . VAL A 1 32  ? 0.906   12.241  -11.740 1.00 23.02 ? 32  VAL A CA  1 
ATOM   233  C C   . VAL A 1 32  ? -0.262  11.441  -12.318 1.00 25.06 ? 32  VAL A C   1 
ATOM   234  O O   . VAL A 1 32  ? -1.013  11.944  -13.149 1.00 23.26 ? 32  VAL A O   1 
ATOM   235  C CB  . VAL A 1 32  ? 0.374   13.408  -10.887 1.00 20.37 ? 32  VAL A CB  1 
ATOM   236  C CG1 . VAL A 1 32  ? -0.278  12.894  -9.624  1.00 18.19 ? 32  VAL A CG1 1 
ATOM   237  C CG2 . VAL A 1 32  ? 1.505   14.385  -10.565 1.00 19.54 ? 32  VAL A CG2 1 
ATOM   238  N N   . PRO A 1 33  ? -0.393  10.163  -11.931 1.00 25.31 ? 33  PRO A N   1 
ATOM   239  C CA  . PRO A 1 33  ? -1.461  9.276   -12.410 1.00 27.14 ? 33  PRO A CA  1 
ATOM   240  C C   . PRO A 1 33  ? -2.816  9.495   -11.728 1.00 26.06 ? 33  PRO A C   1 
ATOM   241  O O   . PRO A 1 33  ? -3.281  8.669   -10.924 1.00 24.00 ? 33  PRO A O   1 
ATOM   242  C CB  . PRO A 1 33  ? -0.898  7.887   -12.119 1.00 25.39 ? 33  PRO A CB  1 
ATOM   243  C CG  . PRO A 1 33  ? -0.159  8.113   -10.845 1.00 28.82 ? 33  PRO A CG  1 
ATOM   244  C CD  . PRO A 1 33  ? 0.534   9.443   -11.044 1.00 25.89 ? 33  PRO A CD  1 
ATOM   245  N N   . VAL A 1 34  ? -3.466  10.594  -12.093 1.00 25.15 ? 34  VAL A N   1 
ATOM   246  C CA  . VAL A 1 34  ? -4.760  10.939  -11.526 1.00 20.07 ? 34  VAL A CA  1 
ATOM   247  C C   . VAL A 1 34  ? -5.777  11.369  -12.575 1.00 20.92 ? 34  VAL A C   1 
ATOM   248  O O   . VAL A 1 34  ? -5.419  11.802  -13.678 1.00 22.43 ? 34  VAL A O   1 
ATOM   249  C CB  . VAL A 1 34  ? -4.619  12.070  -10.509 1.00 17.02 ? 34  VAL A CB  1 
ATOM   250  C CG1 . VAL A 1 34  ? -3.805  11.603  -9.318  1.00 16.68 ? 34  VAL A CG1 1 
ATOM   251  C CG2 . VAL A 1 34  ? -3.991  13.286  -11.158 1.00 15.21 ? 34  VAL A CG2 1 
ATOM   252  N N   . ILE A 1 35  ? -7.047  11.183  -12.232 1.00 18.24 ? 35  ILE A N   1 
ATOM   253  C CA  . ILE A 1 35  ? -8.182  11.590  -13.048 1.00 18.69 ? 35  ILE A CA  1 
ATOM   254  C C   . ILE A 1 35  ? -8.871  12.647  -12.158 1.00 17.98 ? 35  ILE A C   1 
ATOM   255  O O   . ILE A 1 35  ? -9.150  12.384  -10.979 1.00 15.80 ? 35  ILE A O   1 
ATOM   256  C CB  . ILE A 1 35  ? -9.151  10.418  -13.340 1.00 19.11 ? 35  ILE A CB  1 
ATOM   257  C CG1 . ILE A 1 35  ? -8.553  9.486   -14.395 1.00 16.63 ? 35  ILE A CG1 1 
ATOM   258  C CG2 . ILE A 1 35  ? -10.515 10.953  -13.820 1.00 14.87 ? 35  ILE A CG2 1 
ATOM   259  C CD1 . ILE A 1 35  ? -9.424  8.289   -14.688 1.00 19.99 ? 35  ILE A CD1 1 
ATOM   260  N N   . ILE A 1 36  ? -9.092  13.840  -12.717 1.00 15.71 ? 36  ILE A N   1 
ATOM   261  C CA  . ILE A 1 36  ? -9.704  14.974  -12.002 1.00 16.26 ? 36  ILE A CA  1 
ATOM   262  C C   . ILE A 1 36  ? -11.025 15.403  -12.678 1.00 15.67 ? 36  ILE A C   1 
ATOM   263  O O   . ILE A 1 36  ? -11.043 15.655  -13.880 1.00 16.82 ? 36  ILE A O   1 
ATOM   264  C CB  . ILE A 1 36  ? -8.729  16.179  -11.996 1.00 13.09 ? 36  ILE A CB  1 
ATOM   265  C CG1 . ILE A 1 36  ? -7.313  15.696  -11.647 1.00 12.06 ? 36  ILE A CG1 1 
ATOM   266  C CG2 . ILE A 1 36  ? -9.196  17.239  -10.992 1.00 14.66 ? 36  ILE A CG2 1 
ATOM   267  C CD1 . ILE A 1 36  ? -6.243  16.716  -11.910 1.00 12.83 ? 36  ILE A CD1 1 
ATOM   268  N N   . GLU A 1 37  ? -12.115 15.474  -11.911 1.00 14.96 ? 37  GLU A N   1 
ATOM   269  C CA  . GLU A 1 37  ? -13.439 15.857  -12.427 1.00 14.78 ? 37  GLU A CA  1 
ATOM   270  C C   . GLU A 1 37  ? -14.127 16.806  -11.439 1.00 17.10 ? 37  GLU A C   1 
ATOM   271  O O   . GLU A 1 37  ? -13.906 16.708  -10.231 1.00 16.31 ? 37  GLU A O   1 
ATOM   272  C CB  . GLU A 1 37  ? -14.339 14.628  -12.599 1.00 15.05 ? 37  GLU A CB  1 
ATOM   273  C CG  . GLU A 1 37  ? -13.833 13.534  -13.539 1.00 19.97 ? 37  GLU A CG  1 
ATOM   274  C CD  . GLU A 1 37  ? -13.909 13.892  -15.013 1.00 22.59 ? 37  GLU A CD  1 
ATOM   275  O OE1 . GLU A 1 37  ? -14.504 14.940  -15.346 1.00 30.04 ? 37  GLU A OE1 1 
ATOM   276  O OE2 . GLU A 1 37  ? -13.382 13.117  -15.851 1.00 19.54 ? 37  GLU A OE2 1 
ATOM   277  N N   . ALA A 1 38  ? -14.908 17.753  -11.966 1.00 17.09 ? 38  ALA A N   1 
ATOM   278  C CA  . ALA A 1 38  ? -15.670 18.715  -11.153 1.00 15.90 ? 38  ALA A CA  1 
ATOM   279  C C   . ALA A 1 38  ? -17.156 18.333  -11.281 1.00 13.29 ? 38  ALA A C   1 
ATOM   280  O O   . ALA A 1 38  ? -17.604 17.927  -12.353 1.00 13.05 ? 38  ALA A O   1 
ATOM   281  C CB  . ALA A 1 38  ? -15.448 20.140  -11.658 1.00 15.03 ? 38  ALA A CB  1 
ATOM   282  N N   . PHE A 1 39  ? -17.902 18.442  -10.193 1.00 12.21 ? 39  PHE A N   1 
ATOM   283  C CA  . PHE A 1 39  ? -19.324 18.120  -10.188 1.00 12.67 ? 39  PHE A CA  1 
ATOM   284  C C   . PHE A 1 39  ? -20.031 19.103  -9.269  1.00 14.98 ? 39  PHE A C   1 
ATOM   285  O O   . PHE A 1 39  ? -19.385 19.812  -8.476  1.00 13.07 ? 39  PHE A O   1 
ATOM   286  C CB  . PHE A 1 39  ? -19.584 16.728  -9.597  1.00 14.26 ? 39  PHE A CB  1 
ATOM   287  C CG  . PHE A 1 39  ? -18.998 15.611  -10.379 1.00 16.05 ? 39  PHE A CG  1 
ATOM   288  C CD1 . PHE A 1 39  ? -19.635 15.141  -11.520 1.00 17.83 ? 39  PHE A CD1 1 
ATOM   289  C CD2 . PHE A 1 39  ? -17.801 15.031  -9.986  1.00 15.93 ? 39  PHE A CD2 1 
ATOM   290  C CE1 . PHE A 1 39  ? -19.089 14.088  -12.265 1.00 18.53 ? 39  PHE A CE1 1 
ATOM   291  C CE2 . PHE A 1 39  ? -17.246 13.983  -10.721 1.00 16.92 ? 39  PHE A CE2 1 
ATOM   292  C CZ  . PHE A 1 39  ? -17.884 13.515  -11.865 1.00 17.95 ? 39  PHE A CZ  1 
ATOM   293  N N   . PRO A 1 40  ? -21.362 19.218  -9.420  1.00 14.66 ? 40  PRO A N   1 
ATOM   294  C CA  . PRO A 1 40  ? -22.125 20.120  -8.559  1.00 16.31 ? 40  PRO A CA  1 
ATOM   295  C C   . PRO A 1 40  ? -22.243 19.387  -7.211  1.00 15.24 ? 40  PRO A C   1 
ATOM   296  O O   . PRO A 1 40  ? -22.194 18.159  -7.167  1.00 14.14 ? 40  PRO A O   1 
ATOM   297  C CB  . PRO A 1 40  ? -23.496 20.191  -9.260  1.00 13.23 ? 40  PRO A CB  1 
ATOM   298  C CG  . PRO A 1 40  ? -23.616 18.876  -9.945  1.00 13.42 ? 40  PRO A CG  1 
ATOM   299  C CD  . PRO A 1 40  ? -22.209 18.695  -10.511 1.00 13.39 ? 40  PRO A CD  1 
ATOM   300  N N   . GLU A 1 41  ? -22.448 20.131  -6.135  1.00 16.82 ? 41  GLU A N   1 
ATOM   301  C CA  . GLU A 1 41  ? -22.579 19.558  -4.798  1.00 17.19 ? 41  GLU A CA  1 
ATOM   302  C C   . GLU A 1 41  ? -23.704 18.535  -4.668  1.00 18.91 ? 41  GLU A C   1 
ATOM   303  O O   . GLU A 1 41  ? -23.663 17.683  -3.782  1.00 20.15 ? 41  GLU A O   1 
ATOM   304  C CB  . GLU A 1 41  ? -22.770 20.672  -3.757  1.00 20.99 ? 41  GLU A CB  1 
ATOM   305  C CG  . GLU A 1 41  ? -24.178 21.303  -3.722  1.00 24.32 ? 41  GLU A CG  1 
ATOM   306  C CD  . GLU A 1 41  ? -24.349 22.554  -4.591  1.00 28.62 ? 41  GLU A CD  1 
ATOM   307  O OE1 . GLU A 1 41  ? -23.918 22.589  -5.763  1.00 27.68 ? 41  GLU A OE1 1 
ATOM   308  O OE2 . GLU A 1 41  ? -24.968 23.522  -4.098  1.00 36.26 ? 41  GLU A OE2 1 
ATOM   309  N N   . THR A 1 42  ? -24.705 18.596  -5.548  1.00 16.52 ? 42  THR A N   1 
ATOM   310  C CA  . THR A 1 42  ? -25.823 17.659  -5.484  1.00 16.23 ? 42  THR A CA  1 
ATOM   311  C C   . THR A 1 42  ? -25.435 16.212  -5.756  1.00 17.78 ? 42  THR A C   1 
ATOM   312  O O   . THR A 1 42  ? -26.174 15.297  -5.407  1.00 19.96 ? 42  THR A O   1 
ATOM   313  C CB  . THR A 1 42  ? -26.945 18.072  -6.444  1.00 16.83 ? 42  THR A CB  1 
ATOM   314  O OG1 . THR A 1 42  ? -26.398 18.251  -7.756  1.00 18.40 ? 42  THR A OG1 1 
ATOM   315  C CG2 . THR A 1 42  ? -27.570 19.380  -5.981  1.00 16.47 ? 42  THR A CG2 1 
ATOM   316  N N   . LEU A 1 43  ? -24.294 16.008  -6.409  1.00 19.18 ? 43  LEU A N   1 
ATOM   317  C CA  . LEU A 1 43  ? -23.811 14.664  -6.722  1.00 18.80 ? 43  LEU A CA  1 
ATOM   318  C C   . LEU A 1 43  ? -22.740 14.139  -5.744  1.00 20.86 ? 43  LEU A C   1 
ATOM   319  O O   . LEU A 1 43  ? -22.216 13.051  -5.962  1.00 22.34 ? 43  LEU A O   1 
ATOM   320  C CB  . LEU A 1 43  ? -23.232 14.625  -8.147  1.00 18.48 ? 43  LEU A CB  1 
ATOM   321  C CG  . LEU A 1 43  ? -24.164 14.839  -9.344  1.00 18.32 ? 43  LEU A CG  1 
ATOM   322  C CD1 . LEU A 1 43  ? -23.426 14.616  -10.645 1.00 12.78 ? 43  LEU A CD1 1 
ATOM   323  C CD2 . LEU A 1 43  ? -25.346 13.874  -9.248  1.00 21.84 ? 43  LEU A CD2 1 
ATOM   324  N N   . ALA A 1 44  ? -22.428 14.882  -4.676  1.00 19.13 ? 44  ALA A N   1 
ATOM   325  C CA  . ALA A 1 44  ? -21.385 14.481  -3.711  1.00 21.37 ? 44  ALA A CA  1 
ATOM   326  C C   . ALA A 1 44  ? -21.570 13.075  -3.163  1.00 22.82 ? 44  ALA A C   1 
ATOM   327  O O   . ALA A 1 44  ? -20.610 12.334  -3.013  1.00 22.72 ? 44  ALA A O   1 
ATOM   328  C CB  . ALA A 1 44  ? -21.277 15.491  -2.560  1.00 18.39 ? 44  ALA A CB  1 
ATOM   329  N N   . GLY A 1 45  ? -22.817 12.689  -2.941  1.00 26.22 ? 45  GLY A N   1 
ATOM   330  C CA  . GLY A 1 45  ? -23.087 11.368  -2.421  1.00 28.71 ? 45  GLY A CA  1 
ATOM   331  C C   . GLY A 1 45  ? -23.084 10.296  -3.491  1.00 31.21 ? 45  GLY A C   1 
ATOM   332  O O   . GLY A 1 45  ? -22.674 9.163   -3.232  1.00 34.80 ? 45  GLY A O   1 
ATOM   333  N N   . GLU A 1 46  ? -23.549 10.633  -4.688  1.00 30.47 ? 46  GLU A N   1 
ATOM   334  C CA  . GLU A 1 46  ? -23.592 9.656   -5.764  1.00 30.64 ? 46  GLU A CA  1 
ATOM   335  C C   . GLU A 1 46  ? -22.212 9.437   -6.415  1.00 29.22 ? 46  GLU A C   1 
ATOM   336  O O   . GLU A 1 46  ? -21.746 8.300   -6.541  1.00 27.82 ? 46  GLU A O   1 
ATOM   337  C CB  . GLU A 1 46  ? -24.650 10.069  -6.793  1.00 35.24 ? 46  GLU A CB  1 
ATOM   338  C CG  . GLU A 1 46  ? -24.832 9.082   -7.944  1.00 46.39 ? 46  GLU A CG  1 
ATOM   339  C CD  . GLU A 1 46  ? -25.994 9.437   -8.880  1.00 52.92 ? 46  GLU A CD  1 
ATOM   340  O OE1 . GLU A 1 46  ? -26.292 10.644  -9.060  1.00 55.94 ? 46  GLU A OE1 1 
ATOM   341  O OE2 . GLU A 1 46  ? -26.615 8.499   -9.441  1.00 56.77 ? 46  GLU A OE2 1 
ATOM   342  N N   . LYS A 1 47  ? -21.543 10.531  -6.779  1.00 21.59 ? 47  LYS A N   1 
ATOM   343  C CA  . LYS A 1 47  ? -20.230 10.466  -7.410  1.00 20.67 ? 47  LYS A CA  1 
ATOM   344  C C   . LYS A 1 47  ? -19.081 10.233  -6.431  1.00 20.99 ? 47  LYS A C   1 
ATOM   345  O O   . LYS A 1 47  ? -18.103 9.578   -6.777  1.00 22.09 ? 47  LYS A O   1 
ATOM   346  C CB  . LYS A 1 47  ? -19.957 11.739  -8.223  1.00 18.20 ? 47  LYS A CB  1 
ATOM   347  C CG  . LYS A 1 47  ? -20.675 11.790  -9.548  1.00 24.38 ? 47  LYS A CG  1 
ATOM   348  C CD  . LYS A 1 47  ? -20.129 10.737  -10.487 1.00 30.73 ? 47  LYS A CD  1 
ATOM   349  C CE  . LYS A 1 47  ? -20.921 10.677  -11.772 1.00 34.38 ? 47  LYS A CE  1 
ATOM   350  N NZ  . LYS A 1 47  ? -22.324 10.270  -11.507 1.00 40.92 ? 47  LYS A NZ  1 
ATOM   351  N N   . GLY A 1 48  ? -19.195 10.786  -5.224  1.00 20.86 ? 48  GLY A N   1 
ATOM   352  C CA  . GLY A 1 48  ? -18.159 10.646  -4.205  1.00 20.93 ? 48  GLY A CA  1 
ATOM   353  C C   . GLY A 1 48  ? -17.766 9.210   -3.888  1.00 23.18 ? 48  GLY A C   1 
ATOM   354  O O   . GLY A 1 48  ? -16.606 8.940   -3.567  1.00 24.61 ? 48  GLY A O   1 
ATOM   355  N N   . GLN A 1 49  ? -18.715 8.284   -4.006  1.00 20.88 ? 49  GLN A N   1 
ATOM   356  C CA  . GLN A 1 49  ? -18.452 6.872   -3.737  1.00 21.28 ? 49  GLN A CA  1 
ATOM   357  C C   . GLN A 1 49  ? -17.328 6.290   -4.595  1.00 21.94 ? 49  GLN A C   1 
ATOM   358  O O   . GLN A 1 49  ? -16.738 5.265   -4.235  1.00 23.21 ? 49  GLN A O   1 
ATOM   359  C CB  . GLN A 1 49  ? -19.712 6.044   -3.983  1.00 21.92 ? 49  GLN A CB  1 
ATOM   360  C CG  . GLN A 1 49  ? -20.854 6.368   -3.044  1.00 31.14 ? 49  GLN A CG  1 
ATOM   361  C CD  . GLN A 1 49  ? -22.111 5.543   -3.310  1.00 37.89 ? 49  GLN A CD  1 
ATOM   362  O OE1 . GLN A 1 49  ? -22.225 4.838   -4.326  1.00 39.89 ? 49  GLN A OE1 1 
ATOM   363  N NE2 . GLN A 1 49  ? -23.068 5.633   -2.394  1.00 42.28 ? 49  GLN A NE2 1 
ATOM   364  N N   . ASN A 1 50  ? -17.054 6.913   -5.736  1.00 18.63 ? 50  ASN A N   1 
ATOM   365  C CA  . ASN A 1 50  ? -16.029 6.421   -6.649  1.00 21.22 ? 50  ASN A CA  1 
ATOM   366  C C   . ASN A 1 50  ? -14.749 7.220   -6.622  1.00 20.58 ? 50  ASN A C   1 
ATOM   367  O O   . ASN A 1 50  ? -13.826 6.950   -7.394  1.00 22.59 ? 50  ASN A O   1 
ATOM   368  C CB  . ASN A 1 50  ? -16.563 6.386   -8.086  1.00 26.05 ? 50  ASN A CB  1 
ATOM   369  C CG  . ASN A 1 50  ? -17.742 5.452   -8.240  1.00 33.37 ? 50  ASN A CG  1 
ATOM   370  O OD1 . ASN A 1 50  ? -17.627 4.245   -8.019  1.00 38.04 ? 50  ASN A OD1 1 
ATOM   371  N ND2 . ASN A 1 50  ? -18.890 6.005   -8.610  1.00 37.12 ? 50  ASN A ND2 1 
ATOM   372  N N   . ALA A 1 51  ? -14.683 8.221   -5.759  1.00 16.77 ? 51  ALA A N   1 
ATOM   373  C CA  . ALA A 1 51  ? -13.483 9.035   -5.707  1.00 17.48 ? 51  ALA A CA  1 
ATOM   374  C C   . ALA A 1 51  ? -12.485 8.438   -4.736  1.00 16.80 ? 51  ALA A C   1 
ATOM   375  O O   . ALA A 1 51  ? -12.831 7.654   -3.849  1.00 15.88 ? 51  ALA A O   1 
ATOM   376  C CB  . ALA A 1 51  ? -13.824 10.451  -5.282  1.00 18.87 ? 51  ALA A CB  1 
ATOM   377  N N   . ASP A 1 52  ? -11.229 8.785   -4.936  1.00 16.64 ? 52  ASP A N   1 
ATOM   378  C CA  . ASP A 1 52  ? -10.199 8.342   -4.046  1.00 16.65 ? 52  ASP A CA  1 
ATOM   379  C C   . ASP A 1 52  ? -10.019 9.442   -3.000  1.00 18.86 ? 52  ASP A C   1 
ATOM   380  O O   . ASP A 1 52  ? -9.619  9.169   -1.865  1.00 20.22 ? 52  ASP A O   1 
ATOM   381  C CB  . ASP A 1 52  ? -8.941  7.997   -4.840  1.00 23.13 ? 52  ASP A CB  1 
ATOM   382  C CG  . ASP A 1 52  ? -9.100  6.674   -5.614  1.00 23.85 ? 52  ASP A CG  1 
ATOM   383  O OD1 . ASP A 1 52  ? -9.290  5.622   -4.963  1.00 28.69 ? 52  ASP A OD1 1 
ATOM   384  O OD2 . ASP A 1 52  ? -9.063  6.670   -6.861  1.00 20.40 ? 52  ASP A OD2 1 
ATOM   385  N N   . VAL A 1 53  ? -10.362 10.678  -3.372  1.00 15.64 ? 53  VAL A N   1 
ATOM   386  C CA  . VAL A 1 53  ? -10.320 11.811  -2.449  1.00 13.15 ? 53  VAL A CA  1 
ATOM   387  C C   . VAL A 1 53  ? -11.420 12.791  -2.884  1.00 14.97 ? 53  VAL A C   1 
ATOM   388  O O   . VAL A 1 53  ? -11.627 13.008  -4.071  1.00 12.34 ? 53  VAL A O   1 
ATOM   389  C CB  . VAL A 1 53  ? -8.921  12.502  -2.364  1.00 12.76 ? 53  VAL A CB  1 
ATOM   390  C CG1 . VAL A 1 53  ? -8.502  13.090  -3.700  1.00 14.32 ? 53  VAL A CG1 1 
ATOM   391  C CG2 . VAL A 1 53  ? -8.926  13.566  -1.282  1.00 11.81 ? 53  VAL A CG2 1 
ATOM   392  N N   . VAL A 1 54  ? -12.180 13.289  -1.915  1.00 14.60 ? 54  VAL A N   1 
ATOM   393  C CA  . VAL A 1 54  ? -13.269 14.223  -2.163  1.00 15.99 ? 54  VAL A CA  1 
ATOM   394  C C   . VAL A 1 54  ? -12.855 15.623  -1.679  1.00 14.36 ? 54  VAL A C   1 
ATOM   395  O O   . VAL A 1 54  ? -12.457 15.797  -0.528  1.00 13.41 ? 54  VAL A O   1 
ATOM   396  C CB  . VAL A 1 54  ? -14.593 13.723  -1.472  1.00 15.73 ? 54  VAL A CB  1 
ATOM   397  C CG1 . VAL A 1 54  ? -15.746 14.743  -1.624  1.00 15.59 ? 54  VAL A CG1 1 
ATOM   398  C CG2 . VAL A 1 54  ? -15.006 12.392  -2.067  1.00 11.51 ? 54  VAL A CG2 1 
ATOM   399  N N   . LEU A 1 55  ? -12.872 16.592  -2.591  1.00 11.56 ? 55  LEU A N   1 
ATOM   400  C CA  . LEU A 1 55  ? -12.515 17.960  -2.264  1.00 13.80 ? 55  LEU A CA  1 
ATOM   401  C C   . LEU A 1 55  ? -13.758 18.854  -2.386  1.00 16.32 ? 55  LEU A C   1 
ATOM   402  O O   . LEU A 1 55  ? -14.490 18.771  -3.384  1.00 15.34 ? 55  LEU A O   1 
ATOM   403  C CB  . LEU A 1 55  ? -11.437 18.461  -3.229  1.00 17.53 ? 55  LEU A CB  1 
ATOM   404  C CG  . LEU A 1 55  ? -10.066 17.781  -3.237  1.00 17.28 ? 55  LEU A CG  1 
ATOM   405  C CD1 . LEU A 1 55  ? -9.185  18.460  -4.260  1.00 16.80 ? 55  LEU A CD1 1 
ATOM   406  C CD2 . LEU A 1 55  ? -9.437  17.869  -1.852  1.00 18.54 ? 55  LEU A CD2 1 
ATOM   407  N N   . LEU A 1 56  ? -14.004 19.697  -1.384  1.00 16.39 ? 56  LEU A N   1 
ATOM   408  C CA  . LEU A 1 56  ? -15.159 20.610  -1.415  1.00 13.30 ? 56  LEU A CA  1 
ATOM   409  C C   . LEU A 1 56  ? -14.702 22.028  -1.690  1.00 13.73 ? 56  LEU A C   1 
ATOM   410  O O   . LEU A 1 56  ? -13.682 22.477  -1.150  1.00 14.66 ? 56  LEU A O   1 
ATOM   411  C CB  . LEU A 1 56  ? -15.917 20.600  -0.083  1.00 11.68 ? 56  LEU A CB  1 
ATOM   412  C CG  . LEU A 1 56  ? -16.390 19.257  0.458   1.00 14.08 ? 56  LEU A CG  1 
ATOM   413  C CD1 . LEU A 1 56  ? -17.247 19.487  1.688   1.00 13.67 ? 56  LEU A CD1 1 
ATOM   414  C CD2 . LEU A 1 56  ? -17.152 18.483  -0.597  1.00 13.21 ? 56  LEU A CD2 1 
ATOM   415  N N   . GLY A 1 57  ? -15.446 22.739  -2.538  1.00 13.70 ? 57  GLY A N   1 
ATOM   416  C CA  . GLY A 1 57  ? -15.110 24.123  -2.837  1.00 12.88 ? 57  GLY A CA  1 
ATOM   417  C C   . GLY A 1 57  ? -15.356 24.943  -1.586  1.00 12.49 ? 57  GLY A C   1 
ATOM   418  O O   . GLY A 1 57  ? -16.229 24.593  -0.790  1.00 14.13 ? 57  GLY A O   1 
ATOM   419  N N   . PRO A 1 58  ? -14.647 26.059  -1.388  1.00 15.70 ? 58  PRO A N   1 
ATOM   420  C CA  . PRO A 1 58  ? -14.910 26.821  -0.158  1.00 15.82 ? 58  PRO A CA  1 
ATOM   421  C C   . PRO A 1 58  ? -16.347 27.333  0.012   1.00 16.18 ? 58  PRO A C   1 
ATOM   422  O O   . PRO A 1 58  ? -16.806 27.496  1.134   1.00 16.72 ? 58  PRO A O   1 
ATOM   423  C CB  . PRO A 1 58  ? -13.839 27.928  -0.169  1.00 15.17 ? 58  PRO A CB  1 
ATOM   424  C CG  . PRO A 1 58  ? -13.408 28.021  -1.579  1.00 16.65 ? 58  PRO A CG  1 
ATOM   425  C CD  . PRO A 1 58  ? -13.526 26.623  -2.155  1.00 17.88 ? 58  PRO A CD  1 
ATOM   426  N N   . GLN A 1 59  ? -17.080 27.514  -1.083  1.00 16.65 ? 59  GLN A N   1 
ATOM   427  C CA  . GLN A 1 59  ? -18.470 27.977  -0.999  1.00 18.89 ? 59  GLN A CA  1 
ATOM   428  C C   . GLN A 1 59  ? -19.346 26.964  -0.261  1.00 18.86 ? 59  GLN A C   1 
ATOM   429  O O   . GLN A 1 59  ? -20.406 27.320  0.241   1.00 21.25 ? 59  GLN A O   1 
ATOM   430  C CB  . GLN A 1 59  ? -19.066 28.223  -2.393  1.00 18.58 ? 59  GLN A CB  1 
ATOM   431  C CG  . GLN A 1 59  ? -18.281 29.198  -3.254  1.00 24.37 ? 59  GLN A CG  1 
ATOM   432  C CD  . GLN A 1 59  ? -17.126 28.526  -3.988  1.00 25.54 ? 59  GLN A CD  1 
ATOM   433  O OE1 . GLN A 1 59  ? -16.946 27.305  -3.916  1.00 26.11 ? 59  GLN A OE1 1 
ATOM   434  N NE2 . GLN A 1 59  ? -16.350 29.317  -4.695  1.00 29.05 ? 59  GLN A NE2 1 
ATOM   435  N N   . ILE A 1 60  ? -18.942 25.698  -0.233  1.00 17.50 ? 60  ILE A N   1 
ATOM   436  C CA  . ILE A 1 60  ? -19.730 24.697  0.470   1.00 15.34 ? 60  ILE A CA  1 
ATOM   437  C C   . ILE A 1 60  ? -19.015 24.071  1.669   1.00 17.42 ? 60  ILE A C   1 
ATOM   438  O O   . ILE A 1 60  ? -19.381 22.982  2.127   1.00 15.37 ? 60  ILE A O   1 
ATOM   439  C CB  . ILE A 1 60  ? -20.269 23.590  -0.482  1.00 16.42 ? 60  ILE A CB  1 
ATOM   440  C CG1 . ILE A 1 60  ? -19.140 22.789  -1.129  1.00 13.23 ? 60  ILE A CG1 1 
ATOM   441  C CG2 . ILE A 1 60  ? -21.141 24.212  -1.549  1.00 18.74 ? 60  ILE A CG2 1 
ATOM   442  C CD1 . ILE A 1 60  ? -19.632 21.545  -1.876  1.00 16.74 ? 60  ILE A CD1 1 
ATOM   443  N N   . ALA A 1 61  ? -18.061 24.805  2.236   1.00 16.24 ? 61  ALA A N   1 
ATOM   444  C CA  . ALA A 1 61  ? -17.322 24.323  3.399   1.00 17.77 ? 61  ALA A CA  1 
ATOM   445  C C   . ALA A 1 61  ? -18.261 23.946  4.550   1.00 20.87 ? 61  ALA A C   1 
ATOM   446  O O   . ALA A 1 61  ? -18.044 22.946  5.224   1.00 22.08 ? 61  ALA A O   1 
ATOM   447  C CB  . ALA A 1 61  ? -16.334 25.365  3.862   1.00 17.47 ? 61  ALA A CB  1 
ATOM   448  N N   . TYR A 1 62  ? -19.314 24.730  4.763   1.00 21.21 ? 62  TYR A N   1 
ATOM   449  C CA  . TYR A 1 62  ? -20.279 24.454  5.831   1.00 19.52 ? 62  TYR A CA  1 
ATOM   450  C C   . TYR A 1 62  ? -20.907 23.058  5.722   1.00 19.84 ? 62  TYR A C   1 
ATOM   451  O O   . TYR A 1 62  ? -21.510 22.557  6.683   1.00 18.71 ? 62  TYR A O   1 
ATOM   452  C CB  . TYR A 1 62  ? -21.384 25.530  5.862   1.00 19.56 ? 62  TYR A CB  1 
ATOM   453  C CG  . TYR A 1 62  ? -22.344 25.499  4.677   1.00 19.29 ? 62  TYR A CG  1 
ATOM   454  C CD1 . TYR A 1 62  ? -22.058 26.203  3.504   1.00 18.63 ? 62  TYR A CD1 1 
ATOM   455  C CD2 . TYR A 1 62  ? -23.519 24.744  4.720   1.00 17.45 ? 62  TYR A CD2 1 
ATOM   456  C CE1 . TYR A 1 62  ? -22.910 26.152  2.404   1.00 20.81 ? 62  TYR A CE1 1 
ATOM   457  C CE2 . TYR A 1 62  ? -24.380 24.691  3.617   1.00 19.65 ? 62  TYR A CE2 1 
ATOM   458  C CZ  . TYR A 1 62  ? -24.060 25.396  2.472   1.00 18.56 ? 62  TYR A CZ  1 
ATOM   459  O OH  . TYR A 1 62  ? -24.889 25.345  1.390   1.00 24.53 ? 62  TYR A OH  1 
ATOM   460  N N   . MET A 1 63  ? -20.817 22.453  4.537   1.00 17.54 ? 63  MET A N   1 
ATOM   461  C CA  . MET A 1 63  ? -21.368 21.120  4.300   1.00 18.40 ? 63  MET A CA  1 
ATOM   462  C C   . MET A 1 63  ? -20.419 19.961  4.669   1.00 18.94 ? 63  MET A C   1 
ATOM   463  O O   . MET A 1 63  ? -20.818 18.791  4.594   1.00 18.99 ? 63  MET A O   1 
ATOM   464  C CB  . MET A 1 63  ? -21.783 20.967  2.832   1.00 20.54 ? 63  MET A CB  1 
ATOM   465  C CG  . MET A 1 63  ? -23.152 21.498  2.485   1.00 21.67 ? 63  MET A CG  1 
ATOM   466  S SD  . MET A 1 63  ? -23.583 20.965  0.813   1.00 27.38 ? 63  MET A SD  1 
ATOM   467  C CE  . MET A 1 63  ? -23.631 22.509  -0.008  1.00 28.89 ? 63  MET A CE  1 
ATOM   468  N N   . LEU A 1 64  ? -19.191 20.274  5.085   1.00 19.87 ? 64  LEU A N   1 
ATOM   469  C CA  . LEU A 1 64  ? -18.206 19.243  5.424   1.00 17.79 ? 64  LEU A CA  1 
ATOM   470  C C   . LEU A 1 64  ? -18.715 18.097  6.326   1.00 18.66 ? 64  LEU A C   1 
ATOM   471  O O   . LEU A 1 64  ? -18.611 16.913  5.941   1.00 17.76 ? 64  LEU A O   1 
ATOM   472  C CB  . LEU A 1 64  ? -16.927 19.881  5.995   1.00 21.64 ? 64  LEU A CB  1 
ATOM   473  C CG  . LEU A 1 64  ? -15.763 18.954  6.387   1.00 19.54 ? 64  LEU A CG  1 
ATOM   474  C CD1 . LEU A 1 64  ? -15.262 18.136  5.182   1.00 19.57 ? 64  LEU A CD1 1 
ATOM   475  C CD2 . LEU A 1 64  ? -14.653 19.803  6.966   1.00 21.60 ? 64  LEU A CD2 1 
ATOM   476  N N   . PRO A 1 65  ? -19.314 18.416  7.500   1.00 16.33 ? 65  PRO A N   1 
ATOM   477  C CA  . PRO A 1 65  ? -19.806 17.333  8.368   1.00 16.24 ? 65  PRO A CA  1 
ATOM   478  C C   . PRO A 1 65  ? -20.815 16.406  7.699   1.00 16.60 ? 65  PRO A C   1 
ATOM   479  O O   . PRO A 1 65  ? -20.761 15.200  7.905   1.00 19.16 ? 65  PRO A O   1 
ATOM   480  C CB  . PRO A 1 65  ? -20.421 18.078  9.559   1.00 15.43 ? 65  PRO A CB  1 
ATOM   481  C CG  . PRO A 1 65  ? -19.647 19.333  9.619   1.00 16.08 ? 65  PRO A CG  1 
ATOM   482  C CD  . PRO A 1 65  ? -19.445 19.720  8.168   1.00 15.85 ? 65  PRO A CD  1 
ATOM   483  N N   . GLU A 1 66  ? -21.711 16.951  6.879   1.00 16.23 ? 66  GLU A N   1 
ATOM   484  C CA  . GLU A 1 66  ? -22.706 16.134  6.187   1.00 17.48 ? 66  GLU A CA  1 
ATOM   485  C C   . GLU A 1 66  ? -22.070 15.214  5.165   1.00 17.57 ? 66  GLU A C   1 
ATOM   486  O O   . GLU A 1 66  ? -22.483 14.058  5.016   1.00 16.52 ? 66  GLU A O   1 
ATOM   487  C CB  . GLU A 1 66  ? -23.711 17.000  5.443   1.00 21.82 ? 66  GLU A CB  1 
ATOM   488  C CG  . GLU A 1 66  ? -24.648 17.790  6.314   1.00 29.83 ? 66  GLU A CG  1 
ATOM   489  C CD  . GLU A 1 66  ? -25.569 18.674  5.492   1.00 28.98 ? 66  GLU A CD  1 
ATOM   490  O OE1 . GLU A 1 66  ? -26.328 18.125  4.663   1.00 25.63 ? 66  GLU A OE1 1 
ATOM   491  O OE2 . GLU A 1 66  ? -25.501 19.914  5.665   1.00 34.53 ? 66  GLU A OE2 1 
ATOM   492  N N   . ILE A 1 67  ? -21.115 15.744  4.408   1.00 15.95 ? 67  ILE A N   1 
ATOM   493  C CA  . ILE A 1 67  ? -20.448 14.939  3.392   1.00 18.15 ? 67  ILE A CA  1 
ATOM   494  C C   . ILE A 1 67  ? -19.578 13.838  4.019   1.00 17.71 ? 67  ILE A C   1 
ATOM   495  O O   . ILE A 1 67  ? -19.570 12.695  3.530   1.00 15.41 ? 67  ILE A O   1 
ATOM   496  C CB  . ILE A 1 67  ? -19.730 15.832  2.347   1.00 17.82 ? 67  ILE A CB  1 
ATOM   497  C CG1 . ILE A 1 67  ? -20.809 16.633  1.591   1.00 21.59 ? 67  ILE A CG1 1 
ATOM   498  C CG2 . ILE A 1 67  ? -18.964 14.972  1.348   1.00 16.16 ? 67  ILE A CG2 1 
ATOM   499  C CD1 . ILE A 1 67  ? -20.300 17.815  0.783   1.00 22.73 ? 67  ILE A CD1 1 
ATOM   500  N N   . GLN A 1 68  ? -18.956 14.148  5.162   1.00 18.87 ? 68  GLN A N   1 
ATOM   501  C CA  . GLN A 1 68  ? -18.162 13.151  5.897   1.00 20.79 ? 68  GLN A CA  1 
ATOM   502  C C   . GLN A 1 68  ? -19.060 11.980  6.350   1.00 20.96 ? 68  GLN A C   1 
ATOM   503  O O   . GLN A 1 68  ? -18.664 10.822  6.248   1.00 22.36 ? 68  GLN A O   1 
ATOM   504  C CB  . GLN A 1 68  ? -17.460 13.782  7.106   1.00 19.18 ? 68  GLN A CB  1 
ATOM   505  C CG  . GLN A 1 68  ? -16.296 14.665  6.709   1.00 19.86 ? 68  GLN A CG  1 
ATOM   506  C CD  . GLN A 1 68  ? -15.684 15.448  7.864   1.00 21.68 ? 68  GLN A CD  1 
ATOM   507  O OE1 . GLN A 1 68  ? -16.286 15.620  8.923   1.00 22.25 ? 68  GLN A OE1 1 
ATOM   508  N NE2 . GLN A 1 68  ? -14.480 15.950  7.644   1.00 26.86 ? 68  GLN A NE2 1 
ATOM   509  N N   . ARG A 1 69  ? -20.270 12.268  6.834   1.00 22.03 ? 69  ARG A N   1 
ATOM   510  C CA  . ARG A 1 69  ? -21.193 11.206  7.263   1.00 24.26 ? 69  ARG A CA  1 
ATOM   511  C C   . ARG A 1 69  ? -21.708 10.378  6.076   1.00 22.76 ? 69  ARG A C   1 
ATOM   512  O O   . ARG A 1 69  ? -21.962 9.183   6.198   1.00 22.62 ? 69  ARG A O   1 
ATOM   513  C CB  . ARG A 1 69  ? -22.391 11.780  8.033   1.00 26.97 ? 69  ARG A CB  1 
ATOM   514  C CG  . ARG A 1 69  ? -22.183 11.920  9.528   1.00 37.98 ? 69  ARG A CG  1 
ATOM   515  C CD  . ARG A 1 69  ? -23.473 12.362  10.228  1.00 46.54 ? 69  ARG A CD  1 
ATOM   516  N NE  . ARG A 1 69  ? -23.970 13.643  9.713   1.00 52.90 ? 69  ARG A NE  1 
ATOM   517  C CZ  . ARG A 1 69  ? -23.677 14.836  10.232  1.00 53.45 ? 69  ARG A CZ  1 
ATOM   518  N NH1 . ARG A 1 69  ? -22.885 14.932  11.299  1.00 49.78 ? 69  ARG A NH1 1 
ATOM   519  N NH2 . ARG A 1 69  ? -24.182 15.938  9.679   1.00 52.22 ? 69  ARG A NH2 1 
ATOM   520  N N   . LEU A 1 70  ? -21.831 11.027  4.925   1.00 22.40 ? 70  LEU A N   1 
ATOM   521  C CA  . LEU A 1 70  ? -22.318 10.404  3.697   1.00 20.10 ? 70  LEU A CA  1 
ATOM   522  C C   . LEU A 1 70  ? -21.282 9.449   3.117   1.00 19.62 ? 70  LEU A C   1 
ATOM   523  O O   . LEU A 1 70  ? -21.629 8.400   2.588   1.00 19.44 ? 70  LEU A O   1 
ATOM   524  C CB  . LEU A 1 70  ? -22.617 11.518  2.686   1.00 23.86 ? 70  LEU A CB  1 
ATOM   525  C CG  . LEU A 1 70  ? -23.583 11.369  1.517   1.00 28.14 ? 70  LEU A CG  1 
ATOM   526  C CD1 . LEU A 1 70  ? -24.947 10.883  1.996   1.00 27.10 ? 70  LEU A CD1 1 
ATOM   527  C CD2 . LEU A 1 70  ? -23.706 12.733  0.834   1.00 27.89 ? 70  LEU A CD2 1 
ATOM   528  N N   . LEU A 1 71  ? -20.010 9.840   3.204   1.00 20.84 ? 71  LEU A N   1 
ATOM   529  C CA  . LEU A 1 71  ? -18.874 9.053   2.692   1.00 19.38 ? 71  LEU A CA  1 
ATOM   530  C C   . LEU A 1 71  ? -17.887 8.769   3.847   1.00 18.30 ? 71  LEU A C   1 
ATOM   531  O O   . LEU A 1 71  ? -16.777 9.291   3.865   1.00 18.06 ? 71  LEU A O   1 
ATOM   532  C CB  . LEU A 1 71  ? -18.180 9.864   1.595   1.00 17.35 ? 71  LEU A CB  1 
ATOM   533  C CG  . LEU A 1 71  ? -19.147 10.388  0.529   1.00 15.40 ? 71  LEU A CG  1 
ATOM   534  C CD1 . LEU A 1 71  ? -18.465 11.429  -0.323  1.00 12.78 ? 71  LEU A CD1 1 
ATOM   535  C CD2 . LEU A 1 71  ? -19.692 9.236   -0.306  1.00 15.00 ? 71  LEU A CD2 1 
ATOM   536  N N   . PRO A 1 72  ? -18.266 7.884   4.795   1.00 19.13 ? 72  PRO A N   1 
ATOM   537  C CA  . PRO A 1 72  ? -17.395 7.571   5.936   1.00 19.92 ? 72  PRO A CA  1 
ATOM   538  C C   . PRO A 1 72  ? -16.103 6.833   5.575   1.00 19.92 ? 72  PRO A C   1 
ATOM   539  O O   . PRO A 1 72  ? -15.168 6.783   6.372   1.00 21.78 ? 72  PRO A O   1 
ATOM   540  C CB  . PRO A 1 72  ? -18.307 6.737   6.842   1.00 18.31 ? 72  PRO A CB  1 
ATOM   541  C CG  . PRO A 1 72  ? -19.152 5.996   5.875   1.00 20.13 ? 72  PRO A CG  1 
ATOM   542  C CD  . PRO A 1 72  ? -19.459 7.010   4.786   1.00 18.87 ? 72  PRO A CD  1 
ATOM   543  N N   . ASN A 1 73  ? -16.043 6.286   4.368   1.00 17.89 ? 73  ASN A N   1 
ATOM   544  C CA  . ASN A 1 73  ? -14.854 5.562   3.934   1.00 18.40 ? 73  ASN A CA  1 
ATOM   545  C C   . ASN A 1 73  ? -13.988 6.308   2.912   1.00 18.06 ? 73  ASN A C   1 
ATOM   546  O O   . ASN A 1 73  ? -13.182 5.689   2.212   1.00 20.30 ? 73  ASN A O   1 
ATOM   547  C CB  . ASN A 1 73  ? -15.253 4.195   3.384   1.00 17.53 ? 73  ASN A CB  1 
ATOM   548  C CG  . ASN A 1 73  ? -16.108 4.295   2.161   1.00 18.91 ? 73  ASN A CG  1 
ATOM   549  O OD1 . ASN A 1 73  ? -16.836 5.277   1.976   1.00 22.01 ? 73  ASN A OD1 1 
ATOM   550  N ND2 . ASN A 1 73  ? -16.019 3.296   1.301   1.00 14.66 ? 73  ASN A ND2 1 
ATOM   551  N N   . LYS A 1 74  ? -14.103 7.634   2.869   1.00 17.39 ? 74  LYS A N   1 
ATOM   552  C CA  . LYS A 1 74  ? -13.340 8.440   1.912   1.00 15.73 ? 74  LYS A CA  1 
ATOM   553  C C   . LYS A 1 74  ? -12.756 9.656   2.598   1.00 15.67 ? 74  LYS A C   1 
ATOM   554  O O   . LYS A 1 74  ? -13.352 10.167  3.546   1.00 16.80 ? 74  LYS A O   1 
ATOM   555  C CB  . LYS A 1 74  ? -14.266 8.968   0.805   1.00 15.93 ? 74  LYS A CB  1 
ATOM   556  C CG  . LYS A 1 74  ? -15.070 7.931   0.075   1.00 14.24 ? 74  LYS A CG  1 
ATOM   557  C CD  . LYS A 1 74  ? -14.168 7.189   -0.875  1.00 11.81 ? 74  LYS A CD  1 
ATOM   558  C CE  . LYS A 1 74  ? -14.911 6.089   -1.592  1.00 18.01 ? 74  LYS A CE  1 
ATOM   559  N NZ  . LYS A 1 74  ? -14.042 5.533   -2.665  1.00 16.27 ? 74  LYS A NZ  1 
ATOM   560  N N   . PRO A 1 75  ? -11.528 10.068  2.208   1.00 16.91 ? 75  PRO A N   1 
ATOM   561  C CA  . PRO A 1 75  ? -10.959 11.259  2.842   1.00 17.66 ? 75  PRO A CA  1 
ATOM   562  C C   . PRO A 1 75  ? -11.690 12.431  2.162   1.00 16.65 ? 75  PRO A C   1 
ATOM   563  O O   . PRO A 1 75  ? -11.810 12.463  0.942   1.00 14.74 ? 75  PRO A O   1 
ATOM   564  C CB  . PRO A 1 75  ? -9.472  11.192  2.455   1.00 16.48 ? 75  PRO A CB  1 
ATOM   565  C CG  . PRO A 1 75  ? -9.451  10.441  1.185   1.00 14.85 ? 75  PRO A CG  1 
ATOM   566  C CD  . PRO A 1 75  ? -10.530 9.387   1.356   1.00 16.04 ? 75  PRO A CD  1 
ATOM   567  N N   . VAL A 1 76  ? -12.250 13.325  2.966   1.00 18.91 ? 76  VAL A N   1 
ATOM   568  C CA  . VAL A 1 76  ? -13.004 14.476  2.464   1.00 17.08 ? 76  VAL A CA  1 
ATOM   569  C C   . VAL A 1 76  ? -12.441 15.756  3.051   1.00 17.90 ? 76  VAL A C   1 
ATOM   570  O O   . VAL A 1 76  ? -12.265 15.854  4.262   1.00 19.05 ? 76  VAL A O   1 
ATOM   571  C CB  . VAL A 1 76  ? -14.490 14.404  2.916   1.00 14.82 ? 76  VAL A CB  1 
ATOM   572  C CG1 . VAL A 1 76  ? -15.275 15.569  2.330   1.00 19.27 ? 76  VAL A CG1 1 
ATOM   573  C CG2 . VAL A 1 76  ? -15.118 13.069  2.531   1.00 13.61 ? 76  VAL A CG2 1 
ATOM   574  N N   . GLU A 1 77  ? -12.129 16.730  2.213   1.00 17.51 ? 77  GLU A N   1 
ATOM   575  C CA  . GLU A 1 77  ? -11.643 17.985  2.747   1.00 19.96 ? 77  GLU A CA  1 
ATOM   576  C C   . GLU A 1 77  ? -11.952 19.199  1.888   1.00 17.23 ? 77  GLU A C   1 
ATOM   577  O O   . GLU A 1 77  ? -12.339 19.074  0.737   1.00 18.61 ? 77  GLU A O   1 
ATOM   578  C CB  . GLU A 1 77  ? -10.169 17.913  3.167   1.00 24.25 ? 77  GLU A CB  1 
ATOM   579  C CG  . GLU A 1 77  ? -9.135  17.778  2.085   1.00 28.45 ? 77  GLU A CG  1 
ATOM   580  C CD  . GLU A 1 77  ? -7.736  17.804  2.681   1.00 34.39 ? 77  GLU A CD  1 
ATOM   581  O OE1 . GLU A 1 77  ? -7.299  16.764  3.218   1.00 36.81 ? 77  GLU A OE1 1 
ATOM   582  O OE2 . GLU A 1 77  ? -7.084  18.867  2.652   1.00 35.09 ? 77  GLU A OE2 1 
ATOM   583  N N   . VAL A 1 78  ? -11.892 20.362  2.514   1.00 16.81 ? 78  VAL A N   1 
ATOM   584  C CA  . VAL A 1 78  ? -12.188 21.622  1.855   1.00 16.08 ? 78  VAL A CA  1 
ATOM   585  C C   . VAL A 1 78  ? -10.933 22.182  1.215   1.00 17.06 ? 78  VAL A C   1 
ATOM   586  O O   . VAL A 1 78  ? -9.858  22.120  1.805   1.00 19.59 ? 78  VAL A O   1 
ATOM   587  C CB  . VAL A 1 78  ? -12.763 22.637  2.889   1.00 17.04 ? 78  VAL A CB  1 
ATOM   588  C CG1 . VAL A 1 78  ? -13.001 24.016  2.260   1.00 13.89 ? 78  VAL A CG1 1 
ATOM   589  C CG2 . VAL A 1 78  ? -14.050 22.081  3.479   1.00 18.21 ? 78  VAL A CG2 1 
ATOM   590  N N   . ILE A 1 79  ? -11.077 22.743  0.018   1.00 14.85 ? 79  ILE A N   1 
ATOM   591  C CA  . ILE A 1 79  ? -9.955  23.327  -0.707  1.00 14.07 ? 79  ILE A CA  1 
ATOM   592  C C   . ILE A 1 79  ? -9.613  24.652  -0.063  1.00 15.89 ? 79  ILE A C   1 
ATOM   593  O O   . ILE A 1 79  ? -10.499 25.421  0.296   1.00 17.14 ? 79  ILE A O   1 
ATOM   594  C CB  . ILE A 1 79  ? -10.304 23.553  -2.199  1.00 15.29 ? 79  ILE A CB  1 
ATOM   595  C CG1 . ILE A 1 79  ? -10.574 22.200  -2.863  1.00 14.00 ? 79  ILE A CG1 1 
ATOM   596  C CG2 . ILE A 1 79  ? -9.165  24.279  -2.929  1.00 14.33 ? 79  ILE A CG2 1 
ATOM   597  C CD1 . ILE A 1 79  ? -11.129 22.292  -4.251  1.00 11.53 ? 79  ILE A CD1 1 
ATOM   598  N N   . ASP A 1 80  ? -8.328  24.900  0.121   1.00 16.78 ? 80  ASP A N   1 
ATOM   599  C CA  . ASP A 1 80  ? -7.882  26.156  0.706   1.00 20.42 ? 80  ASP A CA  1 
ATOM   600  C C   . ASP A 1 80  ? -8.435  27.327  -0.125  1.00 20.07 ? 80  ASP A C   1 
ATOM   601  O O   . ASP A 1 80  ? -8.183  27.406  -1.316  1.00 19.41 ? 80  ASP A O   1 
ATOM   602  C CB  . ASP A 1 80  ? -6.356  26.201  0.715   1.00 21.48 ? 80  ASP A CB  1 
ATOM   603  C CG  . ASP A 1 80  ? -5.830  27.462  1.343   1.00 25.51 ? 80  ASP A CG  1 
ATOM   604  O OD1 . ASP A 1 80  ? -5.880  27.573  2.593   1.00 30.68 ? 80  ASP A OD1 1 
ATOM   605  O OD2 . ASP A 1 80  ? -5.390  28.358  0.592   1.00 23.54 ? 80  ASP A OD2 1 
ATOM   606  N N   . SER A 1 81  ? -9.136  28.264  0.513   1.00 23.33 ? 81  SER A N   1 
ATOM   607  C CA  . SER A 1 81  ? -9.733  29.391  -0.210  1.00 23.03 ? 81  SER A CA  1 
ATOM   608  C C   . SER A 1 81  ? -8.790  30.278  -1.026  1.00 22.18 ? 81  SER A C   1 
ATOM   609  O O   . SER A 1 81  ? -9.167  30.769  -2.096  1.00 23.49 ? 81  SER A O   1 
ATOM   610  C CB  . SER A 1 81  ? -10.629 30.236  0.709   1.00 22.86 ? 81  SER A CB  1 
ATOM   611  O OG  . SER A 1 81  ? -9.906  30.757  1.800   1.00 32.58 ? 81  SER A OG  1 
ATOM   612  N N   . LEU A 1 82  ? -7.553  30.434  -0.564  1.00 21.07 ? 82  LEU A N   1 
ATOM   613  C CA  . LEU A 1 82  ? -6.567  31.253  -1.262  1.00 19.60 ? 82  LEU A CA  1 
ATOM   614  C C   . LEU A 1 82  ? -6.067  30.520  -2.499  1.00 19.71 ? 82  LEU A C   1 
ATOM   615  O O   . LEU A 1 82  ? -5.898  31.113  -3.568  1.00 20.56 ? 82  LEU A O   1 
ATOM   616  C CB  . LEU A 1 82  ? -5.396  31.543  -0.328  1.00 22.15 ? 82  LEU A CB  1 
ATOM   617  C CG  . LEU A 1 82  ? -5.011  32.996  -0.144  1.00 26.72 ? 82  LEU A CG  1 
ATOM   618  C CD1 . LEU A 1 82  ? -3.846  33.102  0.832   1.00 26.14 ? 82  LEU A CD1 1 
ATOM   619  C CD2 . LEU A 1 82  ? -4.631  33.550  -1.503  1.00 31.68 ? 82  LEU A CD2 1 
ATOM   620  N N   . LEU A 1 83  ? -5.828  29.221  -2.344  1.00 18.80 ? 83  LEU A N   1 
ATOM   621  C CA  . LEU A 1 83  ? -5.358  28.387  -3.445  1.00 18.55 ? 83  LEU A CA  1 
ATOM   622  C C   . LEU A 1 83  ? -6.443  28.339  -4.499  1.00 17.82 ? 83  LEU A C   1 
ATOM   623  O O   . LEU A 1 83  ? -6.153  28.344  -5.697  1.00 20.30 ? 83  LEU A O   1 
ATOM   624  C CB  . LEU A 1 83  ? -5.054  26.950  -2.973  1.00 21.99 ? 83  LEU A CB  1 
ATOM   625  C CG  . LEU A 1 83  ? -3.842  26.651  -2.075  1.00 23.68 ? 83  LEU A CG  1 
ATOM   626  C CD1 . LEU A 1 83  ? -3.634  25.147  -2.009  1.00 24.07 ? 83  LEU A CD1 1 
ATOM   627  C CD2 . LEU A 1 83  ? -2.586  27.315  -2.633  1.00 25.09 ? 83  LEU A CD2 1 
ATOM   628  N N   . TYR A 1 84  ? -7.691  28.299  -4.039  1.00 18.64 ? 84  TYR A N   1 
ATOM   629  C CA  . TYR A 1 84  ? -8.852  28.249  -4.931  1.00 18.42 ? 84  TYR A CA  1 
ATOM   630  C C   . TYR A 1 84  ? -9.053  29.578  -5.679  1.00 19.53 ? 84  TYR A C   1 
ATOM   631  O O   . TYR A 1 84  ? -9.161  29.597  -6.910  1.00 17.89 ? 84  TYR A O   1 
ATOM   632  C CB  . TYR A 1 84  ? -10.104 27.884  -4.127  1.00 19.34 ? 84  TYR A CB  1 
ATOM   633  C CG  . TYR A 1 84  ? -11.338 27.687  -4.972  1.00 16.40 ? 84  TYR A CG  1 
ATOM   634  C CD1 . TYR A 1 84  ? -12.068 28.783  -5.432  1.00 20.07 ? 84  TYR A CD1 1 
ATOM   635  C CD2 . TYR A 1 84  ? -11.764 26.409  -5.331  1.00 16.26 ? 84  TYR A CD2 1 
ATOM   636  C CE1 . TYR A 1 84  ? -13.200 28.617  -6.234  1.00 20.14 ? 84  TYR A CE1 1 
ATOM   637  C CE2 . TYR A 1 84  ? -12.891 26.227  -6.134  1.00 19.94 ? 84  TYR A CE2 1 
ATOM   638  C CZ  . TYR A 1 84  ? -13.606 27.339  -6.584  1.00 24.07 ? 84  TYR A CZ  1 
ATOM   639  O OH  . TYR A 1 84  ? -14.730 27.182  -7.366  1.00 22.31 ? 84  TYR A OH  1 
ATOM   640  N N   . GLY A 1 85  ? -9.065  30.682  -4.934  1.00 19.64 ? 85  GLY A N   1 
ATOM   641  C CA  . GLY A 1 85  ? -9.249  31.981  -5.549  1.00 20.01 ? 85  GLY A CA  1 
ATOM   642  C C   . GLY A 1 85  ? -8.201  32.299  -6.598  1.00 21.85 ? 85  GLY A C   1 
ATOM   643  O O   . GLY A 1 85  ? -8.504  32.853  -7.654  1.00 25.51 ? 85  GLY A O   1 
ATOM   644  N N   . LYS A 1 86  ? -6.967  31.923  -6.306  1.00 21.22 ? 86  LYS A N   1 
ATOM   645  C CA  . LYS A 1 86  ? -5.821  32.160  -7.179  1.00 22.68 ? 86  LYS A CA  1 
ATOM   646  C C   . LYS A 1 86  ? -5.748  31.175  -8.350  1.00 22.19 ? 86  LYS A C   1 
ATOM   647  O O   . LYS A 1 86  ? -4.922  31.332  -9.253  1.00 21.76 ? 86  LYS A O   1 
ATOM   648  C CB  . LYS A 1 86  ? -4.561  32.023  -6.330  1.00 26.26 ? 86  LYS A CB  1 
ATOM   649  C CG  . LYS A 1 86  ? -3.306  32.614  -6.887  1.00 35.26 ? 86  LYS A CG  1 
ATOM   650  C CD  . LYS A 1 86  ? -2.199  32.417  -5.869  1.00 39.49 ? 86  LYS A CD  1 
ATOM   651  C CE  . LYS A 1 86  ? -0.970  33.215  -6.236  1.00 44.23 ? 86  LYS A CE  1 
ATOM   652  N NZ  . LYS A 1 86  ? -0.005  33.198  -5.093  1.00 47.03 ? 86  LYS A NZ  1 
ATOM   653  N N   . VAL A 1 87  ? -6.602  30.153  -8.314  1.00 19.28 ? 87  VAL A N   1 
ATOM   654  C CA  . VAL A 1 87  ? -6.649  29.095  -9.334  1.00 20.02 ? 87  VAL A CA  1 
ATOM   655  C C   . VAL A 1 87  ? -5.291  28.366  -9.442  1.00 20.95 ? 87  VAL A C   1 
ATOM   656  O O   . VAL A 1 87  ? -4.782  28.098  -10.537 1.00 20.76 ? 87  VAL A O   1 
ATOM   657  C CB  . VAL A 1 87  ? -7.131  29.618  -10.732 1.00 20.53 ? 87  VAL A CB  1 
ATOM   658  C CG1 . VAL A 1 87  ? -7.751  28.468  -11.530 1.00 17.39 ? 87  VAL A CG1 1 
ATOM   659  C CG2 . VAL A 1 87  ? -8.152  30.740  -10.573 1.00 16.16 ? 87  VAL A CG2 1 
ATOM   660  N N   . ASP A 1 88  ? -4.740  28.000  -8.285  1.00 21.44 ? 88  ASP A N   1 
ATOM   661  C CA  . ASP A 1 88  ? -3.444  27.323  -8.211  1.00 22.69 ? 88  ASP A CA  1 
ATOM   662  C C   . ASP A 1 88  ? -3.593  25.821  -8.441  1.00 21.21 ? 88  ASP A C   1 
ATOM   663  O O   . ASP A 1 88  ? -3.758  25.044  -7.486  1.00 18.01 ? 88  ASP A O   1 
ATOM   664  C CB  . ASP A 1 88  ? -2.778  27.600  -6.848  1.00 23.53 ? 88  ASP A CB  1 
ATOM   665  C CG  . ASP A 1 88  ? -1.308  27.148  -6.786  1.00 22.11 ? 88  ASP A CG  1 
ATOM   666  O OD1 . ASP A 1 88  ? -0.744  26.638  -7.784  1.00 21.60 ? 88  ASP A OD1 1 
ATOM   667  O OD2 . ASP A 1 88  ? -0.711  27.323  -5.704  1.00 24.99 ? 88  ASP A OD2 1 
ATOM   668  N N   . GLY A 1 89  ? -3.512  25.436  -9.714  1.00 20.94 ? 89  GLY A N   1 
ATOM   669  C CA  . GLY A 1 89  ? -3.630  24.042  -10.100 1.00 22.40 ? 89  GLY A CA  1 
ATOM   670  C C   . GLY A 1 89  ? -2.590  23.153  -9.444  1.00 23.39 ? 89  GLY A C   1 
ATOM   671  O O   . GLY A 1 89  ? -2.922  22.060  -8.977  1.00 22.73 ? 89  GLY A O   1 
ATOM   672  N N   . LEU A 1 90  ? -1.339  23.607  -9.383  1.00 20.19 ? 90  LEU A N   1 
ATOM   673  C CA  . LEU A 1 90  ? -0.284  22.792  -8.767  1.00 21.51 ? 90  LEU A CA  1 
ATOM   674  C C   . LEU A 1 90  ? -0.490  22.629  -7.253  1.00 18.68 ? 90  LEU A C   1 
ATOM   675  O O   . LEU A 1 90  ? -0.455  21.521  -6.726  1.00 19.78 ? 90  LEU A O   1 
ATOM   676  C CB  . LEU A 1 90  ? 1.099   23.380  -9.068  1.00 23.00 ? 90  LEU A CB  1 
ATOM   677  C CG  . LEU A 1 90  ? 2.315   22.599  -8.546  1.00 24.78 ? 90  LEU A CG  1 
ATOM   678  C CD1 . LEU A 1 90  ? 2.297   21.162  -9.059  1.00 24.46 ? 90  LEU A CD1 1 
ATOM   679  C CD2 . LEU A 1 90  ? 3.605   23.307  -8.968  1.00 25.19 ? 90  LEU A CD2 1 
ATOM   680  N N   . GLY A 1 91  ? -0.811  23.734  -6.591  1.00 18.83 ? 91  GLY A N   1 
ATOM   681  C CA  . GLY A 1 91  ? -1.028  23.723  -5.157  1.00 15.87 ? 91  GLY A CA  1 
ATOM   682  C C   . GLY A 1 91  ? -2.151  22.821  -4.698  1.00 17.98 ? 91  GLY A C   1 
ATOM   683  O O   . GLY A 1 91  ? -2.008  22.093  -3.715  1.00 20.40 ? 91  GLY A O   1 
ATOM   684  N N   . VAL A 1 92  ? -3.277  22.860  -5.405  1.00 18.34 ? 92  VAL A N   1 
ATOM   685  C CA  . VAL A 1 92  ? -4.424  22.027  -5.043  1.00 16.31 ? 92  VAL A CA  1 
ATOM   686  C C   . VAL A 1 92  ? -4.136  20.576  -5.378  1.00 14.61 ? 92  VAL A C   1 
ATOM   687  O O   . VAL A 1 92  ? -4.515  19.669  -4.625  1.00 16.42 ? 92  VAL A O   1 
ATOM   688  C CB  . VAL A 1 92  ? -5.731  22.528  -5.708  1.00 14.31 ? 92  VAL A CB  1 
ATOM   689  C CG1 . VAL A 1 92  ? -6.920  21.625  -5.305  1.00 13.24 ? 92  VAL A CG1 1 
ATOM   690  C CG2 . VAL A 1 92  ? -5.987  23.960  -5.283  1.00 12.21 ? 92  VAL A CG2 1 
ATOM   691  N N   . LEU A 1 93  ? -3.443  20.352  -6.491  1.00 15.86 ? 93  LEU A N   1 
ATOM   692  C CA  . LEU A 1 93  ? -3.061  18.992  -6.868  1.00 17.75 ? 93  LEU A CA  1 
ATOM   693  C C   . LEU A 1 93  ? -2.196  18.411  -5.724  1.00 18.07 ? 93  LEU A C   1 
ATOM   694  O O   . LEU A 1 93  ? -2.415  17.294  -5.287  1.00 15.83 ? 93  LEU A O   1 
ATOM   695  C CB  . LEU A 1 93  ? -2.271  18.997  -8.179  1.00 18.49 ? 93  LEU A CB  1 
ATOM   696  C CG  . LEU A 1 93  ? -1.805  17.625  -8.675  1.00 18.87 ? 93  LEU A CG  1 
ATOM   697  C CD1 . LEU A 1 93  ? -3.000  16.744  -9.025  1.00 18.68 ? 93  LEU A CD1 1 
ATOM   698  C CD2 . LEU A 1 93  ? -0.875  17.792  -9.876  1.00 19.71 ? 93  LEU A CD2 1 
ATOM   699  N N   . LYS A 1 94  ? -1.259  19.204  -5.206  1.00 18.95 ? 94  LYS A N   1 
ATOM   700  C CA  . LYS A 1 94  ? -0.404  18.759  -4.104  1.00 20.36 ? 94  LYS A CA  1 
ATOM   701  C C   . LYS A 1 94  ? -1.205  18.387  -2.857  1.00 19.13 ? 94  LYS A C   1 
ATOM   702  O O   . LYS A 1 94  ? -0.910  17.388  -2.202  1.00 16.64 ? 94  LYS A O   1 
ATOM   703  C CB  . LYS A 1 94  ? 0.627   19.837  -3.713  1.00 20.87 ? 94  LYS A CB  1 
ATOM   704  C CG  . LYS A 1 94  ? 1.776   20.050  -4.691  1.00 22.74 ? 94  LYS A CG  1 
ATOM   705  C CD  . LYS A 1 94  ? 2.767   21.094  -4.150  1.00 24.28 ? 94  LYS A CD  1 
ATOM   706  C CE  . LYS A 1 94  ? 3.806   21.457  -5.207  1.00 31.26 ? 94  LYS A CE  1 
ATOM   707  N NZ  . LYS A 1 94  ? 4.909   22.327  -4.686  1.00 36.76 ? 94  LYS A NZ  1 
ATOM   708  N N   . ALA A 1 95  ? -2.195  19.209  -2.503  1.00 18.84 ? 95  ALA A N   1 
ATOM   709  C CA  . ALA A 1 95  ? -3.017  18.956  -1.321  1.00 15.47 ? 95  ALA A CA  1 
ATOM   710  C C   . ALA A 1 95  ? -3.829  17.672  -1.457  1.00 16.62 ? 95  ALA A C   1 
ATOM   711  O O   . ALA A 1 95  ? -4.015  16.932  -0.488  1.00 18.71 ? 95  ALA A O   1 
ATOM   712  C CB  . ALA A 1 95  ? -3.935  20.138  -1.057  1.00 14.64 ? 95  ALA A CB  1 
ATOM   713  N N   . ALA A 1 96  ? -4.253  17.379  -2.682  1.00 16.04 ? 96  ALA A N   1 
ATOM   714  C CA  . ALA A 1 96  ? -5.059  16.198  -2.962  1.00 16.57 ? 96  ALA A CA  1 
ATOM   715  C C   . ALA A 1 96  ? -4.236  14.917  -2.845  1.00 17.29 ? 96  ALA A C   1 
ATOM   716  O O   . ALA A 1 96  ? -4.705  13.928  -2.282  1.00 16.34 ? 96  ALA A O   1 
ATOM   717  C CB  . ALA A 1 96  ? -5.693  16.307  -4.357  1.00 15.87 ? 96  ALA A CB  1 
ATOM   718  N N   . VAL A 1 97  ? -3.033  14.936  -3.412  1.00 18.89 ? 97  VAL A N   1 
ATOM   719  C CA  . VAL A 1 97  ? -2.139  13.788  -3.354  1.00 22.56 ? 97  VAL A CA  1 
ATOM   720  C C   . VAL A 1 97  ? -1.798  13.550  -1.875  1.00 23.22 ? 97  VAL A C   1 
ATOM   721  O O   . VAL A 1 97  ? -1.832  12.414  -1.395  1.00 23.63 ? 97  VAL A O   1 
ATOM   722  C CB  . VAL A 1 97  ? -0.861  14.038  -4.201  1.00 26.47 ? 97  VAL A CB  1 
ATOM   723  C CG1 . VAL A 1 97  ? 0.216   13.012  -3.863  1.00 28.12 ? 97  VAL A CG1 1 
ATOM   724  C CG2 . VAL A 1 97  ? -1.194  13.952  -5.685  1.00 24.11 ? 97  VAL A CG2 1 
ATOM   725  N N   . ALA A 1 98  ? -1.559  14.634  -1.139  1.00 23.49 ? 98  ALA A N   1 
ATOM   726  C CA  . ALA A 1 98  ? -1.252  14.544  0.290   1.00 24.06 ? 98  ALA A CA  1 
ATOM   727  C C   . ALA A 1 98  ? -2.402  13.877  1.054   1.00 24.97 ? 98  ALA A C   1 
ATOM   728  O O   . ALA A 1 98  ? -2.177  12.959  1.844   1.00 27.48 ? 98  ALA A O   1 
ATOM   729  C CB  . ALA A 1 98  ? -0.945  15.935  0.883   1.00 20.96 ? 98  ALA A CB  1 
ATOM   730  N N   . ALA A 1 99  ? -3.631  14.317  0.822   1.00 22.62 ? 99  ALA A N   1 
ATOM   731  C CA  . ALA A 1 99  ? -4.760  13.728  1.525   1.00 22.31 ? 99  ALA A CA  1 
ATOM   732  C C   . ALA A 1 99  ? -4.843  12.228  1.245   1.00 20.67 ? 99  ALA A C   1 
ATOM   733  O O   . ALA A 1 99  ? -5.218  11.453  2.125   1.00 21.72 ? 99  ALA A O   1 
ATOM   734  C CB  . ALA A 1 99  ? -6.045  14.417  1.131   1.00 22.92 ? 99  ALA A CB  1 
ATOM   735  N N   . ILE A 1 100 ? -4.472  11.819  0.035   1.00 22.91 ? 100 ILE A N   1 
ATOM   736  C CA  . ILE A 1 100 ? -4.501  10.404  -0.330  1.00 28.54 ? 100 ILE A CA  1 
ATOM   737  C C   . ILE A 1 100 ? -3.428  9.607   0.432   1.00 31.80 ? 100 ILE A C   1 
ATOM   738  O O   . ILE A 1 100 ? -3.712  8.511   0.928   1.00 34.19 ? 100 ILE A O   1 
ATOM   739  C CB  . ILE A 1 100 ? -4.311  10.190  -1.852  1.00 27.66 ? 100 ILE A CB  1 
ATOM   740  C CG1 . ILE A 1 100 ? -5.517  10.736  -2.618  1.00 28.39 ? 100 ILE A CG1 1 
ATOM   741  C CG2 . ILE A 1 100 ? -4.157  8.702   -2.163  1.00 26.64 ? 100 ILE A CG2 1 
ATOM   742  C CD1 . ILE A 1 100 ? -5.323  10.783  -4.120  1.00 25.68 ? 100 ILE A CD1 1 
ATOM   743  N N   . LYS A 1 101 ? -2.213  10.159  0.512   1.00 30.97 ? 101 LYS A N   1 
ATOM   744  C CA  . LYS A 1 101 ? -1.098  9.526   1.218   1.00 31.42 ? 101 LYS A CA  1 
ATOM   745  C C   . LYS A 1 101 ? -1.390  9.454   2.707   1.00 32.21 ? 101 LYS A C   1 
ATOM   746  O O   . LYS A 1 101 ? -1.322  8.388   3.314   1.00 35.04 ? 101 LYS A O   1 
ATOM   747  C CB  . LYS A 1 101 ? 0.200   10.305  1.005   1.00 28.69 ? 101 LYS A CB  1 
ATOM   748  C CG  . LYS A 1 101 ? 0.892   10.005  -0.297  1.00 32.65 ? 101 LYS A CG  1 
ATOM   749  C CD  . LYS A 1 101 ? 1.991   11.024  -0.595  1.00 39.06 ? 101 LYS A CD  1 
ATOM   750  C CE  . LYS A 1 101 ? 3.076   11.092  0.488   1.00 42.21 ? 101 LYS A CE  1 
ATOM   751  N NZ  . LYS A 1 101 ? 4.363   10.449  0.055   1.00 46.86 ? 101 LYS A NZ  1 
ATOM   752  N N   . LYS A 1 102 ? -1.745  10.585  3.294   1.00 33.95 ? 102 LYS A N   1 
ATOM   753  C CA  . LYS A 1 102 ? -2.049  10.615  4.707   1.00 38.99 ? 102 LYS A CA  1 
ATOM   754  C C   . LYS A 1 102 ? -3.201  9.665   5.031   1.00 42.80 ? 102 LYS A C   1 
ATOM   755  O O   . LYS A 1 102 ? -3.382  9.284   6.186   1.00 44.71 ? 102 LYS A O   1 
ATOM   756  C CB  . LYS A 1 102 ? -2.383  12.042  5.149   1.00 41.53 ? 102 LYS A CB  1 
ATOM   757  C CG  . LYS A 1 102 ? -2.705  12.152  6.626   1.00 48.50 ? 102 LYS A CG  1 
ATOM   758  C CD  . LYS A 1 102 ? -3.034  13.576  7.073   1.00 52.34 ? 102 LYS A CD  1 
ATOM   759  C CE  . LYS A 1 102 ? -3.341  13.588  8.576   1.00 55.14 ? 102 LYS A CE  1 
ATOM   760  N NZ  . LYS A 1 102 ? -3.646  14.937  9.134   1.00 56.14 ? 102 LYS A NZ  1 
ATOM   761  N N   . ALA A 1 103 ? -3.975  9.282   4.013   1.00 45.91 ? 103 ALA A N   1 
ATOM   762  C CA  . ALA A 1 103 ? -5.119  8.378   4.191   1.00 47.68 ? 103 ALA A CA  1 
ATOM   763  C C   . ALA A 1 103 ? -4.749  6.906   4.108   1.00 48.73 ? 103 ALA A C   1 
ATOM   764  O O   . ALA A 1 103 ? -5.367  6.067   4.762   1.00 48.51 ? 103 ALA A O   1 
ATOM   765  C CB  . ALA A 1 103 ? -6.217  8.693   3.174   1.00 47.21 ? 103 ALA A CB  1 
ATOM   766  N N   . ALA A 1 104 ? -3.785  6.591   3.249   1.00 51.31 ? 104 ALA A N   1 
ATOM   767  C CA  . ALA A 1 104 ? -3.326  5.219   3.069   1.00 54.73 ? 104 ALA A CA  1 
ATOM   768  C C   . ALA A 1 104 ? -2.286  4.826   4.142   1.00 58.11 ? 104 ALA A C   1 
ATOM   769  O O   . ALA A 1 104 ? -1.721  3.721   4.107   1.00 59.20 ? 104 ALA A O   1 
ATOM   770  C CB  . ALA A 1 104 ? -2.755  5.042   1.664   1.00 52.39 ? 104 ALA A CB  1 
ATOM   771  N N   . ALA A 1 105 ? -2.045  5.733   5.089   1.00 59.78 ? 105 ALA A N   1 
ATOM   772  C CA  . ALA A 1 105 ? -1.101  5.505   6.176   1.00 61.15 ? 105 ALA A CA  1 
ATOM   773  C C   . ALA A 1 105 ? -1.064  6.710   7.127   1.00 61.91 ? 105 ALA A C   1 
ATOM   774  O O   . ALA A 1 105 ? -1.734  6.636   8.182   1.00 62.28 ? 105 ALA A O   1 
ATOM   775  C CB  . ALA A 1 105 ? 0.296   5.205   5.618   1.00 62.26 ? 105 ALA A CB  1 
ATOM   776  N N   . LYS B 1 3   ? 16.049  -8.818  17.279  1.00 26.79 ? 3   LYS B N   1 
ATOM   777  C CA  . LYS B 1 3   ? 15.476  -10.074 16.713  1.00 27.09 ? 3   LYS B CA  1 
ATOM   778  C C   . LYS B 1 3   ? 15.626  -10.093 15.200  1.00 24.97 ? 3   LYS B C   1 
ATOM   779  O O   . LYS B 1 3   ? 15.531  -9.050  14.552  1.00 26.16 ? 3   LYS B O   1 
ATOM   780  C CB  . LYS B 1 3   ? 13.999  -10.230 17.094  1.00 28.52 ? 3   LYS B CB  1 
ATOM   781  C CG  . LYS B 1 3   ? 13.773  -10.545 18.561  1.00 31.11 ? 3   LYS B CG  1 
ATOM   782  C CD  . LYS B 1 3   ? 12.349  -10.997 18.815  1.00 36.59 ? 3   LYS B CD  1 
ATOM   783  C CE  . LYS B 1 3   ? 12.145  -11.372 20.271  1.00 40.64 ? 3   LYS B CE  1 
ATOM   784  N NZ  . LYS B 1 3   ? 10.859  -12.103 20.472  1.00 45.11 ? 3   LYS B NZ  1 
ATOM   785  N N   . LYS B 1 4   ? 15.932  -11.261 14.647  1.00 23.53 ? 4   LYS B N   1 
ATOM   786  C CA  . LYS B 1 4   ? 16.092  -11.396 13.209  1.00 23.35 ? 4   LYS B CA  1 
ATOM   787  C C   . LYS B 1 4   ? 14.712  -11.584 12.584  1.00 22.22 ? 4   LYS B C   1 
ATOM   788  O O   . LYS B 1 4   ? 13.812  -12.152 13.201  1.00 21.58 ? 4   LYS B O   1 
ATOM   789  C CB  . LYS B 1 4   ? 17.010  -12.574 12.865  1.00 24.33 ? 4   LYS B CB  1 
ATOM   790  C CG  . LYS B 1 4   ? 18.457  -12.380 13.306  1.00 29.96 ? 4   LYS B CG  1 
ATOM   791  C CD  . LYS B 1 4   ? 18.920  -10.955 13.012  1.00 34.95 ? 4   LYS B CD  1 
ATOM   792  C CE  . LYS B 1 4   ? 20.437  -10.822 12.959  1.00 39.74 ? 4   LYS B CE  1 
ATOM   793  N NZ  . LYS B 1 4   ? 21.092  -11.089 14.264  1.00 45.56 ? 4   LYS B NZ  1 
ATOM   794  N N   . HIS B 1 5   ? 14.546  -11.074 11.374  1.00 20.88 ? 5   HIS B N   1 
ATOM   795  C CA  . HIS B 1 5   ? 13.278  -11.155 10.666  1.00 18.82 ? 5   HIS B CA  1 
ATOM   796  C C   . HIS B 1 5   ? 13.321  -12.235 9.592   1.00 15.92 ? 5   HIS B C   1 
ATOM   797  O O   . HIS B 1 5   ? 14.169  -12.192 8.700   1.00 14.94 ? 5   HIS B O   1 
ATOM   798  C CB  . HIS B 1 5   ? 12.980  -9.806  10.011  1.00 21.65 ? 5   HIS B CB  1 
ATOM   799  C CG  . HIS B 1 5   ? 12.778  -8.697  11.000  1.00 28.80 ? 5   HIS B CG  1 
ATOM   800  N ND1 . HIS B 1 5   ? 11.528  -8.214  11.323  1.00 33.63 ? 5   HIS B ND1 1 
ATOM   801  C CD2 . HIS B 1 5   ? 13.664  -7.998  11.742  1.00 33.01 ? 5   HIS B CD2 1 
ATOM   802  C CE1 . HIS B 1 5   ? 11.654  -7.267  12.242  1.00 33.19 ? 5   HIS B CE1 1 
ATOM   803  N NE2 . HIS B 1 5   ? 12.932  -7.113  12.515  1.00 34.74 ? 5   HIS B NE2 1 
ATOM   804  N N   . ILE B 1 6   ? 12.390  -13.177 9.673   1.00 13.03 ? 6   ILE B N   1 
ATOM   805  C CA  . ILE B 1 6   ? 12.292  -14.271 8.713   1.00 12.79 ? 6   ILE B CA  1 
ATOM   806  C C   . ILE B 1 6   ? 10.960  -14.058 7.989   1.00 13.78 ? 6   ILE B C   1 
ATOM   807  O O   . ILE B 1 6   ? 9.895   -14.133 8.607   1.00 13.65 ? 6   ILE B O   1 
ATOM   808  C CB  . ILE B 1 6   ? 12.280  -15.638 9.449   1.00 15.48 ? 6   ILE B CB  1 
ATOM   809  C CG1 . ILE B 1 6   ? 13.580  -15.819 10.239  1.00 12.95 ? 6   ILE B CG1 1 
ATOM   810  C CG2 . ILE B 1 6   ? 12.052  -16.832 8.461   1.00 12.38 ? 6   ILE B CG2 1 
ATOM   811  C CD1 . ILE B 1 6   ? 13.435  -16.838 11.324  1.00 12.69 ? 6   ILE B CD1 1 
ATOM   812  N N   . TYR B 1 7   ? 11.027  -13.731 6.701   1.00 12.06 ? 7   TYR B N   1 
ATOM   813  C CA  . TYR B 1 7   ? 9.827   -13.483 5.911   1.00 11.90 ? 7   TYR B CA  1 
ATOM   814  C C   . TYR B 1 7   ? 9.593   -14.571 4.874   1.00 11.26 ? 7   TYR B C   1 
ATOM   815  O O   . TYR B 1 7   ? 10.505  -14.910 4.126   1.00 12.71 ? 7   TYR B O   1 
ATOM   816  C CB  . TYR B 1 7   ? 9.945   -12.128 5.207   1.00 13.61 ? 7   TYR B CB  1 
ATOM   817  C CG  . TYR B 1 7   ? 9.910   -10.918 6.125   1.00 11.54 ? 7   TYR B CG  1 
ATOM   818  C CD1 . TYR B 1 7   ? 9.615   -11.040 7.481   1.00 12.87 ? 7   TYR B CD1 1 
ATOM   819  C CD2 . TYR B 1 7   ? 10.166  -9.651  5.623   1.00 15.77 ? 7   TYR B CD2 1 
ATOM   820  C CE1 . TYR B 1 7   ? 9.575   -9.921  8.314   1.00 14.20 ? 7   TYR B CE1 1 
ATOM   821  C CE2 . TYR B 1 7   ? 10.134  -8.521  6.442   1.00 16.67 ? 7   TYR B CE2 1 
ATOM   822  C CZ  . TYR B 1 7   ? 9.836   -8.665  7.788   1.00 16.92 ? 7   TYR B CZ  1 
ATOM   823  O OH  . TYR B 1 7   ? 9.813   -7.542  8.594   1.00 19.66 ? 7   TYR B OH  1 
ATOM   824  N N   . LEU B 1 8   ? 8.383   -15.126 4.857   1.00 9.58  ? 8   LEU B N   1 
ATOM   825  C CA  . LEU B 1 8   ? 7.993   -16.156 3.901   1.00 11.06 ? 8   LEU B CA  1 
ATOM   826  C C   . LEU B 1 8   ? 7.069   -15.521 2.864   1.00 14.22 ? 8   LEU B C   1 
ATOM   827  O O   . LEU B 1 8   ? 6.173   -14.759 3.227   1.00 14.86 ? 8   LEU B O   1 
ATOM   828  C CB  . LEU B 1 8   ? 7.226   -17.288 4.585   1.00 10.57 ? 8   LEU B CB  1 
ATOM   829  C CG  . LEU B 1 8   ? 8.023   -18.285 5.437   1.00 11.81 ? 8   LEU B CG  1 
ATOM   830  C CD1 . LEU B 1 8   ? 8.546   -17.613 6.680   1.00 11.41 ? 8   LEU B CD1 1 
ATOM   831  C CD2 . LEU B 1 8   ? 7.148   -19.485 5.791   1.00 11.44 ? 8   LEU B CD2 1 
ATOM   832  N N   . PHE B 1 9   ? 7.245   -15.866 1.591   1.00 11.07 ? 9   PHE B N   1 
ATOM   833  C CA  . PHE B 1 9   ? 6.418   -15.314 0.510   1.00 11.58 ? 9   PHE B CA  1 
ATOM   834  C C   . PHE B 1 9   ? 5.861   -16.458 -0.314  1.00 11.74 ? 9   PHE B C   1 
ATOM   835  O O   . PHE B 1 9   ? 6.574   -17.400 -0.633  1.00 14.22 ? 9   PHE B O   1 
ATOM   836  C CB  . PHE B 1 9   ? 7.252   -14.395 -0.385  1.00 11.41 ? 9   PHE B CB  1 
ATOM   837  C CG  . PHE B 1 9   ? 7.825   -13.197 0.341   1.00 11.35 ? 9   PHE B CG  1 
ATOM   838  C CD1 . PHE B 1 9   ? 7.086   -12.024 0.473   1.00 11.16 ? 9   PHE B CD1 1 
ATOM   839  C CD2 . PHE B 1 9   ? 9.083   -13.253 0.918   1.00 12.76 ? 9   PHE B CD2 1 
ATOM   840  C CE1 . PHE B 1 9   ? 7.592   -10.923 1.183   1.00 13.52 ? 9   PHE B CE1 1 
ATOM   841  C CE2 . PHE B 1 9   ? 9.598   -12.156 1.633   1.00 15.66 ? 9   PHE B CE2 1 
ATOM   842  C CZ  . PHE B 1 9   ? 8.848   -10.992 1.762   1.00 13.82 ? 9   PHE B CZ  1 
ATOM   843  N N   . SER B 1 10  ? 4.578   -16.400 -0.631  1.00 13.24 ? 10  SER B N   1 
ATOM   844  C CA  . SER B 1 10  ? 3.963   -17.452 -1.426  1.00 16.64 ? 10  SER B CA  1 
ATOM   845  C C   . SER B 1 10  ? 2.613   -16.998 -1.977  1.00 19.23 ? 10  SER B C   1 
ATOM   846  O O   . SER B 1 10  ? 2.040   -16.009 -1.516  1.00 21.10 ? 10  SER B O   1 
ATOM   847  C CB  . SER B 1 10  ? 3.776   -18.711 -0.572  1.00 17.47 ? 10  SER B CB  1 
ATOM   848  O OG  . SER B 1 10  ? 3.217   -19.766 -1.339  1.00 25.43 ? 10  SER B OG  1 
ATOM   849  N N   . SER B 1 11  ? 2.131   -17.707 -2.993  1.00 21.85 ? 11  SER B N   1 
ATOM   850  C CA  . SER B 1 11  ? 0.837   -17.420 -3.590  1.00 22.12 ? 11  SER B CA  1 
ATOM   851  C C   . SER B 1 11  ? -0.242  -18.257 -2.878  1.00 24.91 ? 11  SER B C   1 
ATOM   852  O O   . SER B 1 11  ? -1.429  -18.155 -3.196  1.00 24.86 ? 11  SER B O   1 
ATOM   853  C CB  . SER B 1 11  ? 0.879   -17.753 -5.075  1.00 20.97 ? 11  SER B CB  1 
ATOM   854  O OG  . SER B 1 11  ? 1.285   -19.100 -5.258  1.00 21.94 ? 11  SER B OG  1 
ATOM   855  N N   . ALA B 1 12  ? 0.201   -19.119 -1.958  1.00 24.55 ? 12  ALA B N   1 
ATOM   856  C CA  . ALA B 1 12  ? -0.666  -19.986 -1.151  1.00 21.83 ? 12  ALA B CA  1 
ATOM   857  C C   . ALA B 1 12  ? -0.713  -19.392 0.258   1.00 22.43 ? 12  ALA B C   1 
ATOM   858  O O   . ALA B 1 12  ? 0.135   -19.696 1.091   1.00 24.01 ? 12  ALA B O   1 
ATOM   859  C CB  . ALA B 1 12  ? -0.104  -21.394 -1.109  1.00 21.25 ? 12  ALA B CB  1 
ATOM   860  N N   . GLY B 1 13  ? -1.714  -18.549 0.506   1.00 19.81 ? 13  GLY B N   1 
ATOM   861  C CA  . GLY B 1 13  ? -1.858  -17.871 1.788   1.00 16.91 ? 13  GLY B CA  1 
ATOM   862  C C   . GLY B 1 13  ? -2.102  -18.663 3.062   1.00 15.94 ? 13  GLY B C   1 
ATOM   863  O O   . GLY B 1 13  ? -1.369  -18.481 4.035   1.00 17.97 ? 13  GLY B O   1 
ATOM   864  N N   . MET B 1 14  ? -3.113  -19.526 3.083   1.00 14.82 ? 14  MET B N   1 
ATOM   865  C CA  . MET B 1 14  ? -3.425  -20.299 4.289   1.00 18.89 ? 14  MET B CA  1 
ATOM   866  C C   . MET B 1 14  ? -2.328  -21.268 4.739   1.00 19.43 ? 14  MET B C   1 
ATOM   867  O O   . MET B 1 14  ? -1.988  -21.300 5.922   1.00 17.35 ? 14  MET B O   1 
ATOM   868  C CB  . MET B 1 14  ? -4.733  -21.081 4.117   1.00 22.69 ? 14  MET B CB  1 
ATOM   869  C CG  . MET B 1 14  ? -5.985  -20.226 4.083   1.00 28.18 ? 14  MET B CG  1 
ATOM   870  S SD  . MET B 1 14  ? -6.440  -19.632 5.715   1.00 30.38 ? 14  MET B SD  1 
ATOM   871  C CE  . MET B 1 14  ? -7.109  -21.150 6.388   1.00 30.30 ? 14  MET B CE  1 
ATOM   872  N N   . SER B 1 15  ? -1.818  -22.087 3.817   1.00 16.22 ? 15  SER B N   1 
ATOM   873  C CA  . SER B 1 15  ? -0.776  -23.053 4.170   1.00 17.37 ? 15  SER B CA  1 
ATOM   874  C C   . SER B 1 15  ? 0.501   -22.353 4.642   1.00 17.16 ? 15  SER B C   1 
ATOM   875  O O   . SER B 1 15  ? 1.140   -22.783 5.617   1.00 17.72 ? 15  SER B O   1 
ATOM   876  C CB  . SER B 1 15  ? -0.510  -24.052 3.024   1.00 13.86 ? 15  SER B CB  1 
ATOM   877  O OG  . SER B 1 15  ? -0.129  -23.386 1.833   1.00 23.59 ? 15  SER B OG  1 
ATOM   878  N N   . THR B 1 16  ? 0.822   -21.215 4.033   1.00 16.80 ? 16  THR B N   1 
ATOM   879  C CA  . THR B 1 16  ? 2.012   -20.467 4.438   1.00 13.70 ? 16  THR B CA  1 
ATOM   880  C C   . THR B 1 16  ? 1.805   -19.872 5.836   1.00 17.57 ? 16  THR B C   1 
ATOM   881  O O   . THR B 1 16  ? 2.738   -19.879 6.665   1.00 15.25 ? 16  THR B O   1 
ATOM   882  C CB  . THR B 1 16  ? 2.369   -19.377 3.414   1.00 13.43 ? 16  THR B CB  1 
ATOM   883  O OG1 . THR B 1 16  ? 2.568   -19.986 2.133   1.00 13.82 ? 16  THR B OG1 1 
ATOM   884  C CG2 . THR B 1 16  ? 3.623   -18.671 3.809   1.00 14.69 ? 16  THR B CG2 1 
ATOM   885  N N   . SER B 1 17  ? 0.584   -19.402 6.125   1.00 15.66 ? 17  SER B N   1 
ATOM   886  C CA  . SER B 1 17  ? 0.283   -18.841 7.450   1.00 16.36 ? 17  SER B CA  1 
ATOM   887  C C   . SER B 1 17  ? 0.283   -19.927 8.527   1.00 16.97 ? 17  SER B C   1 
ATOM   888  O O   . SER B 1 17  ? 0.665   -19.678 9.685   1.00 13.52 ? 17  SER B O   1 
ATOM   889  C CB  . SER B 1 17  ? -1.069  -18.119 7.462   1.00 17.50 ? 17  SER B CB  1 
ATOM   890  O OG  . SER B 1 17  ? -0.986  -16.891 6.748   1.00 27.97 ? 17  SER B OG  1 
ATOM   891  N N   . LEU B 1 18  ? -0.183  -21.117 8.154   1.00 15.09 ? 18  LEU B N   1 
ATOM   892  C CA  . LEU B 1 18  ? -0.225  -22.237 9.080   1.00 14.93 ? 18  LEU B CA  1 
ATOM   893  C C   . LEU B 1 18  ? 1.218   -22.559 9.505   1.00 17.91 ? 18  LEU B C   1 
ATOM   894  O O   . LEU B 1 18  ? 1.508   -22.707 10.696  1.00 16.69 ? 18  LEU B O   1 
ATOM   895  C CB  . LEU B 1 18  ? -0.869  -23.454 8.410   1.00 14.83 ? 18  LEU B CB  1 
ATOM   896  C CG  . LEU B 1 18  ? -1.059  -24.638 9.361   1.00 21.76 ? 18  LEU B CG  1 
ATOM   897  C CD1 . LEU B 1 18  ? -1.943  -24.200 10.542  1.00 23.48 ? 18  LEU B CD1 1 
ATOM   898  C CD2 . LEU B 1 18  ? -1.655  -25.835 8.633   1.00 20.81 ? 18  LEU B CD2 1 
ATOM   899  N N   . LEU B 1 19  ? 2.111   -22.630 8.521   1.00 15.72 ? 19  LEU B N   1 
ATOM   900  C CA  . LEU B 1 19  ? 3.523   -22.901 8.764   1.00 15.61 ? 19  LEU B CA  1 
ATOM   901  C C   . LEU B 1 19  ? 4.138   -21.839 9.678   1.00 14.44 ? 19  LEU B C   1 
ATOM   902  O O   . LEU B 1 19  ? 4.834   -22.172 10.632  1.00 16.07 ? 19  LEU B O   1 
ATOM   903  C CB  . LEU B 1 19  ? 4.290   -23.002 7.433   1.00 12.89 ? 19  LEU B CB  1 
ATOM   904  C CG  . LEU B 1 19  ? 5.779   -23.343 7.508   1.00 16.76 ? 19  LEU B CG  1 
ATOM   905  C CD1 . LEU B 1 19  ? 5.965   -24.729 8.107   1.00 13.44 ? 19  LEU B CD1 1 
ATOM   906  C CD2 . LEU B 1 19  ? 6.385   -23.258 6.122   1.00 16.00 ? 19  LEU B CD2 1 
ATOM   907  N N   . VAL B 1 20  ? 3.854   -20.566 9.409   1.00 14.22 ? 20  VAL B N   1 
ATOM   908  C CA  . VAL B 1 20  ? 4.379   -19.461 10.225  1.00 13.20 ? 20  VAL B CA  1 
ATOM   909  C C   . VAL B 1 20  ? 3.931   -19.588 11.684  1.00 12.75 ? 20  VAL B C   1 
ATOM   910  O O   . VAL B 1 20  ? 4.731   -19.342 12.588  1.00 14.31 ? 20  VAL B O   1 
ATOM   911  C CB  . VAL B 1 20  ? 3.981   -18.045 9.630   1.00 13.44 ? 20  VAL B CB  1 
ATOM   912  C CG1 . VAL B 1 20  ? 4.218   -16.926 10.645  1.00 13.50 ? 20  VAL B CG1 1 
ATOM   913  C CG2 . VAL B 1 20  ? 4.812   -17.756 8.382   1.00 12.84 ? 20  VAL B CG2 1 
ATOM   914  N N   . SER B 1 21  ? 2.682   -19.992 11.928  1.00 12.39 ? 21  SER B N   1 
ATOM   915  C CA  . SER B 1 21  ? 2.225   -20.140 13.308  1.00 15.60 ? 21  SER B CA  1 
ATOM   916  C C   . SER B 1 21  ? 2.973   -21.282 14.005  1.00 16.24 ? 21  SER B C   1 
ATOM   917  O O   . SER B 1 21  ? 3.280   -21.179 15.196  1.00 18.51 ? 21  SER B O   1 
ATOM   918  C CB  . SER B 1 21  ? 0.703   -20.339 13.410  1.00 15.39 ? 21  SER B CB  1 
ATOM   919  O OG  . SER B 1 21  ? 0.321   -21.692 13.236  1.00 25.83 ? 21  SER B OG  1 
ATOM   920  N N   . LYS B 1 22  ? 3.273   -22.354 13.269  1.00 15.90 ? 22  LYS B N   1 
ATOM   921  C CA  . LYS B 1 22  ? 4.022   -23.483 13.826  1.00 17.47 ? 22  LYS B CA  1 
ATOM   922  C C   . LYS B 1 22  ? 5.494   -23.104 14.090  1.00 18.55 ? 22  LYS B C   1 
ATOM   923  O O   . LYS B 1 22  ? 6.072   -23.502 15.118  1.00 21.96 ? 22  LYS B O   1 
ATOM   924  C CB  . LYS B 1 22  ? 3.943   -24.697 12.905  1.00 17.91 ? 22  LYS B CB  1 
ATOM   925  C CG  . LYS B 1 22  ? 2.567   -25.338 12.874  1.00 21.87 ? 22  LYS B CG  1 
ATOM   926  C CD  . LYS B 1 22  ? 2.133   -25.780 14.271  1.00 24.09 ? 22  LYS B CD  1 
ATOM   927  C CE  . LYS B 1 22  ? 0.659   -26.210 14.312  1.00 27.66 ? 22  LYS B CE  1 
ATOM   928  N NZ  . LYS B 1 22  ? 0.380   -27.284 13.332  1.00 27.73 ? 22  LYS B NZ  1 
ATOM   929  N N   . MET B 1 23  ? 6.097   -22.336 13.180  1.00 14.21 ? 23  MET B N   1 
ATOM   930  C CA  . MET B 1 23  ? 7.475   -21.893 13.355  1.00 11.96 ? 23  MET B CA  1 
ATOM   931  C C   . MET B 1 23  ? 7.561   -20.964 14.577  1.00 14.93 ? 23  MET B C   1 
ATOM   932  O O   . MET B 1 23  ? 8.499   -21.053 15.354  1.00 16.99 ? 23  MET B O   1 
ATOM   933  C CB  . MET B 1 23  ? 7.983   -21.155 12.116  1.00 11.01 ? 23  MET B CB  1 
ATOM   934  C CG  . MET B 1 23  ? 8.212   -22.023 10.891  1.00 12.25 ? 23  MET B CG  1 
ATOM   935  S SD  . MET B 1 23  ? 8.498   -21.037 9.380   1.00 15.39 ? 23  MET B SD  1 
ATOM   936  C CE  . MET B 1 23  ? 10.089  -20.350 9.706   1.00 12.71 ? 23  MET B CE  1 
ATOM   937  N N   . ARG B 1 24  ? 6.578   -20.081 14.756  1.00 13.77 ? 24  ARG B N   1 
ATOM   938  C CA  . ARG B 1 24  ? 6.581   -19.163 15.897  1.00 15.70 ? 24  ARG B CA  1 
ATOM   939  C C   . ARG B 1 24  ? 6.499   -19.925 17.216  1.00 18.61 ? 24  ARG B C   1 
ATOM   940  O O   . ARG B 1 24  ? 7.107   -19.512 18.210  1.00 17.18 ? 24  ARG B O   1 
ATOM   941  C CB  . ARG B 1 24  ? 5.412   -18.167 15.826  1.00 19.53 ? 24  ARG B CB  1 
ATOM   942  C CG  . ARG B 1 24  ? 5.585   -17.007 14.860  1.00 18.02 ? 24  ARG B CG  1 
ATOM   943  C CD  . ARG B 1 24  ? 4.300   -16.201 14.833  1.00 22.00 ? 24  ARG B CD  1 
ATOM   944  N NE  . ARG B 1 24  ? 4.317   -15.142 13.832  1.00 21.93 ? 24  ARG B NE  1 
ATOM   945  C CZ  . ARG B 1 24  ? 3.223   -14.543 13.380  1.00 22.96 ? 24  ARG B CZ  1 
ATOM   946  N NH1 . ARG B 1 24  ? 2.038   -14.899 13.858  1.00 21.58 ? 24  ARG B NH1 1 
ATOM   947  N NH2 . ARG B 1 24  ? 3.315   -13.583 12.464  1.00 18.27 ? 24  ARG B NH2 1 
ATOM   948  N N   . ALA B 1 25  ? 5.730   -21.014 17.231  1.00 18.72 ? 25  ALA B N   1 
ATOM   949  C CA  . ALA B 1 25  ? 5.582   -21.827 18.436  1.00 20.01 ? 25  ALA B CA  1 
ATOM   950  C C   . ALA B 1 25  ? 6.941   -22.442 18.785  1.00 21.37 ? 25  ALA B C   1 
ATOM   951  O O   . ALA B 1 25  ? 7.362   -22.416 19.943  1.00 22.50 ? 25  ALA B O   1 
ATOM   952  C CB  . ALA B 1 25  ? 4.527   -22.920 18.218  1.00 19.23 ? 25  ALA B CB  1 
ATOM   953  N N   . GLN B 1 26  ? 7.657   -22.932 17.776  1.00 21.57 ? 26  GLN B N   1 
ATOM   954  C CA  . GLN B 1 26  ? 8.978   -23.522 17.997  1.00 20.58 ? 26  GLN B CA  1 
ATOM   955  C C   . GLN B 1 26  ? 9.977   -22.472 18.467  1.00 21.67 ? 26  GLN B C   1 
ATOM   956  O O   . GLN B 1 26  ? 10.790  -22.732 19.353  1.00 21.18 ? 26  GLN B O   1 
ATOM   957  C CB  . GLN B 1 26  ? 9.517   -24.157 16.721  1.00 20.56 ? 26  GLN B CB  1 
ATOM   958  C CG  . GLN B 1 26  ? 8.721   -25.324 16.226  1.00 23.00 ? 26  GLN B CG  1 
ATOM   959  C CD  . GLN B 1 26  ? 8.673   -26.471 17.215  1.00 28.18 ? 26  GLN B CD  1 
ATOM   960  O OE1 . GLN B 1 26  ? 9.676   -26.797 17.858  1.00 30.04 ? 26  GLN B OE1 1 
ATOM   961  N NE2 . GLN B 1 26  ? 7.511   -27.099 17.335  1.00 26.77 ? 26  GLN B NE2 1 
ATOM   962  N N   . ALA B 1 27  ? 9.938   -21.294 17.855  1.00 17.84 ? 27  ALA B N   1 
ATOM   963  C CA  . ALA B 1 27  ? 10.855  -20.231 18.227  1.00 18.11 ? 27  ALA B CA  1 
ATOM   964  C C   . ALA B 1 27  ? 10.660  -19.798 19.681  1.00 20.49 ? 27  ALA B C   1 
ATOM   965  O O   . ALA B 1 27  ? 11.623  -19.407 20.350  1.00 23.21 ? 27  ALA B O   1 
ATOM   966  C CB  . ALA B 1 27  ? 10.694  -19.036 17.287  1.00 18.51 ? 27  ALA B CB  1 
ATOM   967  N N   . GLU B 1 28  ? 9.426   -19.867 20.172  1.00 20.64 ? 28  GLU B N   1 
ATOM   968  C CA  . GLU B 1 28  ? 9.133   -19.457 21.545  1.00 23.63 ? 28  GLU B CA  1 
ATOM   969  C C   . GLU B 1 28  ? 9.592   -20.509 22.526  1.00 21.60 ? 28  GLU B C   1 
ATOM   970  O O   . GLU B 1 28  ? 10.148  -20.188 23.568  1.00 21.62 ? 28  GLU B O   1 
ATOM   971  C CB  . GLU B 1 28  ? 7.635   -19.192 21.734  1.00 27.09 ? 28  GLU B CB  1 
ATOM   972  C CG  . GLU B 1 28  ? 7.289   -18.401 23.002  1.00 32.11 ? 28  GLU B CG  1 
ATOM   973  C CD  . GLU B 1 28  ? 7.938   -17.012 23.065  1.00 34.38 ? 28  GLU B CD  1 
ATOM   974  O OE1 . GLU B 1 28  ? 8.177   -16.377 22.011  1.00 39.52 ? 28  GLU B OE1 1 
ATOM   975  O OE2 . GLU B 1 28  ? 8.198   -16.536 24.186  1.00 39.58 ? 28  GLU B OE2 1 
ATOM   976  N N   . LYS B 1 29  ? 9.375   -21.765 22.158  1.00 22.32 ? 29  LYS B N   1 
ATOM   977  C CA  . LYS B 1 29  ? 9.762   -22.907 22.978  1.00 23.94 ? 29  LYS B CA  1 
ATOM   978  C C   . LYS B 1 29  ? 11.277  -22.916 23.232  1.00 24.06 ? 29  LYS B C   1 
ATOM   979  O O   . LYS B 1 29  ? 11.719  -23.135 24.360  1.00 25.53 ? 29  LYS B O   1 
ATOM   980  C CB  . LYS B 1 29  ? 9.327   -24.193 22.277  1.00 23.29 ? 29  LYS B CB  1 
ATOM   981  C CG  . LYS B 1 29  ? 9.627   -25.484 23.020  1.00 25.77 ? 29  LYS B CG  1 
ATOM   982  C CD  . LYS B 1 29  ? 9.065   -26.644 22.221  1.00 28.97 ? 29  LYS B CD  1 
ATOM   983  C CE  . LYS B 1 29  ? 9.079   -27.947 22.997  1.00 33.68 ? 29  LYS B CE  1 
ATOM   984  N NZ  . LYS B 1 29  ? 8.397   -29.028 22.212  1.00 37.72 ? 29  LYS B NZ  1 
ATOM   985  N N   . TYR B 1 30  ? 12.059  -22.642 22.188  1.00 23.04 ? 30  TYR B N   1 
ATOM   986  C CA  . TYR B 1 30  ? 13.518  -22.629 22.293  1.00 23.64 ? 30  TYR B CA  1 
ATOM   987  C C   . TYR B 1 30  ? 14.143  -21.247 22.401  1.00 25.09 ? 30  TYR B C   1 
ATOM   988  O O   . TYR B 1 30  ? 15.366  -21.098 22.279  1.00 27.07 ? 30  TYR B O   1 
ATOM   989  C CB  . TYR B 1 30  ? 14.138  -23.405 21.134  1.00 20.45 ? 30  TYR B CB  1 
ATOM   990  C CG  . TYR B 1 30  ? 13.613  -24.816 21.047  1.00 21.69 ? 30  TYR B CG  1 
ATOM   991  C CD1 . TYR B 1 30  ? 13.747  -25.694 22.117  1.00 27.37 ? 30  TYR B CD1 1 
ATOM   992  C CD2 . TYR B 1 30  ? 12.968  -25.269 19.908  1.00 20.97 ? 30  TYR B CD2 1 
ATOM   993  C CE1 . TYR B 1 30  ? 13.246  -26.991 22.048  1.00 26.73 ? 30  TYR B CE1 1 
ATOM   994  C CE2 . TYR B 1 30  ? 12.465  -26.553 19.828  1.00 22.17 ? 30  TYR B CE2 1 
ATOM   995  C CZ  . TYR B 1 30  ? 12.608  -27.411 20.897  1.00 25.42 ? 30  TYR B CZ  1 
ATOM   996  O OH  . TYR B 1 30  ? 12.132  -28.700 20.816  1.00 29.19 ? 30  TYR B OH  1 
ATOM   997  N N   . GLU B 1 31  ? 13.304  -20.246 22.648  1.00 27.10 ? 31  GLU B N   1 
ATOM   998  C CA  . GLU B 1 31  ? 13.735  -18.859 22.792  1.00 29.32 ? 31  GLU B CA  1 
ATOM   999  C C   . GLU B 1 31  ? 14.667  -18.351 21.691  1.00 29.08 ? 31  GLU B C   1 
ATOM   1000 O O   . GLU B 1 31  ? 15.686  -17.692 21.958  1.00 29.69 ? 31  GLU B O   1 
ATOM   1001 C CB  . GLU B 1 31  ? 14.333  -18.642 24.181  1.00 33.42 ? 31  GLU B CB  1 
ATOM   1002 C CG  . GLU B 1 31  ? 13.313  -18.844 25.302  1.00 41.51 ? 31  GLU B CG  1 
ATOM   1003 C CD  . GLU B 1 31  ? 13.911  -18.669 26.689  1.00 46.63 ? 31  GLU B CD  1 
ATOM   1004 O OE1 . GLU B 1 31  ? 14.189  -17.509 27.088  1.00 50.67 ? 31  GLU B OE1 1 
ATOM   1005 O OE2 . GLU B 1 31  ? 14.095  -19.697 27.377  1.00 44.76 ? 31  GLU B OE2 1 
ATOM   1006 N N   . VAL B 1 32  ? 14.305  -18.668 20.447  1.00 27.62 ? 32  VAL B N   1 
ATOM   1007 C CA  . VAL B 1 32  ? 15.062  -18.234 19.277  1.00 24.46 ? 32  VAL B CA  1 
ATOM   1008 C C   . VAL B 1 32  ? 14.643  -16.781 19.046  1.00 25.40 ? 32  VAL B C   1 
ATOM   1009 O O   . VAL B 1 32  ? 13.460  -16.496 18.840  1.00 24.19 ? 32  VAL B O   1 
ATOM   1010 C CB  . VAL B 1 32  ? 14.674  -19.044 18.017  1.00 20.80 ? 32  VAL B CB  1 
ATOM   1011 C CG1 . VAL B 1 32  ? 15.689  -18.819 16.922  1.00 21.54 ? 32  VAL B CG1 1 
ATOM   1012 C CG2 . VAL B 1 32  ? 14.547  -20.520 18.337  1.00 21.68 ? 32  VAL B CG2 1 
ATOM   1013 N N   . PRO B 1 33  ? 15.598  -15.843 19.064  1.00 24.23 ? 33  PRO B N   1 
ATOM   1014 C CA  . PRO B 1 33  ? 15.264  -14.430 18.857  1.00 25.34 ? 33  PRO B CA  1 
ATOM   1015 C C   . PRO B 1 33  ? 14.929  -14.051 17.401  1.00 23.32 ? 33  PRO B C   1 
ATOM   1016 O O   . PRO B 1 33  ? 15.735  -13.417 16.700  1.00 21.36 ? 33  PRO B O   1 
ATOM   1017 C CB  . PRO B 1 33  ? 16.512  -13.713 19.379  1.00 21.93 ? 33  PRO B CB  1 
ATOM   1018 C CG  . PRO B 1 33  ? 17.602  -14.648 18.983  1.00 23.46 ? 33  PRO B CG  1 
ATOM   1019 C CD  . PRO B 1 33  ? 17.041  -16.020 19.299  1.00 23.90 ? 33  PRO B CD  1 
ATOM   1020 N N   . VAL B 1 34  ? 13.727  -14.426 16.961  1.00 21.92 ? 34  VAL B N   1 
ATOM   1021 C CA  . VAL B 1 34  ? 13.275  -14.131 15.599  1.00 19.61 ? 34  VAL B CA  1 
ATOM   1022 C C   . VAL B 1 34  ? 11.814  -13.661 15.498  1.00 20.25 ? 34  VAL B C   1 
ATOM   1023 O O   . VAL B 1 34  ? 10.977  -13.934 16.366  1.00 21.11 ? 34  VAL B O   1 
ATOM   1024 C CB  . VAL B 1 34  ? 13.440  -15.351 14.654  1.00 15.52 ? 34  VAL B CB  1 
ATOM   1025 C CG1 . VAL B 1 34  ? 14.902  -15.712 14.496  1.00 18.50 ? 34  VAL B CG1 1 
ATOM   1026 C CG2 . VAL B 1 34  ? 12.631  -16.528 15.158  1.00 11.47 ? 34  VAL B CG2 1 
ATOM   1027 N N   . ILE B 1 35  ? 11.527  -12.947 14.416  1.00 21.38 ? 35  ILE B N   1 
ATOM   1028 C CA  . ILE B 1 35  ? 10.192  -12.451 14.110  1.00 18.61 ? 35  ILE B CA  1 
ATOM   1029 C C   . ILE B 1 35  ? 9.903   -13.136 12.785  1.00 17.88 ? 35  ILE B C   1 
ATOM   1030 O O   . ILE B 1 35  ? 10.756  -13.122 11.891  1.00 17.60 ? 35  ILE B O   1 
ATOM   1031 C CB  . ILE B 1 35  ? 10.192  -10.924 13.965  1.00 18.89 ? 35  ILE B CB  1 
ATOM   1032 C CG1 . ILE B 1 35  ? 10.281  -10.294 15.356  1.00 21.78 ? 35  ILE B CG1 1 
ATOM   1033 C CG2 . ILE B 1 35  ? 8.962   -10.447 13.190  1.00 16.82 ? 35  ILE B CG2 1 
ATOM   1034 C CD1 . ILE B 1 35  ? 10.534  -8.810  15.352  1.00 26.87 ? 35  ILE B CD1 1 
ATOM   1035 N N   . ILE B 1 36  ? 8.739   -13.773 12.677  1.00 16.60 ? 36  ILE B N   1 
ATOM   1036 C CA  . ILE B 1 36  ? 8.363   -14.508 11.467  1.00 16.45 ? 36  ILE B CA  1 
ATOM   1037 C C   . ILE B 1 36  ? 7.027   -14.017 10.907  1.00 16.31 ? 36  ILE B C   1 
ATOM   1038 O O   . ILE B 1 36  ? 6.036   -13.942 11.641  1.00 16.91 ? 36  ILE B O   1 
ATOM   1039 C CB  . ILE B 1 36  ? 8.261   -16.014 11.765  1.00 16.09 ? 36  ILE B CB  1 
ATOM   1040 C CG1 . ILE B 1 36  ? 9.512   -16.477 12.537  1.00 15.89 ? 36  ILE B CG1 1 
ATOM   1041 C CG2 . ILE B 1 36  ? 8.080   -16.777 10.452  1.00 13.86 ? 36  ILE B CG2 1 
ATOM   1042 C CD1 . ILE B 1 36  ? 9.280   -17.648 13.467  1.00 17.90 ? 36  ILE B CD1 1 
ATOM   1043 N N   . GLU B 1 37  ? 7.003   -13.714 9.607   1.00 15.78 ? 37  GLU B N   1 
ATOM   1044 C CA  . GLU B 1 37  ? 5.803   -13.200 8.922   1.00 17.71 ? 37  GLU B CA  1 
ATOM   1045 C C   . GLU B 1 37  ? 5.659   -13.813 7.531   1.00 15.94 ? 37  GLU B C   1 
ATOM   1046 O O   . GLU B 1 37  ? 6.661   -14.120 6.883   1.00 16.58 ? 37  GLU B O   1 
ATOM   1047 C CB  . GLU B 1 37  ? 5.894   -11.670 8.728   1.00 17.51 ? 37  GLU B CB  1 
ATOM   1048 C CG  . GLU B 1 37  ? 6.158   -10.820 9.973   1.00 21.00 ? 37  GLU B CG  1 
ATOM   1049 C CD  . GLU B 1 37  ? 4.946   -10.643 10.882  1.00 26.31 ? 37  GLU B CD  1 
ATOM   1050 O OE1 . GLU B 1 37  ? 3.851   -11.164 10.563  1.00 27.16 ? 37  GLU B OE1 1 
ATOM   1051 O OE2 . GLU B 1 37  ? 5.093   -9.969  11.928  1.00 29.30 ? 37  GLU B OE2 1 
ATOM   1052 N N   . ALA B 1 38  ? 4.416   -13.957 7.072   1.00 14.23 ? 38  ALA B N   1 
ATOM   1053 C CA  . ALA B 1 38  ? 4.112   -14.479 5.736   1.00 13.24 ? 38  ALA B CA  1 
ATOM   1054 C C   . ALA B 1 38  ? 3.505   -13.315 4.944   1.00 15.13 ? 38  ALA B C   1 
ATOM   1055 O O   . ALA B 1 38  ? 2.804   -12.479 5.508   1.00 14.17 ? 38  ALA B O   1 
ATOM   1056 C CB  . ALA B 1 38  ? 3.113   -15.630 5.815   1.00 13.44 ? 38  ALA B CB  1 
ATOM   1057 N N   . PHE B 1 39  ? 3.790   -13.253 3.652   1.00 13.72 ? 39  PHE B N   1 
ATOM   1058 C CA  . PHE B 1 39  ? 3.274   -12.204 2.779   1.00 12.81 ? 39  PHE B CA  1 
ATOM   1059 C C   . PHE B 1 39  ? 2.995   -12.796 1.402   1.00 16.61 ? 39  PHE B C   1 
ATOM   1060 O O   . PHE B 1 39  ? 3.424   -13.918 1.080   1.00 14.12 ? 39  PHE B O   1 
ATOM   1061 C CB  . PHE B 1 39  ? 4.326   -11.111 2.564   1.00 12.25 ? 39  PHE B CB  1 
ATOM   1062 C CG  . PHE B 1 39  ? 4.747   -10.407 3.811   1.00 16.03 ? 39  PHE B CG  1 
ATOM   1063 C CD1 . PHE B 1 39  ? 3.967   -9.394  4.344   1.00 14.11 ? 39  PHE B CD1 1 
ATOM   1064 C CD2 . PHE B 1 39  ? 5.948   -10.734 4.434   1.00 15.92 ? 39  PHE B CD2 1 
ATOM   1065 C CE1 . PHE B 1 39  ? 4.382   -8.700  5.490   1.00 19.66 ? 39  PHE B CE1 1 
ATOM   1066 C CE2 . PHE B 1 39  ? 6.377   -10.053 5.569   1.00 17.31 ? 39  PHE B CE2 1 
ATOM   1067 C CZ  . PHE B 1 39  ? 5.596   -9.037  6.108   1.00 16.87 ? 39  PHE B CZ  1 
ATOM   1068 N N   . PRO B 1 40  ? 2.206   -12.082 0.586   1.00 15.41 ? 40  PRO B N   1 
ATOM   1069 C CA  . PRO B 1 40  ? 1.946   -12.604 -0.753  1.00 13.28 ? 40  PRO B CA  1 
ATOM   1070 C C   . PRO B 1 40  ? 3.220   -12.330 -1.562  1.00 11.47 ? 40  PRO B C   1 
ATOM   1071 O O   . PRO B 1 40  ? 4.008   -11.446 -1.208  1.00 11.66 ? 40  PRO B O   1 
ATOM   1072 C CB  . PRO B 1 40  ? 0.755   -11.753 -1.229  1.00 15.68 ? 40  PRO B CB  1 
ATOM   1073 C CG  . PRO B 1 40  ? 0.890   -10.478 -0.465  1.00 14.03 ? 40  PRO B CG  1 
ATOM   1074 C CD  . PRO B 1 40  ? 1.322   -10.949 0.906   1.00 16.30 ? 40  PRO B CD  1 
ATOM   1075 N N   . GLU B 1 41  ? 3.444   -13.105 -2.614  1.00 11.77 ? 41  GLU B N   1 
ATOM   1076 C CA  . GLU B 1 41  ? 4.634   -12.953 -3.456  1.00 13.91 ? 41  GLU B CA  1 
ATOM   1077 C C   . GLU B 1 41  ? 4.869   -11.566 -4.061  1.00 15.13 ? 41  GLU B C   1 
ATOM   1078 O O   . GLU B 1 41  ? 5.998   -11.217 -4.391  1.00 15.76 ? 41  GLU B O   1 
ATOM   1079 C CB  . GLU B 1 41  ? 4.641   -14.018 -4.572  1.00 15.32 ? 41  GLU B CB  1 
ATOM   1080 C CG  . GLU B 1 41  ? 3.665   -13.801 -5.747  1.00 17.63 ? 41  GLU B CG  1 
ATOM   1081 C CD  . GLU B 1 41  ? 2.214   -14.150 -5.449  1.00 23.11 ? 41  GLU B CD  1 
ATOM   1082 O OE1 . GLU B 1 41  ? 1.793   -14.205 -4.265  1.00 25.86 ? 41  GLU B OE1 1 
ATOM   1083 O OE2 . GLU B 1 41  ? 1.437   -14.363 -6.412  1.00 27.13 ? 41  GLU B OE2 1 
ATOM   1084 N N   . THR B 1 42  ? 3.803   -10.786 -4.208  1.00 14.93 ? 42  THR B N   1 
ATOM   1085 C CA  . THR B 1 42  ? 3.881   -9.449  -4.784  1.00 15.14 ? 42  THR B CA  1 
ATOM   1086 C C   . THR B 1 42  ? 4.689   -8.513  -3.905  1.00 16.46 ? 42  THR B C   1 
ATOM   1087 O O   . THR B 1 42  ? 5.217   -7.517  -4.383  1.00 17.69 ? 42  THR B O   1 
ATOM   1088 C CB  . THR B 1 42  ? 2.473   -8.847  -4.987  1.00 15.58 ? 42  THR B CB  1 
ATOM   1089 O OG1 . THR B 1 42  ? 1.765   -8.875  -3.737  1.00 17.95 ? 42  THR B OG1 1 
ATOM   1090 C CG2 . THR B 1 42  ? 1.677   -9.656  -6.031  1.00 13.00 ? 42  THR B CG2 1 
ATOM   1091 N N   . LEU B 1 43  ? 4.763   -8.823  -2.615  1.00 15.69 ? 43  LEU B N   1 
ATOM   1092 C CA  . LEU B 1 43  ? 5.509   -7.999  -1.674  1.00 17.54 ? 43  LEU B CA  1 
ATOM   1093 C C   . LEU B 1 43  ? 6.970   -8.417  -1.445  1.00 19.12 ? 43  LEU B C   1 
ATOM   1094 O O   . LEU B 1 43  ? 7.635   -7.856  -0.567  1.00 22.49 ? 43  LEU B O   1 
ATOM   1095 C CB  . LEU B 1 43  ? 4.787   -7.971  -0.329  1.00 17.67 ? 43  LEU B CB  1 
ATOM   1096 C CG  . LEU B 1 43  ? 3.467   -7.217  -0.313  1.00 18.41 ? 43  LEU B CG  1 
ATOM   1097 C CD1 . LEU B 1 43  ? 2.910   -7.203  1.097   1.00 17.87 ? 43  LEU B CD1 1 
ATOM   1098 C CD2 . LEU B 1 43  ? 3.720   -5.798  -0.806  1.00 21.94 ? 43  LEU B CD2 1 
ATOM   1099 N N   . ALA B 1 44  ? 7.464   -9.387  -2.223  1.00 18.05 ? 44  ALA B N   1 
ATOM   1100 C CA  . ALA B 1 44  ? 8.834   -9.893  -2.093  1.00 17.55 ? 44  ALA B CA  1 
ATOM   1101 C C   . ALA B 1 44  ? 9.890   -8.796  -2.110  1.00 19.56 ? 44  ALA B C   1 
ATOM   1102 O O   . ALA B 1 44  ? 10.878  -8.878  -1.395  1.00 21.11 ? 44  ALA B O   1 
ATOM   1103 C CB  . ALA B 1 44  ? 9.121   -10.907 -3.173  1.00 19.46 ? 44  ALA B CB  1 
ATOM   1104 N N   . GLY B 1 45  ? 9.671   -7.762  -2.914  1.00 22.34 ? 45  GLY B N   1 
ATOM   1105 C CA  . GLY B 1 45  ? 10.617  -6.668  -2.973  1.00 22.37 ? 45  GLY B CA  1 
ATOM   1106 C C   . GLY B 1 45  ? 10.417  -5.640  -1.872  1.00 24.30 ? 45  GLY B C   1 
ATOM   1107 O O   . GLY B 1 45  ? 11.382  -5.230  -1.219  1.00 28.01 ? 45  GLY B O   1 
ATOM   1108 N N   . GLU B 1 46  ? 9.175   -5.237  -1.624  1.00 24.14 ? 46  GLU B N   1 
ATOM   1109 C CA  . GLU B 1 46  ? 8.921   -4.231  -0.597  1.00 25.98 ? 46  GLU B CA  1 
ATOM   1110 C C   . GLU B 1 46  ? 9.195   -4.692  0.837   1.00 23.25 ? 46  GLU B C   1 
ATOM   1111 O O   . GLU B 1 46  ? 9.709   -3.934  1.663   1.00 23.30 ? 46  GLU B O   1 
ATOM   1112 C CB  . GLU B 1 46  ? 7.491   -3.692  -0.699  1.00 31.66 ? 46  GLU B CB  1 
ATOM   1113 C CG  . GLU B 1 46  ? 7.296   -2.403  0.105   1.00 45.95 ? 46  GLU B CG  1 
ATOM   1114 C CD  . GLU B 1 46  ? 5.840   -2.114  0.434   1.00 53.56 ? 46  GLU B CD  1 
ATOM   1115 O OE1 . GLU B 1 46  ? 5.349   -2.649  1.457   1.00 58.39 ? 46  GLU B OE1 1 
ATOM   1116 O OE2 . GLU B 1 46  ? 5.189   -1.348  -0.318  1.00 57.61 ? 46  GLU B OE2 1 
ATOM   1117 N N   . LYS B 1 47  ? 8.791   -5.914  1.150   1.00 19.62 ? 47  LYS B N   1 
ATOM   1118 C CA  . LYS B 1 47  ? 8.997   -6.450  2.480   1.00 19.85 ? 47  LYS B CA  1 
ATOM   1119 C C   . LYS B 1 47  ? 10.327  -7.196  2.599   1.00 20.75 ? 47  LYS B C   1 
ATOM   1120 O O   . LYS B 1 47  ? 11.038  -7.048  3.595   1.00 19.34 ? 47  LYS B O   1 
ATOM   1121 C CB  . LYS B 1 47  ? 7.839   -7.356  2.864   1.00 17.57 ? 47  LYS B CB  1 
ATOM   1122 C CG  . LYS B 1 47  ? 6.574   -6.596  3.122   1.00 20.78 ? 47  LYS B CG  1 
ATOM   1123 C CD  . LYS B 1 47  ? 6.748   -5.627  4.256   1.00 22.38 ? 47  LYS B CD  1 
ATOM   1124 C CE  . LYS B 1 47  ? 5.408   -5.036  4.616   1.00 29.50 ? 47  LYS B CE  1 
ATOM   1125 N NZ  . LYS B 1 47  ? 5.453   -4.371  5.940   1.00 31.72 ? 47  LYS B NZ  1 
ATOM   1126 N N   . GLY B 1 48  ? 10.669  -7.960  1.564   1.00 19.58 ? 48  GLY B N   1 
ATOM   1127 C CA  . GLY B 1 48  ? 11.903  -8.726  1.554   1.00 18.02 ? 48  GLY B CA  1 
ATOM   1128 C C   . GLY B 1 48  ? 13.146  -7.914  1.848   1.00 21.89 ? 48  GLY B C   1 
ATOM   1129 O O   . GLY B 1 48  ? 14.072  -8.411  2.487   1.00 20.18 ? 48  GLY B O   1 
ATOM   1130 N N   . GLN B 1 49  ? 13.168  -6.654  1.430   1.00 21.68 ? 49  GLN B N   1 
ATOM   1131 C CA  . GLN B 1 49  ? 14.330  -5.813  1.679   1.00 25.15 ? 49  GLN B CA  1 
ATOM   1132 C C   . GLN B 1 49  ? 14.608  -5.586  3.165   1.00 25.97 ? 49  GLN B C   1 
ATOM   1133 O O   . GLN B 1 49  ? 15.743  -5.298  3.551   1.00 26.71 ? 49  GLN B O   1 
ATOM   1134 C CB  . GLN B 1 49  ? 14.161  -4.477  0.980   1.00 27.47 ? 49  GLN B CB  1 
ATOM   1135 C CG  . GLN B 1 49  ? 13.076  -3.604  1.552   1.00 30.50 ? 49  GLN B CG  1 
ATOM   1136 C CD  . GLN B 1 49  ? 12.886  -2.371  0.722   1.00 36.54 ? 49  GLN B CD  1 
ATOM   1137 O OE1 . GLN B 1 49  ? 12.904  -1.251  1.232   1.00 41.34 ? 49  GLN B OE1 1 
ATOM   1138 N NE2 . GLN B 1 49  ? 12.745  -2.561  -0.581  1.00 39.78 ? 49  GLN B NE2 1 
ATOM   1139 N N   . ASN B 1 50  ? 13.569  -5.717  3.984   1.00 25.50 ? 50  ASN B N   1 
ATOM   1140 C CA  . ASN B 1 50  ? 13.659  -5.523  5.434   1.00 25.02 ? 50  ASN B CA  1 
ATOM   1141 C C   . ASN B 1 50  ? 13.880  -6.856  6.156   1.00 23.93 ? 50  ASN B C   1 
ATOM   1142 O O   . ASN B 1 50  ? 13.896  -6.898  7.388   1.00 23.85 ? 50  ASN B O   1 
ATOM   1143 C CB  . ASN B 1 50  ? 12.352  -4.900  5.977   1.00 31.27 ? 50  ASN B CB  1 
ATOM   1144 C CG  . ASN B 1 50  ? 12.069  -3.499  5.421   1.00 34.80 ? 50  ASN B CG  1 
ATOM   1145 O OD1 . ASN B 1 50  ? 12.977  -2.675  5.284   1.00 37.34 ? 50  ASN B OD1 1 
ATOM   1146 N ND2 . ASN B 1 50  ? 10.793  -3.212  5.146   1.00 34.77 ? 50  ASN B ND2 1 
ATOM   1147 N N   . ALA B 1 51  ? 14.014  -7.947  5.402   1.00 20.63 ? 51  ALA B N   1 
ATOM   1148 C CA  . ALA B 1 51  ? 14.196  -9.273  5.998   1.00 21.05 ? 51  ALA B CA  1 
ATOM   1149 C C   . ALA B 1 51  ? 15.656  -9.671  6.161   1.00 21.33 ? 51  ALA B C   1 
ATOM   1150 O O   . ALA B 1 51  ? 16.532  -9.131  5.495   1.00 19.53 ? 51  ALA B O   1 
ATOM   1151 C CB  . ALA B 1 51  ? 13.466  -10.327 5.159   1.00 20.54 ? 51  ALA B CB  1 
ATOM   1152 N N   . ASP B 1 52  ? 15.912  -10.615 7.066   1.00 19.56 ? 52  ASP B N   1 
ATOM   1153 C CA  . ASP B 1 52  ? 17.264  -11.126 7.296   1.00 21.33 ? 52  ASP B CA  1 
ATOM   1154 C C   . ASP B 1 52  ? 17.483  -12.364 6.440   1.00 17.59 ? 52  ASP B C   1 
ATOM   1155 O O   . ASP B 1 52  ? 18.601  -12.684 6.057   1.00 15.83 ? 52  ASP B O   1 
ATOM   1156 C CB  . ASP B 1 52  ? 17.516  -11.356 8.793   1.00 21.60 ? 52  ASP B CB  1 
ATOM   1157 C CG  . ASP B 1 52  ? 17.654  -10.029 9.557   1.00 27.00 ? 52  ASP B CG  1 
ATOM   1158 O OD1 . ASP B 1 52  ? 18.559  -9.229  9.230   1.00 32.08 ? 52  ASP B OD1 1 
ATOM   1159 O OD2 . ASP B 1 52  ? 16.837  -9.749  10.450  1.00 29.33 ? 52  ASP B OD2 1 
ATOM   1160 N N   . VAL B 1 53  ? 16.377  -13.013 6.092   1.00 16.19 ? 53  VAL B N   1 
ATOM   1161 C CA  . VAL B 1 53  ? 16.380  -14.169 5.209   1.00 14.61 ? 53  VAL B CA  1 
ATOM   1162 C C   . VAL B 1 53  ? 14.981  -14.194 4.569   1.00 13.17 ? 53  VAL B C   1 
ATOM   1163 O O   . VAL B 1 53  ? 13.978  -13.924 5.228   1.00 13.25 ? 53  VAL B O   1 
ATOM   1164 C CB  . VAL B 1 53  ? 16.707  -15.497 5.944   1.00 15.21 ? 53  VAL B CB  1 
ATOM   1165 C CG1 . VAL B 1 53  ? 15.690  -15.782 7.016   1.00 15.47 ? 53  VAL B CG1 1 
ATOM   1166 C CG2 . VAL B 1 53  ? 16.795  -16.652 4.946   1.00 14.52 ? 53  VAL B CG2 1 
ATOM   1167 N N   . VAL B 1 54  ? 14.953  -14.421 3.262   1.00 14.51 ? 54  VAL B N   1 
ATOM   1168 C CA  . VAL B 1 54  ? 13.731  -14.461 2.465   1.00 12.28 ? 54  VAL B CA  1 
ATOM   1169 C C   . VAL B 1 54  ? 13.488  -15.923 2.075   1.00 13.59 ? 54  VAL B C   1 
ATOM   1170 O O   . VAL B 1 54  ? 14.344  -16.552 1.446   1.00 14.42 ? 54  VAL B O   1 
ATOM   1171 C CB  . VAL B 1 54  ? 13.918  -13.579 1.196   1.00 10.88 ? 54  VAL B CB  1 
ATOM   1172 C CG1 . VAL B 1 54  ? 12.818  -13.816 0.193   1.00 10.79 ? 54  VAL B CG1 1 
ATOM   1173 C CG2 . VAL B 1 54  ? 13.986  -12.093 1.590   1.00 10.16 ? 54  VAL B CG2 1 
ATOM   1174 N N   . LEU B 1 55  ? 12.357  -16.477 2.505   1.00 10.88 ? 55  LEU B N   1 
ATOM   1175 C CA  . LEU B 1 55  ? 12.018  -17.860 2.189   1.00 12.94 ? 55  LEU B CA  1 
ATOM   1176 C C   . LEU B 1 55  ? 10.857  -17.893 1.210   1.00 13.36 ? 55  LEU B C   1 
ATOM   1177 O O   . LEU B 1 55  ? 9.850   -17.220 1.434   1.00 14.06 ? 55  LEU B O   1 
ATOM   1178 C CB  . LEU B 1 55  ? 11.622  -18.607 3.457   1.00 14.92 ? 55  LEU B CB  1 
ATOM   1179 C CG  . LEU B 1 55  ? 12.693  -18.780 4.526   1.00 17.09 ? 55  LEU B CG  1 
ATOM   1180 C CD1 . LEU B 1 55  ? 12.203  -19.816 5.529   1.00 16.61 ? 55  LEU B CD1 1 
ATOM   1181 C CD2 . LEU B 1 55  ? 13.985  -19.242 3.888   1.00 19.21 ? 55  LEU B CD2 1 
ATOM   1182 N N   . LEU B 1 56  ? 10.986  -18.671 0.137   1.00 11.52 ? 56  LEU B N   1 
ATOM   1183 C CA  . LEU B 1 56  ? 9.931   -18.755 -0.873  1.00 11.33 ? 56  LEU B CA  1 
ATOM   1184 C C   . LEU B 1 56  ? 9.206   -20.070 -0.769  1.00 14.01 ? 56  LEU B C   1 
ATOM   1185 O O   . LEU B 1 56  ? 9.843   -21.109 -0.634  1.00 17.24 ? 56  LEU B O   1 
ATOM   1186 C CB  . LEU B 1 56  ? 10.510  -18.662 -2.291  1.00 11.40 ? 56  LEU B CB  1 
ATOM   1187 C CG  . LEU B 1 56  ? 11.400  -17.490 -2.701  1.00 14.62 ? 56  LEU B CG  1 
ATOM   1188 C CD1 . LEU B 1 56  ? 11.749  -17.591 -4.167  1.00 12.28 ? 56  LEU B CD1 1 
ATOM   1189 C CD2 . LEU B 1 56  ? 10.723  -16.177 -2.415  1.00 15.39 ? 56  LEU B CD2 1 
ATOM   1190 N N   . GLY B 1 57  ? 7.882   -20.034 -0.844  1.00 10.94 ? 57  GLY B N   1 
ATOM   1191 C CA  . GLY B 1 57  ? 7.100   -21.259 -0.809  1.00 11.46 ? 57  GLY B CA  1 
ATOM   1192 C C   . GLY B 1 57  ? 7.375   -22.028 -2.084  1.00 13.57 ? 57  GLY B C   1 
ATOM   1193 O O   . GLY B 1 57  ? 7.675   -21.410 -3.106  1.00 12.79 ? 57  GLY B O   1 
ATOM   1194 N N   . PRO B 1 58  ? 7.260   -23.372 -2.082  1.00 16.27 ? 58  PRO B N   1 
ATOM   1195 C CA  . PRO B 1 58  ? 7.511   -24.220 -3.262  1.00 18.42 ? 58  PRO B CA  1 
ATOM   1196 C C   . PRO B 1 58  ? 6.738   -23.767 -4.506  1.00 20.37 ? 58  PRO B C   1 
ATOM   1197 O O   . PRO B 1 58  ? 7.231   -23.882 -5.629  1.00 21.72 ? 58  PRO B O   1 
ATOM   1198 C CB  . PRO B 1 58  ? 7.042   -25.618 -2.808  1.00 16.66 ? 58  PRO B CB  1 
ATOM   1199 C CG  . PRO B 1 58  ? 7.135   -25.576 -1.349  1.00 18.54 ? 58  PRO B CG  1 
ATOM   1200 C CD  . PRO B 1 58  ? 6.736   -24.170 -0.961  1.00 16.81 ? 58  PRO B CD  1 
ATOM   1201 N N   . GLN B 1 59  ? 5.536   -23.231 -4.287  1.00 19.63 ? 59  GLN B N   1 
ATOM   1202 C CA  . GLN B 1 59  ? 4.671   -22.760 -5.369  1.00 19.39 ? 59  GLN B CA  1 
ATOM   1203 C C   . GLN B 1 59  ? 5.338   -21.688 -6.227  1.00 16.14 ? 59  GLN B C   1 
ATOM   1204 O O   . GLN B 1 59  ? 5.065   -21.604 -7.419  1.00 19.48 ? 59  GLN B O   1 
ATOM   1205 C CB  . GLN B 1 59  ? 3.345   -22.215 -4.818  1.00 19.46 ? 59  GLN B CB  1 
ATOM   1206 C CG  . GLN B 1 59  ? 2.558   -23.178 -3.949  1.00 25.25 ? 59  GLN B CG  1 
ATOM   1207 C CD  . GLN B 1 59  ? 3.006   -23.165 -2.488  1.00 24.74 ? 59  GLN B CD  1 
ATOM   1208 O OE1 . GLN B 1 59  ? 3.955   -22.471 -2.121  1.00 22.86 ? 59  GLN B OE1 1 
ATOM   1209 N NE2 . GLN B 1 59  ? 2.304   -23.913 -1.653  1.00 28.64 ? 59  GLN B NE2 1 
ATOM   1210 N N   . ILE B 1 60  ? 6.201   -20.875 -5.636  1.00 12.05 ? 60  ILE B N   1 
ATOM   1211 C CA  . ILE B 1 60  ? 6.860   -19.841 -6.408  1.00 13.95 ? 60  ILE B CA  1 
ATOM   1212 C C   . ILE B 1 60  ? 8.364   -20.054 -6.566  1.00 16.00 ? 60  ILE B C   1 
ATOM   1213 O O   . ILE B 1 60  ? 9.123   -19.110 -6.802  1.00 17.01 ? 60  ILE B O   1 
ATOM   1214 C CB  . ILE B 1 60  ? 6.579   -18.432 -5.838  1.00 13.67 ? 60  ILE B CB  1 
ATOM   1215 C CG1 . ILE B 1 60  ? 7.076   -18.320 -4.399  1.00 12.74 ? 60  ILE B CG1 1 
ATOM   1216 C CG2 . ILE B 1 60  ? 5.086   -18.133 -5.923  1.00 16.37 ? 60  ILE B CG2 1 
ATOM   1217 C CD1 . ILE B 1 60  ? 7.193   -16.884 -3.896  1.00 13.14 ? 60  ILE B CD1 1 
ATOM   1218 N N   . ALA B 1 61  ? 8.789   -21.307 -6.504  1.00 17.64 ? 61  ALA B N   1 
ATOM   1219 C CA  . ALA B 1 61  ? 10.203  -21.624 -6.652  1.00 17.62 ? 61  ALA B CA  1 
ATOM   1220 C C   . ALA B 1 61  ? 10.762  -21.085 -7.972  1.00 17.07 ? 61  ALA B C   1 
ATOM   1221 O O   . ALA B 1 61  ? 11.919  -20.656 -8.032  1.00 16.09 ? 61  ALA B O   1 
ATOM   1222 C CB  . ALA B 1 61  ? 10.410  -23.120 -6.569  1.00 19.21 ? 61  ALA B CB  1 
ATOM   1223 N N   . TYR B 1 62  ? 9.942   -21.108 -9.024  1.00 17.58 ? 62  TYR B N   1 
ATOM   1224 C CA  . TYR B 1 62  ? 10.350  -20.605 -10.343 1.00 17.65 ? 62  TYR B CA  1 
ATOM   1225 C C   . TYR B 1 62  ? 10.831  -19.150 -10.334 1.00 17.44 ? 62  TYR B C   1 
ATOM   1226 O O   . TYR B 1 62  ? 11.589  -18.745 -11.218 1.00 18.56 ? 62  TYR B O   1 
ATOM   1227 C CB  . TYR B 1 62  ? 9.219   -20.768 -11.386 1.00 19.18 ? 62  TYR B CB  1 
ATOM   1228 C CG  . TYR B 1 62  ? 7.978   -19.917 -11.164 1.00 20.11 ? 62  TYR B CG  1 
ATOM   1229 C CD1 . TYR B 1 62  ? 7.863   -18.638 -11.729 1.00 22.46 ? 62  TYR B CD1 1 
ATOM   1230 C CD2 . TYR B 1 62  ? 6.897   -20.403 -10.421 1.00 21.69 ? 62  TYR B CD2 1 
ATOM   1231 C CE1 . TYR B 1 62  ? 6.700   -17.868 -11.561 1.00 21.83 ? 62  TYR B CE1 1 
ATOM   1232 C CE2 . TYR B 1 62  ? 5.733   -19.636 -10.250 1.00 24.64 ? 62  TYR B CE2 1 
ATOM   1233 C CZ  . TYR B 1 62  ? 5.651   -18.373 -10.822 1.00 23.26 ? 62  TYR B CZ  1 
ATOM   1234 O OH  . TYR B 1 62  ? 4.510   -17.627 -10.653 1.00 25.69 ? 62  TYR B OH  1 
ATOM   1235 N N   . MET B 1 63  ? 10.353  -18.353 -9.373  1.00 18.14 ? 63  MET B N   1 
ATOM   1236 C CA  . MET B 1 63  ? 10.756  -16.939 -9.272  1.00 17.69 ? 63  MET B CA  1 
ATOM   1237 C C   . MET B 1 63  ? 12.108  -16.694 -8.584  1.00 17.13 ? 63  MET B C   1 
ATOM   1238 O O   . MET B 1 63  ? 12.576  -15.547 -8.537  1.00 17.03 ? 63  MET B O   1 
ATOM   1239 C CB  . MET B 1 63  ? 9.697   -16.123 -8.532  1.00 18.54 ? 63  MET B CB  1 
ATOM   1240 C CG  . MET B 1 63  ? 8.442   -15.858 -9.319  1.00 24.04 ? 63  MET B CG  1 
ATOM   1241 S SD  . MET B 1 63  ? 7.326   -14.931 -8.261  1.00 29.08 ? 63  MET B SD  1 
ATOM   1242 C CE  . MET B 1 63  ? 5.825   -15.790 -8.548  1.00 26.04 ? 63  MET B CE  1 
ATOM   1243 N N   . LEU B 1 64  ? 12.727  -17.750 -8.058  1.00 15.92 ? 64  LEU B N   1 
ATOM   1244 C CA  . LEU B 1 64  ? 13.996  -17.613 -7.347  1.00 15.56 ? 64  LEU B CA  1 
ATOM   1245 C C   . LEU B 1 64  ? 15.069  -16.711 -7.985  1.00 16.01 ? 64  LEU B C   1 
ATOM   1246 O O   . LEU B 1 64  ? 15.482  -15.719 -7.371  1.00 18.21 ? 64  LEU B O   1 
ATOM   1247 C CB  . LEU B 1 64  ? 14.581  -18.996 -6.992  1.00 18.31 ? 64  LEU B CB  1 
ATOM   1248 C CG  . LEU B 1 64  ? 15.914  -19.016 -6.215  1.00 20.58 ? 64  LEU B CG  1 
ATOM   1249 C CD1 . LEU B 1 64  ? 15.797  -18.273 -4.881  1.00 18.00 ? 64  LEU B CD1 1 
ATOM   1250 C CD2 . LEU B 1 64  ? 16.341  -20.445 -5.984  1.00 18.35 ? 64  LEU B CD2 1 
ATOM   1251 N N   . PRO B 1 65  ? 15.469  -16.972 -9.243  1.00 16.04 ? 65  PRO B N   1 
ATOM   1252 C CA  . PRO B 1 65  ? 16.494  -16.090 -9.826  1.00 17.11 ? 65  PRO B CA  1 
ATOM   1253 C C   . PRO B 1 65  ? 16.133  -14.606 -9.825  1.00 19.48 ? 65  PRO B C   1 
ATOM   1254 O O   . PRO B 1 65  ? 16.982  -13.758 -9.541  1.00 19.76 ? 65  PRO B O   1 
ATOM   1255 C CB  . PRO B 1 65  ? 16.669  -16.633 -11.246 1.00 17.44 ? 65  PRO B CB  1 
ATOM   1256 C CG  . PRO B 1 65  ? 16.215  -18.071 -11.148 1.00 19.83 ? 65  PRO B CG  1 
ATOM   1257 C CD  . PRO B 1 65  ? 15.043  -18.008 -10.197 1.00 14.86 ? 65  PRO B CD  1 
ATOM   1258 N N   . GLU B 1 66  ? 14.875  -14.263 -10.106 1.00 23.35 ? 66  GLU B N   1 
ATOM   1259 C CA  . GLU B 1 66  ? 14.529  -12.839 -10.117 1.00 22.67 ? 66  GLU B CA  1 
ATOM   1260 C C   . GLU B 1 66  ? 14.470  -12.220 -8.742  1.00 20.01 ? 66  GLU B C   1 
ATOM   1261 O O   . GLU B 1 66  ? 14.874  -11.069 -8.577  1.00 19.63 ? 66  GLU B O   1 
ATOM   1262 C CB  . GLU B 1 66  ? 13.291  -12.502 -10.966 1.00 27.19 ? 66  GLU B CB  1 
ATOM   1263 C CG  . GLU B 1 66  ? 12.028  -13.234 -10.649 1.00 34.85 ? 66  GLU B CG  1 
ATOM   1264 C CD  . GLU B 1 66  ? 10.946  -12.998 -11.712 1.00 38.28 ? 66  GLU B CD  1 
ATOM   1265 O OE1 . GLU B 1 66  ? 10.419  -11.864 -11.787 1.00 32.97 ? 66  GLU B OE1 1 
ATOM   1266 O OE2 . GLU B 1 66  ? 10.619  -13.953 -12.461 1.00 39.67 ? 66  GLU B OE2 1 
ATOM   1267 N N   . ILE B 1 67  ? 14.017  -12.979 -7.745  1.00 16.57 ? 67  ILE B N   1 
ATOM   1268 C CA  . ILE B 1 67  ? 13.983  -12.437 -6.391  1.00 15.18 ? 67  ILE B CA  1 
ATOM   1269 C C   . ILE B 1 67  ? 15.430  -12.227 -5.929  1.00 15.49 ? 67  ILE B C   1 
ATOM   1270 O O   . ILE B 1 67  ? 15.729  -11.244 -5.243  1.00 16.30 ? 67  ILE B O   1 
ATOM   1271 C CB  . ILE B 1 67  ? 13.234  -13.352 -5.404  1.00 13.85 ? 67  ILE B CB  1 
ATOM   1272 C CG1 . ILE B 1 67  ? 11.777  -13.529 -5.841  1.00 14.90 ? 67  ILE B CG1 1 
ATOM   1273 C CG2 . ILE B 1 67  ? 13.290  -12.750 -4.004  1.00 16.45 ? 67  ILE B CG2 1 
ATOM   1274 C CD1 . ILE B 1 67  ? 11.029  -12.259 -5.872  1.00 19.21 ? 67  ILE B CD1 1 
ATOM   1275 N N   . GLN B 1 68  ? 16.329  -13.130 -6.335  1.00 16.14 ? 68  GLN B N   1 
ATOM   1276 C CA  . GLN B 1 68  ? 17.758  -13.014 -5.988  1.00 18.07 ? 68  GLN B CA  1 
ATOM   1277 C C   . GLN B 1 68  ? 18.344  -11.759 -6.640  1.00 19.28 ? 68  GLN B C   1 
ATOM   1278 O O   . GLN B 1 68  ? 19.173  -11.067 -6.037  1.00 22.04 ? 68  GLN B O   1 
ATOM   1279 C CB  . GLN B 1 68  ? 18.557  -14.262 -6.421  1.00 19.70 ? 68  GLN B CB  1 
ATOM   1280 C CG  . GLN B 1 68  ? 18.349  -15.500 -5.534  1.00 23.99 ? 68  GLN B CG  1 
ATOM   1281 C CD  . GLN B 1 68  ? 19.016  -16.783 -6.074  1.00 24.36 ? 68  GLN B CD  1 
ATOM   1282 O OE1 . GLN B 1 68  ? 19.278  -16.913 -7.269  1.00 25.98 ? 68  GLN B OE1 1 
ATOM   1283 N NE2 . GLN B 1 68  ? 19.249  -17.745 -5.189  1.00 28.70 ? 68  GLN B NE2 1 
ATOM   1284 N N   . ARG B 1 69  ? 17.909  -11.455 -7.864  1.00 19.71 ? 69  ARG B N   1 
ATOM   1285 C CA  . ARG B 1 69  ? 18.378  -10.248 -8.559  1.00 20.77 ? 69  ARG B CA  1 
ATOM   1286 C C   . ARG B 1 69  ? 17.813  -8.985  -7.918  1.00 20.61 ? 69  ARG B C   1 
ATOM   1287 O O   . ARG B 1 69  ? 18.469  -7.941  -7.889  1.00 19.35 ? 69  ARG B O   1 
ATOM   1288 C CB  . ARG B 1 69  ? 18.020  -10.289 -10.051 1.00 24.38 ? 69  ARG B CB  1 
ATOM   1289 C CG  . ARG B 1 69  ? 18.976  -11.163 -10.867 1.00 32.75 ? 69  ARG B CG  1 
ATOM   1290 C CD  . ARG B 1 69  ? 18.799  -11.016 -12.378 1.00 37.37 ? 69  ARG B CD  1 
ATOM   1291 N NE  . ARG B 1 69  ? 17.489  -11.483 -12.825 1.00 41.71 ? 69  ARG B NE  1 
ATOM   1292 C CZ  . ARG B 1 69  ? 17.226  -12.730 -13.209 1.00 42.14 ? 69  ARG B CZ  1 
ATOM   1293 N NH1 . ARG B 1 69  ? 18.194  -13.639 -13.217 1.00 36.96 ? 69  ARG B NH1 1 
ATOM   1294 N NH2 . ARG B 1 69  ? 15.995  -13.062 -13.600 1.00 41.39 ? 69  ARG B NH2 1 
ATOM   1295 N N   . LEU B 1 70  ? 16.589  -9.097  -7.399  1.00 19.94 ? 70  LEU B N   1 
ATOM   1296 C CA  . LEU B 1 70  ? 15.884  -8.002  -6.732  1.00 20.62 ? 70  LEU B CA  1 
ATOM   1297 C C   . LEU B 1 70  ? 16.539  -7.640  -5.386  1.00 20.78 ? 70  LEU B C   1 
ATOM   1298 O O   . LEU B 1 70  ? 16.685  -6.458  -5.047  1.00 18.98 ? 70  LEU B O   1 
ATOM   1299 C CB  . LEU B 1 70  ? 14.446  -8.453  -6.487  1.00 23.53 ? 70  LEU B CB  1 
ATOM   1300 C CG  . LEU B 1 70  ? 13.298  -7.457  -6.431  1.00 30.71 ? 70  LEU B CG  1 
ATOM   1301 C CD1 . LEU B 1 70  ? 13.232  -6.713  -7.758  1.00 30.79 ? 70  LEU B CD1 1 
ATOM   1302 C CD2 . LEU B 1 70  ? 11.991  -8.215  -6.186  1.00 30.01 ? 70  LEU B CD2 1 
ATOM   1303 N N   . LEU B 1 71  ? 16.913  -8.672  -4.619  1.00 19.47 ? 71  LEU B N   1 
ATOM   1304 C CA  . LEU B 1 71  ? 17.537  -8.529  -3.289  1.00 20.41 ? 71  LEU B CA  1 
ATOM   1305 C C   . LEU B 1 71  ? 18.929  -9.222  -3.270  1.00 18.94 ? 71  LEU B C   1 
ATOM   1306 O O   . LEU B 1 71  ? 19.112  -10.231 -2.588  1.00 19.25 ? 71  LEU B O   1 
ATOM   1307 C CB  . LEU B 1 71  ? 16.612  -9.186  -2.248  1.00 18.44 ? 71  LEU B CB  1 
ATOM   1308 C CG  . LEU B 1 71  ? 15.123  -8.822  -2.413  1.00 20.55 ? 71  LEU B CG  1 
ATOM   1309 C CD1 . LEU B 1 71  ? 14.259  -9.851  -1.728  1.00 19.59 ? 71  LEU B CD1 1 
ATOM   1310 C CD2 . LEU B 1 71  ? 14.842  -7.426  -1.900  1.00 16.63 ? 71  LEU B CD2 1 
ATOM   1311 N N   . PRO B 1 72  ? 19.941  -8.615  -3.927  1.00 17.31 ? 72  PRO B N   1 
ATOM   1312 C CA  . PRO B 1 72  ? 21.293  -9.173  -4.008  1.00 20.28 ? 72  PRO B CA  1 
ATOM   1313 C C   . PRO B 1 72  ? 22.086  -9.360  -2.716  1.00 22.08 ? 72  PRO B C   1 
ATOM   1314 O O   . PRO B 1 72  ? 22.959  -10.222 -2.648  1.00 23.85 ? 72  PRO B O   1 
ATOM   1315 C CB  . PRO B 1 72  ? 21.994  -8.235  -4.993  1.00 19.10 ? 72  PRO B CB  1 
ATOM   1316 C CG  . PRO B 1 72  ? 21.363  -6.930  -4.724  1.00 18.16 ? 72  PRO B CG  1 
ATOM   1317 C CD  . PRO B 1 72  ? 19.905  -7.248  -4.486  1.00 16.93 ? 72  PRO B CD  1 
ATOM   1318 N N   . ASN B 1 73  ? 21.751  -8.593  -1.686  1.00 24.61 ? 73  ASN B N   1 
ATOM   1319 C CA  . ASN B 1 73  ? 22.442  -8.663  -0.394  1.00 28.40 ? 73  ASN B CA  1 
ATOM   1320 C C   . ASN B 1 73  ? 21.715  -9.490  0.682   1.00 26.71 ? 73  ASN B C   1 
ATOM   1321 O O   . ASN B 1 73  ? 21.998  -9.344  1.876   1.00 26.15 ? 73  ASN B O   1 
ATOM   1322 C CB  . ASN B 1 73  ? 22.652  -7.235  0.134   1.00 34.27 ? 73  ASN B CB  1 
ATOM   1323 C CG  . ASN B 1 73  ? 21.327  -6.515  0.440   1.00 41.39 ? 73  ASN B CG  1 
ATOM   1324 O OD1 . ASN B 1 73  ? 20.300  -6.757  -0.219  1.00 45.02 ? 73  ASN B OD1 1 
ATOM   1325 N ND2 . ASN B 1 73  ? 21.347  -5.631  1.439   1.00 41.99 ? 73  ASN B ND2 1 
ATOM   1326 N N   . LYS B 1 74  ? 20.802  -10.364 0.266   1.00 23.93 ? 74  LYS B N   1 
ATOM   1327 C CA  . LYS B 1 74  ? 20.017  -11.162 1.207   1.00 22.54 ? 74  LYS B CA  1 
ATOM   1328 C C   . LYS B 1 74  ? 19.996  -12.646 0.859   1.00 21.58 ? 74  LYS B C   1 
ATOM   1329 O O   . LYS B 1 74  ? 20.047  -13.020 -0.312  1.00 20.99 ? 74  LYS B O   1 
ATOM   1330 C CB  . LYS B 1 74  ? 18.541  -10.707 1.195   1.00 24.79 ? 74  LYS B CB  1 
ATOM   1331 C CG  . LYS B 1 74  ? 18.274  -9.228  1.424   1.00 26.31 ? 74  LYS B CG  1 
ATOM   1332 C CD  . LYS B 1 74  ? 18.497  -8.834  2.855   1.00 25.82 ? 74  LYS B CD  1 
ATOM   1333 C CE  . LYS B 1 74  ? 17.939  -7.453  3.108   1.00 23.61 ? 74  LYS B CE  1 
ATOM   1334 N NZ  . LYS B 1 74  ? 18.084  -7.077  4.536   1.00 24.95 ? 74  LYS B NZ  1 
ATOM   1335 N N   . PRO B 1 75  ? 20.006  -13.515 1.879   1.00 18.16 ? 75  PRO B N   1 
ATOM   1336 C CA  . PRO B 1 75  ? 19.955  -14.941 1.552   1.00 17.32 ? 75  PRO B CA  1 
ATOM   1337 C C   . PRO B 1 75  ? 18.505  -15.227 1.138   1.00 15.18 ? 75  PRO B C   1 
ATOM   1338 O O   . PRO B 1 75  ? 17.571  -14.867 1.843   1.00 14.89 ? 75  PRO B O   1 
ATOM   1339 C CB  . PRO B 1 75  ? 20.304  -15.629 2.876   1.00 15.58 ? 75  PRO B CB  1 
ATOM   1340 C CG  . PRO B 1 75  ? 20.054  -14.606 3.921   1.00 15.66 ? 75  PRO B CG  1 
ATOM   1341 C CD  . PRO B 1 75  ? 20.375  -13.287 3.288   1.00 17.37 ? 75  PRO B CD  1 
ATOM   1342 N N   . VAL B 1 76  ? 18.320  -15.797 -0.039  1.00 12.99 ? 76  VAL B N   1 
ATOM   1343 C CA  . VAL B 1 76  ? 16.988  -16.107 -0.522  1.00 14.64 ? 76  VAL B CA  1 
ATOM   1344 C C   . VAL B 1 76  ? 16.985  -17.576 -0.862  1.00 15.85 ? 76  VAL B C   1 
ATOM   1345 O O   . VAL B 1 76  ? 17.849  -18.042 -1.595  1.00 16.54 ? 76  VAL B O   1 
ATOM   1346 C CB  . VAL B 1 76  ? 16.652  -15.333 -1.842  1.00 15.45 ? 76  VAL B CB  1 
ATOM   1347 C CG1 . VAL B 1 76  ? 15.250  -15.672 -2.308  1.00 16.38 ? 76  VAL B CG1 1 
ATOM   1348 C CG2 . VAL B 1 76  ? 16.774  -13.828 -1.641  1.00 13.10 ? 76  VAL B CG2 1 
ATOM   1349 N N   . GLU B 1 77  ? 16.029  -18.314 -0.331  1.00 16.45 ? 77  GLU B N   1 
ATOM   1350 C CA  . GLU B 1 77  ? 15.953  -19.717 -0.667  1.00 19.32 ? 77  GLU B CA  1 
ATOM   1351 C C   . GLU B 1 77  ? 14.546  -20.292 -0.654  1.00 16.61 ? 77  GLU B C   1 
ATOM   1352 O O   . GLU B 1 77  ? 13.622  -19.709 -0.076  1.00 16.00 ? 77  GLU B O   1 
ATOM   1353 C CB  . GLU B 1 77  ? 16.931  -20.555 0.170   1.00 25.69 ? 77  GLU B CB  1 
ATOM   1354 C CG  . GLU B 1 77  ? 16.739  -20.548 1.662   1.00 29.73 ? 77  GLU B CG  1 
ATOM   1355 C CD  . GLU B 1 77  ? 17.747  -21.459 2.346   1.00 35.50 ? 77  GLU B CD  1 
ATOM   1356 O OE1 . GLU B 1 77  ? 18.958  -21.280 2.092   1.00 38.48 ? 77  GLU B OE1 1 
ATOM   1357 O OE2 . GLU B 1 77  ? 17.338  -22.357 3.114   1.00 36.48 ? 77  GLU B OE2 1 
ATOM   1358 N N   . VAL B 1 78  ? 14.388  -21.404 -1.360  1.00 14.55 ? 78  VAL B N   1 
ATOM   1359 C CA  . VAL B 1 78  ? 13.114  -22.084 -1.466  1.00 15.71 ? 78  VAL B CA  1 
ATOM   1360 C C   . VAL B 1 78  ? 12.945  -23.081 -0.325  1.00 14.22 ? 78  VAL B C   1 
ATOM   1361 O O   . VAL B 1 78  ? 13.882  -23.763 0.061   1.00 17.68 ? 78  VAL B O   1 
ATOM   1362 C CB  . VAL B 1 78  ? 12.988  -22.788 -2.840  1.00 15.62 ? 78  VAL B CB  1 
ATOM   1363 C CG1 . VAL B 1 78  ? 11.635  -23.482 -2.970  1.00 15.56 ? 78  VAL B CG1 1 
ATOM   1364 C CG2 . VAL B 1 78  ? 13.169  -21.761 -3.959  1.00 15.74 ? 78  VAL B CG2 1 
ATOM   1365 N N   . ILE B 1 79  ? 11.755  -23.108 0.255   1.00 14.90 ? 79  ILE B N   1 
ATOM   1366 C CA  . ILE B 1 79  ? 11.450  -24.004 1.355   1.00 13.08 ? 79  ILE B CA  1 
ATOM   1367 C C   . ILE B 1 79  ? 11.334  -25.387 0.740   1.00 14.87 ? 79  ILE B C   1 
ATOM   1368 O O   . ILE B 1 79  ? 10.825  -25.546 -0.374  1.00 14.25 ? 79  ILE B O   1 
ATOM   1369 C CB  . ILE B 1 79  ? 10.112  -23.613 2.063   1.00 11.31 ? 79  ILE B CB  1 
ATOM   1370 C CG1 . ILE B 1 79  ? 10.234  -22.232 2.698   1.00 9.83  ? 79  ILE B CG1 1 
ATOM   1371 C CG2 . ILE B 1 79  ? 9.758   -24.620 3.160   1.00 13.01 ? 79  ILE B CG2 1 
ATOM   1372 C CD1 . ILE B 1 79  ? 9.009   -21.795 3.446   1.00 15.31 ? 79  ILE B CD1 1 
ATOM   1373 N N   . ASP B 1 80  ? 11.897  -26.374 1.427   1.00 14.41 ? 80  ASP B N   1 
ATOM   1374 C CA  . ASP B 1 80  ? 11.834  -27.743 0.965   1.00 15.45 ? 80  ASP B CA  1 
ATOM   1375 C C   . ASP B 1 80  ? 10.351  -28.126 0.810   1.00 16.34 ? 80  ASP B C   1 
ATOM   1376 O O   . ASP B 1 80  ? 9.578   -27.990 1.767   1.00 14.37 ? 80  ASP B O   1 
ATOM   1377 C CB  . ASP B 1 80  ? 12.480  -28.635 2.024   1.00 14.84 ? 80  ASP B CB  1 
ATOM   1378 C CG  . ASP B 1 80  ? 12.474  -30.083 1.639   1.00 18.11 ? 80  ASP B CG  1 
ATOM   1379 O OD1 . ASP B 1 80  ? 11.486  -30.783 1.946   1.00 17.43 ? 80  ASP B OD1 1 
ATOM   1380 O OD2 . ASP B 1 80  ? 13.472  -30.519 1.029   1.00 26.17 ? 80  ASP B OD2 1 
ATOM   1381 N N   . SER B 1 81  ? 9.954   -28.656 -0.347  1.00 16.23 ? 81  SER B N   1 
ATOM   1382 C CA  . SER B 1 81  ? 8.551   -29.038 -0.531  1.00 18.49 ? 81  SER B CA  1 
ATOM   1383 C C   . SER B 1 81  ? 7.972   -30.054 0.479   1.00 18.98 ? 81  SER B C   1 
ATOM   1384 O O   . SER B 1 81  ? 6.812   -29.915 0.873   1.00 18.78 ? 81  SER B O   1 
ATOM   1385 C CB  . SER B 1 81  ? 8.239   -29.424 -1.993  1.00 21.38 ? 81  SER B CB  1 
ATOM   1386 O OG  . SER B 1 81  ? 9.203   -30.287 -2.555  1.00 30.16 ? 81  SER B OG  1 
ATOM   1387 N N   . LEU B 1 82  ? 8.763   -31.036 0.932   1.00 18.14 ? 82  LEU B N   1 
ATOM   1388 C CA  . LEU B 1 82  ? 8.276   -32.021 1.927   1.00 18.62 ? 82  LEU B CA  1 
ATOM   1389 C C   . LEU B 1 82  ? 8.121   -31.415 3.323   1.00 16.00 ? 82  LEU B C   1 
ATOM   1390 O O   . LEU B 1 82  ? 7.166   -31.725 4.028   1.00 19.94 ? 82  LEU B O   1 
ATOM   1391 C CB  . LEU B 1 82  ? 9.199   -33.244 2.013   1.00 22.33 ? 82  LEU B CB  1 
ATOM   1392 C CG  . LEU B 1 82  ? 8.703   -34.520 1.342   1.00 28.52 ? 82  LEU B CG  1 
ATOM   1393 C CD1 . LEU B 1 82  ? 7.441   -34.960 2.045   1.00 33.33 ? 82  LEU B CD1 1 
ATOM   1394 C CD2 . LEU B 1 82  ? 8.446   -34.278 -0.149  1.00 29.87 ? 82  LEU B CD2 1 
ATOM   1395 N N   . LEU B 1 83  ? 9.066   -30.572 3.733   1.00 13.00 ? 83  LEU B N   1 
ATOM   1396 C CA  . LEU B 1 83  ? 8.977   -29.926 5.038   1.00 15.76 ? 83  LEU B CA  1 
ATOM   1397 C C   . LEU B 1 83  ? 7.755   -28.991 5.077   1.00 18.87 ? 83  LEU B C   1 
ATOM   1398 O O   . LEU B 1 83  ? 7.072   -28.890 6.105   1.00 20.72 ? 83  LEU B O   1 
ATOM   1399 C CB  . LEU B 1 83  ? 10.252  -29.127 5.357   1.00 15.60 ? 83  LEU B CB  1 
ATOM   1400 C CG  . LEU B 1 83  ? 11.565  -29.903 5.586   1.00 17.44 ? 83  LEU B CG  1 
ATOM   1401 C CD1 . LEU B 1 83  ? 12.636  -28.957 6.129   1.00 14.57 ? 83  LEU B CD1 1 
ATOM   1402 C CD2 . LEU B 1 83  ? 11.336  -31.052 6.565   1.00 19.00 ? 83  LEU B CD2 1 
ATOM   1403 N N   . TYR B 1 84  ? 7.496   -28.309 3.957   1.00 19.03 ? 84  TYR B N   1 
ATOM   1404 C CA  . TYR B 1 84  ? 6.360   -27.402 3.821   1.00 16.59 ? 84  TYR B CA  1 
ATOM   1405 C C   . TYR B 1 84  ? 5.047   -28.196 3.839   1.00 17.84 ? 84  TYR B C   1 
ATOM   1406 O O   . TYR B 1 84  ? 4.098   -27.831 4.536   1.00 18.36 ? 84  TYR B O   1 
ATOM   1407 C CB  . TYR B 1 84  ? 6.492   -26.628 2.500   1.00 20.16 ? 84  TYR B CB  1 
ATOM   1408 C CG  . TYR B 1 84  ? 5.417   -25.593 2.256   1.00 18.42 ? 84  TYR B CG  1 
ATOM   1409 C CD1 . TYR B 1 84  ? 4.162   -25.962 1.759   1.00 21.39 ? 84  TYR B CD1 1 
ATOM   1410 C CD2 . TYR B 1 84  ? 5.651   -24.247 2.525   1.00 20.23 ? 84  TYR B CD2 1 
ATOM   1411 C CE1 . TYR B 1 84  ? 3.158   -25.012 1.540   1.00 21.32 ? 84  TYR B CE1 1 
ATOM   1412 C CE2 . TYR B 1 84  ? 4.659   -23.285 2.310   1.00 22.11 ? 84  TYR B CE2 1 
ATOM   1413 C CZ  . TYR B 1 84  ? 3.413   -23.668 1.816   1.00 25.47 ? 84  TYR B CZ  1 
ATOM   1414 O OH  . TYR B 1 84  ? 2.427   -22.713 1.609   1.00 20.66 ? 84  TYR B OH  1 
ATOM   1415 N N   . GLY B 1 85  ? 4.998   -29.279 3.062   1.00 18.75 ? 85  GLY B N   1 
ATOM   1416 C CA  . GLY B 1 85  ? 3.805   -30.108 3.004   1.00 19.71 ? 85  GLY B CA  1 
ATOM   1417 C C   . GLY B 1 85  ? 3.451   -30.707 4.352   1.00 22.14 ? 85  GLY B C   1 
ATOM   1418 O O   . GLY B 1 85  ? 2.278   -30.839 4.697   1.00 22.85 ? 85  GLY B O   1 
ATOM   1419 N N   . LYS B 1 86  ? 4.473   -31.063 5.121   1.00 22.84 ? 86  LYS B N   1 
ATOM   1420 C CA  . LYS B 1 86  ? 4.271   -31.663 6.435   1.00 23.90 ? 86  LYS B CA  1 
ATOM   1421 C C   . LYS B 1 86  ? 4.148   -30.624 7.538   1.00 22.66 ? 86  LYS B C   1 
ATOM   1422 O O   . LYS B 1 86  ? 3.949   -30.970 8.702   1.00 20.84 ? 86  LYS B O   1 
ATOM   1423 C CB  . LYS B 1 86  ? 5.396   -32.646 6.750   1.00 22.29 ? 86  LYS B CB  1 
ATOM   1424 C CG  . LYS B 1 86  ? 5.303   -33.906 5.939   1.00 27.46 ? 86  LYS B CG  1 
ATOM   1425 C CD  . LYS B 1 86  ? 6.118   -34.996 6.553   1.00 33.42 ? 86  LYS B CD  1 
ATOM   1426 C CE  . LYS B 1 86  ? 7.587   -34.709 6.475   1.00 34.47 ? 86  LYS B CE  1 
ATOM   1427 N NZ  . LYS B 1 86  ? 8.347   -35.760 7.216   1.00 38.15 ? 86  LYS B NZ  1 
ATOM   1428 N N   . VAL B 1 87  ? 4.196   -29.353 7.147   1.00 20.23 ? 87  VAL B N   1 
ATOM   1429 C CA  . VAL B 1 87  ? 4.105   -28.229 8.071   1.00 21.18 ? 87  VAL B CA  1 
ATOM   1430 C C   . VAL B 1 87  ? 5.127   -28.407 9.204   1.00 23.75 ? 87  VAL B C   1 
ATOM   1431 O O   . VAL B 1 87  ? 4.801   -28.284 10.390  1.00 23.80 ? 87  VAL B O   1 
ATOM   1432 C CB  . VAL B 1 87  ? 2.652   -28.034 8.647   1.00 20.32 ? 87  VAL B CB  1 
ATOM   1433 C CG1 . VAL B 1 87  ? 2.441   -26.578 9.057   1.00 19.71 ? 87  VAL B CG1 1 
ATOM   1434 C CG2 . VAL B 1 87  ? 1.582   -28.440 7.620   1.00 15.77 ? 87  VAL B CG2 1 
ATOM   1435 N N   . ASP B 1 88  ? 6.368   -28.693 8.821   1.00 21.66 ? 88  ASP B N   1 
ATOM   1436 C CA  . ASP B 1 88  ? 7.441   -28.891 9.792   1.00 19.12 ? 88  ASP B CA  1 
ATOM   1437 C C   . ASP B 1 88  ? 8.027   -27.548 10.232  1.00 15.78 ? 88  ASP B C   1 
ATOM   1438 O O   . ASP B 1 88  ? 9.045   -27.084 9.688   1.00 18.13 ? 88  ASP B O   1 
ATOM   1439 C CB  . ASP B 1 88  ? 8.527   -29.803 9.200   1.00 20.84 ? 88  ASP B CB  1 
ATOM   1440 C CG  . ASP B 1 88  ? 9.539   -30.295 10.245  1.00 22.34 ? 88  ASP B CG  1 
ATOM   1441 O OD1 . ASP B 1 88  ? 9.543   -29.810 11.405  1.00 18.38 ? 88  ASP B OD1 1 
ATOM   1442 O OD2 . ASP B 1 88  ? 10.343  -31.184 9.894   1.00 25.33 ? 88  ASP B OD2 1 
ATOM   1443 N N   . GLY B 1 89  ? 7.384   -26.953 11.233  1.00 14.13 ? 89  GLY B N   1 
ATOM   1444 C CA  . GLY B 1 89  ? 7.806   -25.672 11.778  1.00 14.91 ? 89  GLY B CA  1 
ATOM   1445 C C   . GLY B 1 89  ? 9.240   -25.636 12.277  1.00 16.63 ? 89  GLY B C   1 
ATOM   1446 O O   . GLY B 1 89  ? 9.950   -24.652 12.032  1.00 14.57 ? 89  GLY B O   1 
ATOM   1447 N N   . LEU B 1 90  ? 9.680   -26.683 12.983  1.00 15.39 ? 90  LEU B N   1 
ATOM   1448 C CA  . LEU B 1 90  ? 11.054  -26.710 13.496  1.00 16.94 ? 90  LEU B CA  1 
ATOM   1449 C C   . LEU B 1 90  ? 12.047  -26.897 12.353  1.00 14.37 ? 90  LEU B C   1 
ATOM   1450 O O   . LEU B 1 90  ? 13.073  -26.221 12.294  1.00 14.70 ? 90  LEU B O   1 
ATOM   1451 C CB  . LEU B 1 90  ? 11.224  -27.818 14.546  1.00 19.85 ? 90  LEU B CB  1 
ATOM   1452 C CG  . LEU B 1 90  ? 12.577  -27.990 15.253  1.00 19.20 ? 90  LEU B CG  1 
ATOM   1453 C CD1 . LEU B 1 90  ? 13.047  -26.710 15.907  1.00 16.65 ? 90  LEU B CD1 1 
ATOM   1454 C CD2 . LEU B 1 90  ? 12.430  -29.090 16.287  1.00 20.24 ? 90  LEU B CD2 1 
ATOM   1455 N N   . GLY B 1 91  ? 11.686  -27.751 11.403  1.00 14.00 ? 91  GLY B N   1 
ATOM   1456 C CA  . GLY B 1 91  ? 12.551  -28.018 10.270  1.00 13.08 ? 91  GLY B CA  1 
ATOM   1457 C C   . GLY B 1 91  ? 12.814  -26.762 9.462   1.00 18.12 ? 91  GLY B C   1 
ATOM   1458 O O   . GLY B 1 91  ? 13.967  -26.442 9.125   1.00 14.81 ? 91  GLY B O   1 
ATOM   1459 N N   . VAL B 1 92  ? 11.746  -26.030 9.156   1.00 16.41 ? 92  VAL B N   1 
ATOM   1460 C CA  . VAL B 1 92  ? 11.883  -24.804 8.387   1.00 14.39 ? 92  VAL B CA  1 
ATOM   1461 C C   . VAL B 1 92  ? 12.611  -23.717 9.191   1.00 13.50 ? 92  VAL B C   1 
ATOM   1462 O O   . VAL B 1 92  ? 13.481  -23.012 8.651   1.00 12.25 ? 92  VAL B O   1 
ATOM   1463 C CB  . VAL B 1 92  ? 10.508  -24.352 7.833   1.00 13.57 ? 92  VAL B CB  1 
ATOM   1464 C CG1 . VAL B 1 92  ? 10.657  -23.061 6.980   1.00 14.03 ? 92  VAL B CG1 1 
ATOM   1465 C CG2 . VAL B 1 92  ? 9.927   -25.482 6.978   1.00 10.93 ? 92  VAL B CG2 1 
ATOM   1466 N N   . LEU B 1 93  ? 12.320  -23.635 10.490  1.00 11.20 ? 93  LEU B N   1 
ATOM   1467 C CA  . LEU B 1 93  ? 12.976  -22.657 11.356  1.00 12.63 ? 93  LEU B CA  1 
ATOM   1468 C C   . LEU B 1 93  ? 14.495  -22.898 11.369  1.00 15.57 ? 93  LEU B C   1 
ATOM   1469 O O   . LEU B 1 93  ? 15.281  -21.949 11.306  1.00 18.00 ? 93  LEU B O   1 
ATOM   1470 C CB  . LEU B 1 93  ? 12.406  -22.727 12.774  1.00 12.08 ? 93  LEU B CB  1 
ATOM   1471 C CG  . LEU B 1 93  ? 12.998  -21.748 13.781  1.00 13.98 ? 93  LEU B CG  1 
ATOM   1472 C CD1 . LEU B 1 93  ? 12.917  -20.318 13.299  1.00 14.12 ? 93  LEU B CD1 1 
ATOM   1473 C CD2 . LEU B 1 93  ? 12.274  -21.901 15.091  1.00 16.34 ? 93  LEU B CD2 1 
ATOM   1474 N N   . LYS B 1 94  ? 14.907  -24.166 11.434  1.00 18.40 ? 94  LYS B N   1 
ATOM   1475 C CA  . LYS B 1 94  ? 16.333  -24.519 11.427  1.00 18.77 ? 94  LYS B CA  1 
ATOM   1476 C C   . LYS B 1 94  ? 17.029  -24.107 10.125  1.00 17.22 ? 94  LYS B C   1 
ATOM   1477 O O   . LYS B 1 94  ? 18.105  -23.518 10.174  1.00 18.26 ? 94  LYS B O   1 
ATOM   1478 C CB  . LYS B 1 94  ? 16.536  -26.019 11.691  1.00 18.63 ? 94  LYS B CB  1 
ATOM   1479 C CG  . LYS B 1 94  ? 16.326  -26.407 13.139  1.00 24.90 ? 94  LYS B CG  1 
ATOM   1480 C CD  . LYS B 1 94  ? 16.456  -27.905 13.347  1.00 30.67 ? 94  LYS B CD  1 
ATOM   1481 C CE  . LYS B 1 94  ? 16.473  -28.253 14.830  1.00 33.09 ? 94  LYS B CE  1 
ATOM   1482 N NZ  . LYS B 1 94  ? 16.497  -29.726 15.079  1.00 35.95 ? 94  LYS B NZ  1 
ATOM   1483 N N   . ALA B 1 95  ? 16.409  -24.385 8.972   1.00 18.12 ? 95  ALA B N   1 
ATOM   1484 C CA  . ALA B 1 95  ? 16.979  -24.018 7.671   1.00 15.49 ? 95  ALA B CA  1 
ATOM   1485 C C   . ALA B 1 95  ? 17.126  -22.499 7.575   1.00 16.97 ? 95  ALA B C   1 
ATOM   1486 O O   . ALA B 1 95  ? 18.097  -21.978 7.021   1.00 17.71 ? 95  ALA B O   1 
ATOM   1487 C CB  . ALA B 1 95  ? 16.098  -24.530 6.544   1.00 17.15 ? 95  ALA B CB  1 
ATOM   1488 N N   . ALA B 1 96  ? 16.141  -21.785 8.104   1.00 17.70 ? 96  ALA B N   1 
ATOM   1489 C CA  . ALA B 1 96  ? 16.174  -20.336 8.090   1.00 17.23 ? 96  ALA B CA  1 
ATOM   1490 C C   . ALA B 1 96  ? 17.352  -19.797 8.914   1.00 19.51 ? 96  ALA B C   1 
ATOM   1491 O O   . ALA B 1 96  ? 18.089  -18.909 8.461   1.00 16.81 ? 96  ALA B O   1 
ATOM   1492 C CB  . ALA B 1 96  ? 14.864  -19.792 8.623   1.00 17.45 ? 96  ALA B CB  1 
ATOM   1493 N N   . VAL B 1 97  ? 17.526  -20.325 10.124  1.00 20.24 ? 97  VAL B N   1 
ATOM   1494 C CA  . VAL B 1 97  ? 18.605  -19.873 10.987  1.00 21.95 ? 97  VAL B CA  1 
ATOM   1495 C C   . VAL B 1 97  ? 19.970  -20.194 10.350  1.00 21.98 ? 97  VAL B C   1 
ATOM   1496 O O   . VAL B 1 97  ? 20.904  -19.374 10.394  1.00 20.82 ? 97  VAL B O   1 
ATOM   1497 C CB  . VAL B 1 97  ? 18.464  -20.459 12.416  1.00 21.70 ? 97  VAL B CB  1 
ATOM   1498 C CG1 . VAL B 1 97  ? 19.635  -20.006 13.278  1.00 25.50 ? 97  VAL B CG1 1 
ATOM   1499 C CG2 . VAL B 1 97  ? 17.155  -19.989 13.037  1.00 20.98 ? 97  VAL B CG2 1 
ATOM   1500 N N   . ALA B 1 98  ? 20.054  -21.353 9.701   1.00 20.83 ? 98  ALA B N   1 
ATOM   1501 C CA  . ALA B 1 98  ? 21.273  -21.773 9.018   1.00 21.87 ? 98  ALA B CA  1 
ATOM   1502 C C   . ALA B 1 98  ? 21.625  -20.764 7.926   1.00 23.93 ? 98  ALA B C   1 
ATOM   1503 O O   . ALA B 1 98  ? 22.777  -20.315 7.836   1.00 23.26 ? 98  ALA B O   1 
ATOM   1504 C CB  . ALA B 1 98  ? 21.092  -23.164 8.407   1.00 20.46 ? 98  ALA B CB  1 
ATOM   1505 N N   . ALA B 1 99  ? 20.630  -20.389 7.113   1.00 21.52 ? 99  ALA B N   1 
ATOM   1506 C CA  . ALA B 1 99  ? 20.849  -19.429 6.025   1.00 21.23 ? 99  ALA B CA  1 
ATOM   1507 C C   . ALA B 1 99  ? 21.392  -18.088 6.537   1.00 18.48 ? 99  ALA B C   1 
ATOM   1508 O O   . ALA B 1 99  ? 22.294  -17.493 5.934   1.00 15.73 ? 99  ALA B O   1 
ATOM   1509 C CB  . ALA B 1 99  ? 19.562  -19.223 5.229   1.00 18.68 ? 99  ALA B CB  1 
ATOM   1510 N N   . ILE B 1 100 ? 20.875  -17.632 7.670   1.00 17.34 ? 100 ILE B N   1 
ATOM   1511 C CA  . ILE B 1 100 ? 21.323  -16.370 8.229   1.00 22.43 ? 100 ILE B CA  1 
ATOM   1512 C C   . ILE B 1 100 ? 22.797  -16.448 8.590   1.00 27.31 ? 100 ILE B C   1 
ATOM   1513 O O   . ILE B 1 100 ? 23.554  -15.513 8.312   1.00 28.36 ? 100 ILE B O   1 
ATOM   1514 C CB  . ILE B 1 100 ? 20.490  -15.941 9.473   1.00 20.25 ? 100 ILE B CB  1 
ATOM   1515 C CG1 . ILE B 1 100 ? 19.013  -15.750 9.079   1.00 21.12 ? 100 ILE B CG1 1 
ATOM   1516 C CG2 . ILE B 1 100 ? 21.017  -14.616 10.024  1.00 19.68 ? 100 ILE B CG2 1 
ATOM   1517 C CD1 . ILE B 1 100 ? 18.101  -15.304 10.203  1.00 18.26 ? 100 ILE B CD1 1 
ATOM   1518 N N   . LYS B 1 101 ? 23.212  -17.572 9.178   1.00 31.19 ? 101 LYS B N   1 
ATOM   1519 C CA  . LYS B 1 101 ? 24.610  -17.760 9.572   1.00 34.48 ? 101 LYS B CA  1 
ATOM   1520 C C   . LYS B 1 101 ? 25.563  -17.922 8.389   1.00 33.63 ? 101 LYS B C   1 
ATOM   1521 O O   . LYS B 1 101 ? 26.642  -17.327 8.373   1.00 37.25 ? 101 LYS B O   1 
ATOM   1522 C CB  . LYS B 1 101 ? 24.751  -18.894 10.595  1.00 36.33 ? 101 LYS B CB  1 
ATOM   1523 C CG  . LYS B 1 101 ? 24.739  -18.365 12.026  1.00 44.99 ? 101 LYS B CG  1 
ATOM   1524 C CD  . LYS B 1 101 ? 24.374  -19.423 13.056  1.00 51.90 ? 101 LYS B CD  1 
ATOM   1525 C CE  . LYS B 1 101 ? 24.176  -18.794 14.446  1.00 56.64 ? 101 LYS B CE  1 
ATOM   1526 N NZ  . LYS B 1 101 ? 23.419  -19.679 15.401  1.00 58.33 ? 101 LYS B NZ  1 
ATOM   1527 N N   . LYS B 1 102 ? 25.154  -18.687 7.385   1.00 31.36 ? 102 LYS B N   1 
ATOM   1528 C CA  . LYS B 1 102 ? 25.972  -18.864 6.198   1.00 30.01 ? 102 LYS B CA  1 
ATOM   1529 C C   . LYS B 1 102 ? 26.171  -17.504 5.527   1.00 32.51 ? 102 LYS B C   1 
ATOM   1530 O O   . LYS B 1 102 ? 27.263  -17.171 5.076   1.00 32.21 ? 102 LYS B O   1 
ATOM   1531 C CB  . LYS B 1 102 ? 25.286  -19.828 5.241   1.00 30.58 ? 102 LYS B CB  1 
ATOM   1532 C CG  . LYS B 1 102 ? 25.876  -19.839 3.859   1.00 33.69 ? 102 LYS B CG  1 
ATOM   1533 C CD  . LYS B 1 102 ? 25.493  -21.108 3.126   1.00 39.18 ? 102 LYS B CD  1 
ATOM   1534 C CE  . LYS B 1 102 ? 26.077  -21.117 1.722   1.00 45.08 ? 102 LYS B CE  1 
ATOM   1535 N NZ  . LYS B 1 102 ? 25.932  -22.458 1.082   1.00 50.02 ? 102 LYS B NZ  1 
ATOM   1536 N N   . ALA B 1 103 ? 25.109  -16.703 5.521   1.00 33.58 ? 103 ALA B N   1 
ATOM   1537 C CA  . ALA B 1 103 ? 25.125  -15.373 4.921   1.00 33.03 ? 103 ALA B CA  1 
ATOM   1538 C C   . ALA B 1 103 ? 26.084  -14.429 5.628   1.00 33.14 ? 103 ALA B C   1 
ATOM   1539 O O   . ALA B 1 103 ? 26.605  -13.502 5.008   1.00 34.25 ? 103 ALA B O   1 
ATOM   1540 C CB  . ALA B 1 103 ? 23.728  -14.782 4.927   1.00 34.12 ? 103 ALA B CB  1 
ATOM   1541 N N   . ALA B 1 104 ? 26.296  -14.638 6.927   1.00 33.59 ? 104 ALA B N   1 
ATOM   1542 C CA  . ALA B 1 104 ? 27.205  -13.785 7.700   1.00 35.39 ? 104 ALA B CA  1 
ATOM   1543 C C   . ALA B 1 104 ? 28.619  -13.760 7.088   1.00 36.76 ? 104 ALA B C   1 
ATOM   1544 O O   . ALA B 1 104 ? 29.468  -12.981 7.522   1.00 33.21 ? 104 ALA B O   1 
ATOM   1545 C CB  . ALA B 1 104 ? 27.250  -14.238 9.168   1.00 34.55 ? 104 ALA B CB  1 
ATOM   1546 N N   . ALA B 1 105 ? 28.815  -14.599 6.066   1.00 40.26 ? 105 ALA B N   1 
ATOM   1547 C CA  . ALA B 1 105 ? 30.044  -14.772 5.287   1.00 44.26 ? 105 ALA B CA  1 
ATOM   1548 C C   . ALA B 1 105 ? 30.842  -15.940 5.835   1.00 46.87 ? 105 ALA B C   1 
ATOM   1549 O O   . ALA B 1 105 ? 30.200  -16.924 6.252   1.00 50.45 ? 105 ALA B O   1 
ATOM   1550 C CB  . ALA B 1 105 ? 30.886  -13.491 5.232   1.00 45.57 ? 105 ALA B CB  1 
HETATM 1551 O O   . HOH C 2 .   ? -8.772  14.198  -15.646 1.00 17.59 ? 107 HOH A O   1 
HETATM 1552 O O   . HOH C 2 .   ? -18.996 27.620  3.983   1.00 23.69 ? 108 HOH A O   1 
HETATM 1553 O O   . HOH C 2 .   ? -6.234  22.984  -0.464  1.00 23.69 ? 109 HOH A O   1 
HETATM 1554 O O   . HOH C 2 .   ? -7.729  34.669  -9.780  1.00 23.82 ? 110 HOH A O   1 
HETATM 1555 O O   . HOH C 2 .   ? -20.804 23.668  9.343   1.00 24.22 ? 111 HOH A O   1 
HETATM 1556 O O   . HOH C 2 .   ? -15.349 10.887  5.594   1.00 24.96 ? 112 HOH A O   1 
HETATM 1557 O O   . HOH C 2 .   ? -10.994 13.240  -17.029 1.00 25.34 ? 113 HOH A O   1 
HETATM 1558 O O   . HOH C 2 .   ? -20.095 14.188  10.602  1.00 25.43 ? 114 HOH A O   1 
HETATM 1559 O O   . HOH C 2 .   ? -23.870 18.896  9.877   1.00 25.77 ? 115 HOH A O   1 
HETATM 1560 O O   . HOH C 2 .   ? -18.016 30.095  -10.836 1.00 26.29 ? 116 HOH A O   1 
HETATM 1561 O O   . HOH C 2 .   ? -15.080 18.180  -14.721 1.00 26.58 ? 117 HOH A O   1 
HETATM 1562 O O   . HOH C 2 .   ? -4.276  17.913  2.022   1.00 28.49 ? 118 HOH A O   1 
HETATM 1563 O O   . HOH C 2 .   ? -3.695  22.857  0.960   1.00 28.98 ? 119 HOH A O   1 
HETATM 1564 O O   . HOH C 2 .   ? -2.722  29.236  1.087   1.00 29.11 ? 120 HOH A O   1 
HETATM 1565 O O   . HOH C 2 .   ? -18.557 22.227  -9.384  1.00 29.70 ? 121 HOH A O   1 
HETATM 1566 O O   . HOH C 2 .   ? -27.041 24.253  1.025   1.00 31.59 ? 122 HOH A O   1 
HETATM 1567 O O   . HOH C 2 .   ? -11.384 21.552  -19.701 1.00 33.01 ? 123 HOH A O   1 
HETATM 1568 O O   . HOH C 2 .   ? -6.004  13.504  -16.222 1.00 33.20 ? 124 HOH A O   1 
HETATM 1569 O O   . HOH C 2 .   ? -12.110 3.088   1.405   1.00 33.23 ? 125 HOH A O   1 
HETATM 1570 O O   . HOH C 2 .   ? -8.457  6.406   -0.522  1.00 33.42 ? 126 HOH A O   1 
HETATM 1571 O O   . HOH C 2 .   ? -11.909 21.582  -16.921 1.00 33.94 ? 127 HOH A O   1 
HETATM 1572 O O   . HOH C 2 .   ? -24.483 23.386  -8.365  1.00 34.23 ? 128 HOH A O   1 
HETATM 1573 O O   . HOH C 2 .   ? -11.148 16.925  6.405   1.00 34.27 ? 129 HOH A O   1 
HETATM 1574 O O   . HOH C 2 .   ? -2.942  10.468  -15.433 1.00 34.30 ? 130 HOH A O   1 
HETATM 1575 O O   . HOH C 2 .   ? -10.992 20.607  5.294   1.00 34.49 ? 131 HOH A O   1 
HETATM 1576 O O   . HOH C 2 .   ? -8.807  28.767  3.544   1.00 35.05 ? 132 HOH A O   1 
HETATM 1577 O O   . HOH C 2 .   ? -18.532 9.784   8.975   1.00 35.58 ? 133 HOH A O   1 
HETATM 1578 O O   . HOH C 2 .   ? -27.549 20.037  -9.475  1.00 35.98 ? 134 HOH A O   1 
HETATM 1579 O O   . HOH C 2 .   ? -28.186 16.406  -9.432  1.00 36.15 ? 135 HOH A O   1 
HETATM 1580 O O   . HOH C 2 .   ? -18.087 15.606  11.446  1.00 36.48 ? 136 HOH A O   1 
HETATM 1581 O O   . HOH C 2 .   ? 0.172   13.569  3.757   1.00 36.56 ? 137 HOH A O   1 
HETATM 1582 O O   . HOH C 2 .   ? 4.793   23.900  -12.540 1.00 37.07 ? 138 HOH A O   1 
HETATM 1583 O O   . HOH C 2 .   ? -7.522  20.615  0.548   1.00 37.79 ? 139 HOH A O   1 
HETATM 1584 O O   . HOH C 2 .   ? -1.886  26.388  -11.652 1.00 37.85 ? 140 HOH A O   1 
HETATM 1585 O O   . HOH C 2 .   ? -21.057 29.330  -5.104  1.00 38.47 ? 141 HOH A O   1 
HETATM 1586 O O   . HOH C 2 .   ? -1.770  3.575   -14.489 1.00 38.59 ? 142 HOH A O   1 
HETATM 1587 O O   . HOH C 2 .   ? -23.604 20.873  7.618   1.00 38.62 ? 143 HOH A O   1 
HETATM 1588 O O   . HOH C 2 .   ? -26.756 25.281  -5.875  1.00 39.05 ? 144 HOH A O   1 
HETATM 1589 O O   . HOH C 2 .   ? -7.633  26.319  -18.836 1.00 39.27 ? 145 HOH A O   1 
HETATM 1590 O O   . HOH C 2 .   ? -1.816  12.606  -15.971 1.00 39.70 ? 146 HOH A O   1 
HETATM 1591 O O   . HOH C 2 .   ? -6.414  32.385  -13.715 1.00 39.98 ? 147 HOH A O   1 
HETATM 1592 O O   . HOH C 2 .   ? -21.619 24.243  -9.940  1.00 40.78 ? 148 HOH A O   1 
HETATM 1593 O O   . HOH C 2 .   ? -22.460 7.814   8.697   1.00 41.03 ? 149 HOH A O   1 
HETATM 1594 O O   . HOH C 2 .   ? -15.747 24.040  7.492   1.00 41.24 ? 150 HOH A O   1 
HETATM 1595 O O   . HOH C 2 .   ? -6.457  20.938  -19.249 1.00 41.46 ? 151 HOH A O   1 
HETATM 1596 O O   . HOH C 2 .   ? -12.608 4.024   -5.233  1.00 42.15 ? 152 HOH A O   1 
HETATM 1597 O O   . HOH C 2 .   ? -22.577 29.744  -9.044  1.00 42.99 ? 153 HOH A O   1 
HETATM 1598 O O   . HOH C 2 .   ? 0.856   6.713   2.562   1.00 43.80 ? 154 HOH A O   1 
HETATM 1599 O O   . HOH C 2 .   ? -11.302 31.578  -8.920  1.00 43.87 ? 155 HOH A O   1 
HETATM 1600 O O   . HOH C 2 .   ? -16.597 21.703  9.638   1.00 43.98 ? 156 HOH A O   1 
HETATM 1601 O O   . HOH C 2 .   ? -6.604  7.107   -18.493 1.00 44.80 ? 157 HOH A O   1 
HETATM 1602 O O   . HOH C 2 .   ? -16.242 19.871  11.770  1.00 45.46 ? 158 HOH A O   1 
HETATM 1603 O O   . HOH C 2 .   ? -10.910 26.743  2.925   1.00 45.50 ? 159 HOH A O   1 
HETATM 1604 O O   . HOH C 2 .   ? -14.194 27.946  3.877   1.00 45.67 ? 160 HOH A O   1 
HETATM 1605 O O   . HOH C 2 .   ? -12.702 9.242   6.365   1.00 47.03 ? 161 HOH A O   1 
HETATM 1606 O O   . HOH C 2 .   ? -18.515 19.092  -14.891 1.00 48.07 ? 162 HOH A O   1 
HETATM 1607 O O   . HOH C 2 .   ? -17.057 16.192  -14.629 1.00 50.40 ? 163 HOH A O   1 
HETATM 1608 O O   . HOH C 2 .   ? -25.986 13.448  -3.927  1.00 50.53 ? 164 HOH A O   1 
HETATM 1609 O O   . HOH C 2 .   ? -26.381 15.245  7.324   1.00 51.28 ? 165 HOH A O   1 
HETATM 1610 O O   . HOH C 2 .   ? -10.611 28.858  -9.467  1.00 51.50 ? 166 HOH A O   1 
HETATM 1611 O O   . HOH C 2 .   ? -1.623  25.131  -14.593 1.00 51.97 ? 167 HOH A O   1 
HETATM 1612 O O   . HOH C 2 .   ? -22.587 28.475  -2.040  1.00 52.29 ? 168 HOH A O   1 
HETATM 1613 O O   . HOH C 2 .   ? 4.240   26.494  -5.945  1.00 53.15 ? 169 HOH A O   1 
HETATM 1614 O O   . HOH C 2 .   ? -0.909  22.519  -1.288  1.00 53.56 ? 170 HOH A O   1 
HETATM 1615 O O   . HOH D 2 .   ? 6.855   -13.698 14.866  1.00 18.47 ? 107 HOH B O   1 
HETATM 1616 O O   . HOH D 2 .   ? 7.592   -6.283  -3.979  1.00 20.78 ? 108 HOH B O   1 
HETATM 1617 O O   . HOH D 2 .   ? 19.909  -13.130 -3.257  1.00 22.03 ? 109 HOH B O   1 
HETATM 1618 O O   . HOH D 2 .   ? 14.389  -15.292 -14.204 1.00 22.12 ? 110 HOH B O   1 
HETATM 1619 O O   . HOH D 2 .   ? 0.157   -17.075 11.436  1.00 22.21 ? 111 HOH B O   1 
HETATM 1620 O O   . HOH D 2 .   ? 17.227  -15.705 -14.629 1.00 23.13 ? 112 HOH B O   1 
HETATM 1621 O O   . HOH D 2 .   ? 13.726  -25.626 3.657   1.00 23.37 ? 113 HOH B O   1 
HETATM 1622 O O   . HOH D 2 .   ? 7.654   -23.136 -8.703  1.00 25.72 ? 114 HOH B O   1 
HETATM 1623 O O   . HOH D 2 .   ? 19.428  -23.012 4.928   1.00 26.44 ? 115 HOH B O   1 
HETATM 1624 O O   . HOH D 2 .   ? 17.110  -22.536 -2.722  1.00 27.07 ? 116 HOH B O   1 
HETATM 1625 O O   . HOH D 2 .   ? -0.892  -14.020 -3.650  1.00 27.28 ? 117 HOH B O   1 
HETATM 1626 O O   . HOH D 2 .   ? 21.018  -11.665 6.373   1.00 28.45 ? 118 HOH B O   1 
HETATM 1627 O O   . HOH D 2 .   ? -1.601  -11.353 -4.713  1.00 29.15 ? 119 HOH B O   1 
HETATM 1628 O O   . HOH D 2 .   ? 13.170  -20.504 -12.813 1.00 29.31 ? 120 HOH B O   1 
HETATM 1629 O O   . HOH D 2 .   ? -0.001  -12.841 12.805  1.00 29.76 ? 121 HOH B O   1 
HETATM 1630 O O   . HOH D 2 .   ? 1.516   -16.000 1.489   1.00 30.05 ? 122 HOH B O   1 
HETATM 1631 O O   . HOH D 2 .   ? 10.649  -26.913 -2.660  1.00 30.61 ? 123 HOH B O   1 
HETATM 1632 O O   . HOH D 2 .   ? 5.826   -27.932 14.038  1.00 30.76 ? 124 HOH B O   1 
HETATM 1633 O O   . HOH D 2 .   ? -0.877  -15.213 -7.087  1.00 31.02 ? 125 HOH B O   1 
HETATM 1634 O O   . HOH D 2 .   ? 2.380   -13.223 8.890   1.00 31.26 ? 126 HOH B O   1 
HETATM 1635 O O   . HOH D 2 .   ? 12.570  -16.344 -12.398 1.00 31.38 ? 127 HOH B O   1 
HETATM 1636 O O   . HOH D 2 .   ? -1.418  -8.919  -3.435  1.00 31.89 ? 128 HOH B O   1 
HETATM 1637 O O   . HOH D 2 .   ? 17.505  -4.541  -3.089  1.00 32.06 ? 129 HOH B O   1 
HETATM 1638 O O   . HOH D 2 .   ? 5.184   -25.995 16.297  1.00 32.22 ? 130 HOH B O   1 
HETATM 1639 O O   . HOH D 2 .   ? 4.338   -15.251 -11.847 1.00 32.24 ? 131 HOH B O   1 
HETATM 1640 O O   . HOH D 2 .   ? 8.342   -11.995 18.720  1.00 33.07 ? 132 HOH B O   1 
HETATM 1641 O O   . HOH D 2 .   ? -2.600  -22.079 1.073   1.00 33.38 ? 133 HOH B O   1 
HETATM 1642 O O   . HOH D 2 .   ? 13.899  -8.911  -10.451 1.00 34.76 ? 134 HOH B O   1 
HETATM 1643 O O   . HOH D 2 .   ? 2.216   -25.766 5.452   1.00 34.91 ? 135 HOH B O   1 
HETATM 1644 O O   . HOH D 2 .   ? 21.257  -11.142 9.539   1.00 34.93 ? 136 HOH B O   1 
HETATM 1645 O O   . HOH D 2 .   ? 18.959  -27.176 7.386   1.00 36.17 ? 137 HOH B O   1 
HETATM 1646 O O   . HOH D 2 .   ? 8.245   -14.189 17.191  1.00 36.23 ? 138 HOH B O   1 
HETATM 1647 O O   . HOH D 2 .   ? 8.470   -29.171 13.776  1.00 36.50 ? 139 HOH B O   1 
HETATM 1648 O O   . HOH D 2 .   ? 20.060  -16.754 15.300  1.00 36.67 ? 140 HOH B O   1 
HETATM 1649 O O   . HOH D 2 .   ? 9.018   -4.692  7.208   1.00 37.02 ? 141 HOH B O   1 
HETATM 1650 O O   . HOH D 2 .   ? -1.038  -23.469 15.113  1.00 37.03 ? 142 HOH B O   1 
HETATM 1651 O O   . HOH D 2 .   ? 1.306   -27.300 3.211   1.00 37.34 ? 143 HOH B O   1 
HETATM 1652 O O   . HOH D 2 .   ? 15.589  -24.194 2.706   1.00 37.77 ? 144 HOH B O   1 
HETATM 1653 O O   . HOH D 2 .   ? 19.086  -20.181 -2.721  1.00 37.78 ? 145 HOH B O   1 
HETATM 1654 O O   . HOH D 2 .   ? 16.061  -28.051 7.848   1.00 38.23 ? 146 HOH B O   1 
HETATM 1655 O O   . HOH D 2 .   ? 10.888  -15.674 20.430  1.00 38.23 ? 147 HOH B O   1 
HETATM 1656 O O   . HOH D 2 .   ? 17.913  -18.477 26.371  1.00 38.36 ? 148 HOH B O   1 
HETATM 1657 O O   . HOH D 2 .   ? 1.420   -23.045 16.749  1.00 39.48 ? 149 HOH B O   1 
HETATM 1658 O O   . HOH D 2 .   ? 10.173  -29.192 19.122  1.00 39.56 ? 150 HOH B O   1 
HETATM 1659 O O   . HOH D 2 .   ? 29.931  -13.082 2.413   1.00 39.87 ? 151 HOH B O   1 
HETATM 1660 O O   . HOH D 2 .   ? 9.429   -33.541 8.550   1.00 40.30 ? 152 HOH B O   1 
HETATM 1661 O O   . HOH D 2 .   ? 21.614  -12.427 -9.158  1.00 40.48 ? 153 HOH B O   1 
HETATM 1662 O O   . HOH D 2 .   ? 1.511   -10.820 12.239  1.00 40.92 ? 154 HOH B O   1 
HETATM 1663 O O   . HOH D 2 .   ? 20.287  -25.277 11.870  1.00 41.31 ? 155 HOH B O   1 
HETATM 1664 O O   . HOH D 2 .   ? 1.973   -10.420 7.444   1.00 41.40 ? 156 HOH B O   1 
HETATM 1665 O O   . HOH D 2 .   ? 16.506  -26.988 4.077   1.00 41.77 ? 157 HOH B O   1 
HETATM 1666 O O   . HOH D 2 .   ? 11.885  -29.775 -2.444  1.00 42.10 ? 158 HOH B O   1 
HETATM 1667 O O   . HOH D 2 .   ? 0.190   -6.944  -2.747  1.00 42.23 ? 159 HOH B O   1 
HETATM 1668 O O   . HOH D 2 .   ? 1.734   -15.925 -8.849  1.00 42.40 ? 160 HOH B O   1 
HETATM 1669 O O   . HOH D 2 .   ? 6.385   -16.227 18.559  1.00 42.43 ? 161 HOH B O   1 
HETATM 1670 O O   . HOH D 2 .   ? 2.274   -18.548 -9.080  1.00 42.45 ? 162 HOH B O   1 
HETATM 1671 O O   . HOH D 2 .   ? 30.594  -20.923 4.011   1.00 43.36 ? 163 HOH B O   1 
HETATM 1672 O O   . HOH D 2 .   ? 19.671  -14.021 -10.739 1.00 43.71 ? 164 HOH B O   1 
HETATM 1673 O O   . HOH D 2 .   ? 9.097   -5.791  -6.802  1.00 44.35 ? 165 HOH B O   1 
HETATM 1674 O O   . HOH D 2 .   ? 4.903   -18.420 20.711  1.00 47.80 ? 166 HOH B O   1 
HETATM 1675 O O   . HOH D 2 .   ? 1.805   -19.815 17.012  1.00 49.48 ? 167 HOH B O   1 
HETATM 1676 O O   . HOH D 2 .   ? 1.301   -32.624 11.240  1.00 49.75 ? 168 HOH B O   1 
HETATM 1677 O O   . HOH D 2 .   ? 3.839   -22.982 -10.065 1.00 50.17 ? 169 HOH B O   1 
HETATM 1678 O O   . HOH D 2 .   ? 16.492  -6.530  14.000  1.00 52.48 ? 170 HOH B O   1 
# 
